data_2C06
#
_entry.id   2C06
#
_cell.length_a   1.000
_cell.length_b   1.000
_cell.length_c   1.000
_cell.angle_alpha   90.00
_cell.angle_beta   90.00
_cell.angle_gamma   90.00
#
_symmetry.space_group_name_H-M   'P 1'
#
loop_
_entity.id
_entity.type
_entity.pdbx_description
1 polymer 'KID TOXIN PROTEIN'
2 polymer "5'-R(*AP*UP*AP*CP*AP)-3'"
#
loop_
_entity_poly.entity_id
_entity_poly.type
_entity_poly.pdbx_seq_one_letter_code
_entity_poly.pdbx_strand_id
1 'polypeptide(L)'
;MERGEIWLVSLDPTAGHEQQGTRPVLIVTPAAFNRVTRLPVVVPVTSGGNFARTAGFAVSLDGVGIRTTGVVRCDQPRTI
DMKARGGKRLERVPETIMNEVLGRLSTILT
;
A,B
2 'polyribonucleotide' AUACA C
#
loop_
_chem_comp.id
_chem_comp.type
_chem_comp.name
_chem_comp.formula
A RNA linking ADENOSINE-5'-MONOPHOSPHATE 'C10 H14 N5 O7 P'
C RNA linking CYTIDINE-5'-MONOPHOSPHATE 'C9 H14 N3 O8 P'
U RNA linking URIDINE-5'-MONOPHOSPHATE 'C9 H13 N2 O9 P'
#
# COMPACT_ATOMS: atom_id res chain seq x y z
N MET A 1 18.01 9.18 -4.46
CA MET A 1 16.69 8.82 -5.01
C MET A 1 15.77 10.04 -5.01
N GLU A 2 15.28 10.40 -6.18
CA GLU A 2 14.40 11.54 -6.32
C GLU A 2 13.03 11.13 -6.81
N ARG A 3 12.10 12.07 -6.82
CA ARG A 3 10.74 11.79 -7.25
C ARG A 3 10.67 11.63 -8.77
N GLY A 4 10.03 10.56 -9.22
CA GLY A 4 9.90 10.30 -10.64
C GLY A 4 10.92 9.33 -11.16
N GLU A 5 11.78 8.82 -10.28
CA GLU A 5 12.80 7.86 -10.68
C GLU A 5 12.26 6.45 -10.70
N ILE A 6 12.78 5.64 -11.64
CA ILE A 6 12.35 4.26 -11.78
C ILE A 6 13.44 3.32 -11.26
N TRP A 7 13.08 2.53 -10.24
CA TRP A 7 14.02 1.59 -9.63
C TRP A 7 13.53 0.15 -9.78
N LEU A 8 14.41 -0.71 -10.29
CA LEU A 8 14.08 -2.12 -10.49
C LEU A 8 14.20 -2.90 -9.17
N VAL A 9 13.16 -3.66 -8.84
CA VAL A 9 13.14 -4.45 -7.62
C VAL A 9 12.14 -5.60 -7.74
N SER A 10 12.23 -6.57 -6.83
CA SER A 10 11.34 -7.72 -6.84
C SER A 10 10.29 -7.60 -5.74
N LEU A 11 9.06 -7.98 -6.05
CA LEU A 11 7.96 -7.92 -5.09
C LEU A 11 7.73 -9.29 -4.47
N ASP A 12 8.40 -10.30 -5.02
CA ASP A 12 8.29 -11.66 -4.54
C ASP A 12 9.11 -11.86 -3.27
N PRO A 13 8.90 -12.96 -2.53
CA PRO A 13 7.91 -14.00 -2.87
C PRO A 13 6.47 -13.57 -2.62
N THR A 14 5.59 -13.92 -3.54
CA THR A 14 4.19 -13.58 -3.45
C THR A 14 3.36 -14.84 -3.20
N ALA A 15 2.17 -14.67 -2.63
CA ALA A 15 1.29 -15.80 -2.37
C ALA A 15 -0.14 -15.48 -2.75
N GLY A 16 -0.88 -16.50 -3.16
CA GLY A 16 -2.27 -16.32 -3.56
C GLY A 16 -2.38 -15.74 -4.95
N HIS A 17 -2.34 -14.41 -5.04
CA HIS A 17 -2.45 -13.73 -6.33
C HIS A 17 -1.91 -12.30 -6.24
N GLU A 18 -0.76 -12.14 -5.62
CA GLU A 18 -0.13 -10.83 -5.50
C GLU A 18 0.57 -10.47 -6.80
N GLN A 19 1.13 -9.28 -6.88
CA GLN A 19 1.85 -8.83 -8.06
C GLN A 19 3.24 -9.45 -8.06
N GLN A 20 3.36 -10.61 -8.66
CA GLN A 20 4.63 -11.33 -8.74
C GLN A 20 5.43 -10.95 -9.97
N GLY A 21 6.73 -11.18 -9.90
CA GLY A 21 7.60 -10.87 -11.01
C GLY A 21 8.39 -9.59 -10.81
N THR A 22 9.70 -9.67 -10.96
CA THR A 22 10.58 -8.52 -10.81
C THR A 22 10.25 -7.47 -11.87
N ARG A 23 10.08 -6.24 -11.43
CA ARG A 23 9.76 -5.14 -12.32
C ARG A 23 10.19 -3.82 -11.72
N PRO A 24 10.44 -2.81 -12.56
CA PRO A 24 10.84 -1.48 -12.09
C PRO A 24 9.65 -0.75 -11.45
N VAL A 25 9.88 -0.20 -10.28
CA VAL A 25 8.84 0.53 -9.57
C VAL A 25 9.10 2.03 -9.61
N LEU A 26 8.05 2.81 -9.49
CA LEU A 26 8.18 4.26 -9.54
C LEU A 26 8.13 4.85 -8.13
N ILE A 27 9.06 5.75 -7.83
CA ILE A 27 9.13 6.40 -6.53
C ILE A 27 8.05 7.49 -6.43
N VAL A 28 7.04 7.22 -5.62
CA VAL A 28 5.93 8.16 -5.45
C VAL A 28 6.24 9.23 -4.41
N THR A 29 6.89 8.82 -3.31
CA THR A 29 7.21 9.75 -2.23
C THR A 29 8.39 10.66 -2.60
N PRO A 30 8.37 11.91 -2.11
CA PRO A 30 9.44 12.89 -2.37
C PRO A 30 10.75 12.51 -1.70
N ALA A 31 11.85 13.03 -2.23
CA ALA A 31 13.19 12.74 -1.71
C ALA A 31 13.31 13.08 -0.23
N ALA A 32 12.71 14.19 0.18
CA ALA A 32 12.75 14.63 1.57
C ALA A 32 12.18 13.57 2.50
N PHE A 33 11.09 12.95 2.08
CA PHE A 33 10.42 11.92 2.87
C PHE A 33 11.26 10.65 2.90
N ASN A 34 11.74 10.25 1.73
CA ASN A 34 12.55 9.05 1.59
C ASN A 34 13.85 9.17 2.39
N ARG A 35 14.34 10.39 2.53
CA ARG A 35 15.57 10.64 3.27
C ARG A 35 15.40 10.38 4.77
N VAL A 36 14.32 10.87 5.34
CA VAL A 36 14.06 10.72 6.77
C VAL A 36 13.37 9.41 7.15
N THR A 37 12.39 8.99 6.37
CA THR A 37 11.66 7.76 6.65
C THR A 37 12.38 6.53 6.11
N ARG A 38 13.06 6.70 4.97
CA ARG A 38 13.80 5.60 4.33
C ARG A 38 12.86 4.50 3.83
N LEU A 39 11.59 4.87 3.66
CA LEU A 39 10.58 3.94 3.17
C LEU A 39 9.76 4.63 2.10
N PRO A 40 10.16 4.47 0.84
CA PRO A 40 9.47 5.10 -0.29
C PRO A 40 8.28 4.29 -0.79
N VAL A 41 7.18 4.98 -1.04
CA VAL A 41 5.98 4.34 -1.56
C VAL A 41 6.17 4.13 -3.06
N VAL A 42 6.03 2.90 -3.50
CA VAL A 42 6.23 2.59 -4.91
C VAL A 42 5.01 1.91 -5.54
N VAL A 43 4.88 2.07 -6.84
CA VAL A 43 3.79 1.47 -7.59
C VAL A 43 4.36 0.49 -8.63
N PRO A 44 3.70 -0.66 -8.83
CA PRO A 44 4.14 -1.67 -9.77
C PRO A 44 3.76 -1.39 -11.23
N VAL A 45 4.62 -1.83 -12.14
CA VAL A 45 4.39 -1.65 -13.56
C VAL A 45 3.94 -2.98 -14.15
N THR A 46 2.76 -3.00 -14.72
CA THR A 46 2.20 -4.21 -15.31
C THR A 46 1.62 -3.88 -16.69
N SER A 47 0.71 -4.71 -17.17
CA SER A 47 0.07 -4.47 -18.45
C SER A 47 -1.16 -3.58 -18.27
N GLY A 48 -1.85 -3.29 -19.34
CA GLY A 48 -3.03 -2.47 -19.26
C GLY A 48 -4.19 -3.09 -20.00
N GLY A 49 -4.08 -3.12 -21.31
CA GLY A 49 -5.10 -3.69 -22.14
C GLY A 49 -4.67 -3.76 -23.60
N ASN A 50 -5.12 -2.80 -24.37
CA ASN A 50 -4.80 -2.73 -25.80
C ASN A 50 -3.49 -2.00 -26.03
N PHE A 51 -3.31 -0.87 -25.37
CA PHE A 51 -2.12 -0.05 -25.51
C PHE A 51 -1.58 0.34 -24.14
N ALA A 52 -0.31 0.75 -24.09
CA ALA A 52 0.33 1.17 -22.85
C ALA A 52 -0.11 2.59 -22.46
N ARG A 53 -1.39 2.73 -22.16
CA ARG A 53 -1.96 4.02 -21.79
C ARG A 53 -2.89 3.87 -20.59
N THR A 54 -3.64 4.92 -20.31
CA THR A 54 -4.57 4.94 -19.19
C THR A 54 -5.60 3.81 -19.29
N ALA A 55 -5.63 2.95 -18.27
CA ALA A 55 -6.56 1.84 -18.22
C ALA A 55 -7.15 1.72 -16.83
N GLY A 56 -8.00 2.68 -16.47
CA GLY A 56 -8.63 2.68 -15.17
C GLY A 56 -7.65 3.06 -14.07
N PHE A 57 -7.10 2.05 -13.41
CA PHE A 57 -6.14 2.26 -12.34
C PHE A 57 -4.72 2.35 -12.91
N ALA A 58 -4.60 2.03 -14.19
CA ALA A 58 -3.33 2.08 -14.88
C ALA A 58 -3.18 3.46 -15.53
N VAL A 59 -2.02 4.06 -15.37
CA VAL A 59 -1.78 5.39 -15.93
C VAL A 59 -1.10 5.32 -17.29
N SER A 60 -1.10 6.43 -17.99
CA SER A 60 -0.50 6.52 -19.31
C SER A 60 1.04 6.49 -19.22
N LEU A 61 1.67 5.83 -20.19
CA LEU A 61 3.13 5.74 -20.19
C LEU A 61 3.70 5.97 -21.59
N ASP A 62 3.21 5.22 -22.57
CA ASP A 62 3.70 5.35 -23.93
C ASP A 62 3.38 6.70 -24.54
N GLY A 63 4.41 7.46 -24.84
CA GLY A 63 4.24 8.78 -25.42
C GLY A 63 5.39 9.70 -25.08
N VAL A 64 6.02 9.45 -23.94
CA VAL A 64 7.15 10.27 -23.50
C VAL A 64 8.49 9.77 -24.02
N GLY A 65 8.49 8.57 -24.60
CA GLY A 65 9.71 7.99 -25.12
C GLY A 65 10.62 7.45 -24.03
N ILE A 66 10.23 6.32 -23.46
CA ILE A 66 11.02 5.69 -22.40
C ILE A 66 11.51 4.32 -22.83
N ARG A 67 12.37 3.73 -22.02
CA ARG A 67 12.93 2.41 -22.31
C ARG A 67 12.07 1.33 -21.67
N THR A 68 11.42 1.68 -20.58
CA THR A 68 10.56 0.76 -19.85
C THR A 68 9.23 0.59 -20.56
N THR A 69 9.00 -0.59 -21.15
CA THR A 69 7.77 -0.86 -21.85
C THR A 69 6.75 -1.54 -20.93
N GLY A 70 5.71 -0.81 -20.60
CA GLY A 70 4.68 -1.34 -19.73
C GLY A 70 3.71 -0.26 -19.32
N VAL A 71 2.86 -0.57 -18.36
CA VAL A 71 1.87 0.39 -17.88
C VAL A 71 1.94 0.48 -16.35
N VAL A 72 2.12 1.69 -15.83
CA VAL A 72 2.19 1.89 -14.39
C VAL A 72 0.79 1.76 -13.79
N ARG A 73 0.62 0.83 -12.87
CA ARG A 73 -0.67 0.62 -12.24
C ARG A 73 -0.61 0.94 -10.76
N CYS A 74 -1.62 1.64 -10.28
CA CYS A 74 -1.69 2.03 -8.88
C CYS A 74 -2.86 1.33 -8.21
N ASP A 75 -3.15 0.12 -8.68
CA ASP A 75 -4.26 -0.67 -8.16
C ASP A 75 -3.83 -1.54 -6.98
N GLN A 76 -2.73 -2.27 -7.15
CA GLN A 76 -2.22 -3.15 -6.10
C GLN A 76 -0.81 -2.71 -5.63
N PRO A 77 -0.72 -1.60 -4.85
CA PRO A 77 0.55 -1.10 -4.35
C PRO A 77 0.86 -1.58 -2.92
N ARG A 78 2.12 -1.47 -2.51
CA ARG A 78 2.55 -1.87 -1.18
C ARG A 78 3.97 -1.40 -0.90
N THR A 79 4.26 -1.06 0.35
CA THR A 79 5.58 -0.61 0.75
C THR A 79 6.47 -1.81 1.04
N ILE A 80 7.22 -2.24 0.03
CA ILE A 80 8.09 -3.40 0.16
C ILE A 80 9.45 -3.04 0.75
N ASP A 81 10.34 -4.03 0.77
CA ASP A 81 11.68 -3.87 1.29
C ASP A 81 12.63 -3.42 0.19
N MET A 82 13.41 -2.39 0.48
CA MET A 82 14.38 -1.86 -0.46
C MET A 82 15.74 -1.82 0.22
N LYS A 83 15.91 -2.69 1.21
CA LYS A 83 17.15 -2.74 1.97
C LYS A 83 17.92 -4.03 1.70
N ALA A 84 17.20 -5.14 1.71
CA ALA A 84 17.82 -6.44 1.48
C ALA A 84 17.71 -6.87 0.03
N ARG A 85 16.69 -6.35 -0.65
CA ARG A 85 16.47 -6.69 -2.06
C ARG A 85 17.38 -5.89 -2.98
N GLY A 86 17.50 -4.60 -2.70
CA GLY A 86 18.35 -3.75 -3.51
C GLY A 86 17.64 -3.20 -4.73
N GLY A 87 17.69 -1.89 -4.89
CA GLY A 87 17.04 -1.25 -6.02
C GLY A 87 18.03 -0.84 -7.08
N LYS A 88 17.67 -1.09 -8.34
CA LYS A 88 18.53 -0.73 -9.47
C LYS A 88 17.91 0.42 -10.24
N ARG A 89 18.61 1.55 -10.28
CA ARG A 89 18.10 2.72 -10.99
C ARG A 89 18.23 2.54 -12.49
N LEU A 90 17.12 2.71 -13.20
CA LEU A 90 17.12 2.57 -14.66
C LEU A 90 17.05 3.94 -15.33
N GLU A 91 15.87 4.54 -15.28
CA GLU A 91 15.65 5.85 -15.87
C GLU A 91 14.63 6.62 -15.03
N ARG A 92 14.08 7.68 -15.58
CA ARG A 92 13.11 8.50 -14.87
C ARG A 92 12.02 8.99 -15.82
N VAL A 93 10.83 9.19 -15.28
CA VAL A 93 9.71 9.66 -16.08
C VAL A 93 9.47 11.14 -15.83
N PRO A 94 8.91 11.85 -16.83
CA PRO A 94 8.62 13.28 -16.71
C PRO A 94 7.53 13.55 -15.67
N GLU A 95 7.38 14.81 -15.31
CA GLU A 95 6.38 15.22 -14.32
C GLU A 95 4.96 14.89 -14.78
N THR A 96 4.80 14.72 -16.08
CA THR A 96 3.52 14.37 -16.67
C THR A 96 3.01 13.05 -16.13
N ILE A 97 3.92 12.09 -16.00
CA ILE A 97 3.57 10.76 -15.50
C ILE A 97 3.39 10.79 -13.97
N MET A 98 4.19 11.63 -13.31
CA MET A 98 4.13 11.76 -11.86
C MET A 98 2.74 12.20 -11.40
N ASN A 99 2.14 13.14 -12.14
CA ASN A 99 0.81 13.63 -11.82
C ASN A 99 -0.23 12.53 -11.99
N GLU A 100 -0.02 11.68 -12.98
CA GLU A 100 -0.93 10.58 -13.25
C GLU A 100 -1.04 9.64 -12.06
N VAL A 101 0.10 9.25 -11.52
CA VAL A 101 0.15 8.34 -10.38
C VAL A 101 -0.50 8.97 -9.14
N LEU A 102 -0.25 10.26 -8.94
CA LEU A 102 -0.77 10.98 -7.78
C LEU A 102 -2.29 11.18 -7.84
N GLY A 103 -2.93 10.67 -8.88
CA GLY A 103 -4.37 10.82 -9.00
C GLY A 103 -5.11 9.50 -8.86
N ARG A 104 -4.37 8.41 -8.67
CA ARG A 104 -4.99 7.09 -8.54
C ARG A 104 -4.99 6.61 -7.10
N LEU A 105 -4.11 7.18 -6.29
CA LEU A 105 -4.00 6.78 -4.89
C LEU A 105 -5.16 7.30 -4.06
N SER A 106 -5.78 8.39 -4.52
CA SER A 106 -6.90 8.99 -3.83
C SER A 106 -8.16 8.14 -3.96
N THR A 107 -8.27 7.42 -5.07
CA THR A 107 -9.43 6.58 -5.35
C THR A 107 -9.48 5.31 -4.50
N ILE A 108 -8.35 4.93 -3.90
CA ILE A 108 -8.31 3.73 -3.08
C ILE A 108 -8.55 4.03 -1.61
N LEU A 109 -8.49 5.31 -1.25
CA LEU A 109 -8.70 5.72 0.13
C LEU A 109 -10.18 5.94 0.42
N THR A 110 -10.87 4.87 0.78
CA THR A 110 -12.31 4.95 1.08
C THR A 110 -12.72 3.86 2.05
N MET B 1 -12.57 2.60 1.62
CA MET B 1 -12.93 1.43 2.42
C MET B 1 -14.43 1.32 2.67
N GLU B 2 -14.81 0.28 3.39
CA GLU B 2 -16.21 0.02 3.71
C GLU B 2 -16.51 0.59 5.11
N ARG B 3 -15.45 1.03 5.79
CA ARG B 3 -15.53 1.64 7.11
C ARG B 3 -15.81 0.65 8.24
N GLY B 4 -14.87 0.60 9.20
CA GLY B 4 -15.03 -0.27 10.36
C GLY B 4 -14.85 -1.75 10.08
N GLU B 5 -13.84 -2.10 9.30
CA GLU B 5 -13.59 -3.50 8.97
C GLU B 5 -12.24 -3.98 9.48
N ILE B 6 -12.24 -4.57 10.69
CA ILE B 6 -11.02 -5.10 11.27
C ILE B 6 -11.01 -6.62 11.07
N TRP B 7 -10.22 -7.06 10.09
CA TRP B 7 -10.16 -8.47 9.77
C TRP B 7 -8.87 -9.12 10.25
N LEU B 8 -8.98 -10.37 10.64
CA LEU B 8 -7.85 -11.15 11.10
C LEU B 8 -7.43 -12.10 9.98
N VAL B 9 -6.20 -11.96 9.52
CA VAL B 9 -5.70 -12.79 8.43
C VAL B 9 -4.18 -12.98 8.55
N SER B 10 -3.67 -14.02 7.91
CA SER B 10 -2.25 -14.31 7.93
C SER B 10 -1.52 -13.44 6.91
N LEU B 11 -0.57 -12.65 7.39
CA LEU B 11 0.20 -11.77 6.51
C LEU B 11 1.29 -12.56 5.80
N ASP B 12 1.65 -13.70 6.36
CA ASP B 12 2.68 -14.57 5.79
C ASP B 12 2.23 -15.12 4.45
N PRO B 13 3.18 -15.46 3.56
CA PRO B 13 4.61 -15.32 3.81
C PRO B 13 5.13 -13.94 3.39
N THR B 14 6.30 -13.58 3.91
CA THR B 14 6.91 -12.30 3.59
C THR B 14 8.44 -12.39 3.65
N ALA B 15 9.12 -11.45 3.01
CA ALA B 15 10.58 -11.44 3.00
C ALA B 15 11.10 -10.01 3.18
N GLY B 16 12.20 -9.88 3.90
CA GLY B 16 12.78 -8.57 4.13
C GLY B 16 12.11 -7.82 5.26
N HIS B 17 12.19 -6.49 5.23
CA HIS B 17 11.59 -5.66 6.27
C HIS B 17 10.12 -5.36 5.98
N GLU B 18 9.36 -6.40 5.69
CA GLU B 18 7.93 -6.25 5.42
C GLU B 18 7.12 -6.92 6.53
N GLN B 19 5.85 -6.59 6.60
CA GLN B 19 4.97 -7.13 7.64
C GLN B 19 4.60 -8.59 7.43
N GLN B 20 4.61 -9.36 8.51
CA GLN B 20 4.28 -10.78 8.48
C GLN B 20 3.58 -11.19 9.77
N GLY B 21 3.23 -12.46 9.88
CA GLY B 21 2.55 -12.96 11.06
C GLY B 21 1.04 -12.83 10.96
N THR B 22 0.32 -13.72 11.63
CA THR B 22 -1.13 -13.68 11.64
C THR B 22 -1.62 -12.75 12.74
N ARG B 23 -2.10 -11.58 12.35
CA ARG B 23 -2.57 -10.59 13.30
C ARG B 23 -3.68 -9.77 12.67
N PRO B 24 -4.51 -9.09 13.49
CA PRO B 24 -5.59 -8.26 12.98
C PRO B 24 -5.06 -7.10 12.16
N VAL B 25 -5.74 -6.79 11.06
CA VAL B 25 -5.33 -5.71 10.18
C VAL B 25 -6.54 -4.89 9.75
N LEU B 26 -6.30 -3.62 9.46
CA LEU B 26 -7.37 -2.74 9.01
C LEU B 26 -7.28 -2.54 7.51
N ILE B 27 -8.35 -2.87 6.81
CA ILE B 27 -8.38 -2.74 5.36
C ILE B 27 -8.54 -1.28 4.96
N VAL B 28 -7.97 -0.92 3.81
CA VAL B 28 -8.04 0.45 3.31
C VAL B 28 -8.84 0.52 2.00
N THR B 29 -8.73 -0.54 1.21
CA THR B 29 -9.42 -0.61 -0.08
C THR B 29 -10.95 -0.52 0.08
N PRO B 30 -11.62 0.23 -0.81
CA PRO B 30 -13.07 0.39 -0.78
C PRO B 30 -13.82 -0.82 -1.34
N ALA B 31 -15.13 -0.83 -1.15
CA ALA B 31 -15.98 -1.91 -1.62
C ALA B 31 -15.93 -2.01 -3.15
N ALA B 32 -15.71 -0.86 -3.79
CA ALA B 32 -15.64 -0.79 -5.25
C ALA B 32 -14.37 -1.44 -5.79
N PHE B 33 -13.53 -1.97 -4.92
CA PHE B 33 -12.30 -2.62 -5.34
C PHE B 33 -12.09 -3.93 -4.58
N ASN B 34 -12.40 -3.92 -3.29
CA ASN B 34 -12.25 -5.09 -2.43
C ASN B 34 -13.10 -6.26 -2.92
N ARG B 35 -14.25 -5.95 -3.50
CA ARG B 35 -15.14 -6.97 -4.01
C ARG B 35 -14.95 -7.17 -5.51
N VAL B 36 -13.88 -6.60 -6.05
CA VAL B 36 -13.59 -6.70 -7.48
C VAL B 36 -12.36 -7.58 -7.72
N THR B 37 -11.19 -7.10 -7.31
CA THR B 37 -9.96 -7.85 -7.51
C THR B 37 -9.75 -8.88 -6.40
N ARG B 38 -10.40 -8.63 -5.26
CA ARG B 38 -10.31 -9.51 -4.10
C ARG B 38 -8.92 -9.45 -3.45
N LEU B 39 -8.14 -8.45 -3.85
CA LEU B 39 -6.81 -8.24 -3.32
C LEU B 39 -6.77 -6.86 -2.67
N PRO B 40 -7.08 -6.79 -1.37
CA PRO B 40 -7.11 -5.54 -0.63
C PRO B 40 -5.80 -5.19 0.07
N VAL B 41 -5.66 -3.92 0.42
CA VAL B 41 -4.49 -3.42 1.13
C VAL B 41 -4.84 -3.33 2.60
N VAL B 42 -3.99 -3.88 3.46
CA VAL B 42 -4.27 -3.85 4.88
C VAL B 42 -3.17 -3.15 5.67
N VAL B 43 -3.61 -2.47 6.73
CA VAL B 43 -2.72 -1.77 7.63
C VAL B 43 -2.43 -2.66 8.84
N PRO B 44 -1.16 -3.02 9.05
CA PRO B 44 -0.75 -3.89 10.15
C PRO B 44 -0.91 -3.24 11.52
N VAL B 45 -1.66 -3.91 12.39
CA VAL B 45 -1.88 -3.41 13.74
C VAL B 45 -0.76 -3.92 14.64
N THR B 46 -0.29 -3.05 15.53
CA THR B 46 0.79 -3.41 16.45
C THR B 46 0.30 -3.24 17.89
N SER B 47 0.24 -4.36 18.62
CA SER B 47 -0.21 -4.37 19.99
C SER B 47 0.59 -3.41 20.87
N GLY B 48 -0.11 -2.71 21.76
CA GLY B 48 0.54 -1.78 22.65
C GLY B 48 0.72 -2.36 24.04
N GLY B 49 0.19 -3.57 24.23
CA GLY B 49 0.29 -4.24 25.51
C GLY B 49 -0.93 -4.01 26.36
N ASN B 50 -0.82 -3.11 27.33
CA ASN B 50 -1.91 -2.79 28.22
C ASN B 50 -2.51 -1.43 27.92
N PHE B 51 -1.74 -0.60 27.24
CA PHE B 51 -2.19 0.75 26.89
C PHE B 51 -1.54 1.22 25.60
N ALA B 52 -2.26 2.01 24.83
CA ALA B 52 -1.75 2.54 23.57
C ALA B 52 -2.00 4.04 23.49
N ARG B 53 -1.20 4.73 22.68
CA ARG B 53 -1.32 6.17 22.50
C ARG B 53 -1.10 6.55 21.04
N THR B 54 -1.81 7.57 20.58
CA THR B 54 -1.69 8.04 19.21
C THR B 54 -0.42 8.88 19.04
N ALA B 55 0.30 8.65 17.95
CA ALA B 55 1.53 9.40 17.70
C ALA B 55 1.89 9.36 16.21
N GLY B 56 1.88 10.53 15.58
CA GLY B 56 2.21 10.62 14.17
C GLY B 56 1.25 9.86 13.30
N PHE B 57 1.71 8.77 12.71
CA PHE B 57 0.89 7.96 11.84
C PHE B 57 0.24 6.82 12.62
N ALA B 58 0.73 6.57 13.83
CA ALA B 58 0.20 5.52 14.67
C ALA B 58 -1.12 5.93 15.30
N VAL B 59 -2.19 5.30 14.84
CA VAL B 59 -3.52 5.58 15.36
C VAL B 59 -3.80 4.69 16.57
N SER B 60 -4.28 5.29 17.65
CA SER B 60 -4.56 4.55 18.87
C SER B 60 -5.97 3.99 18.86
N LEU B 61 -6.08 2.68 18.92
CA LEU B 61 -7.37 2.02 18.95
C LEU B 61 -7.83 1.92 20.40
N ASP B 62 -6.88 2.07 21.31
CA ASP B 62 -7.16 1.99 22.73
C ASP B 62 -7.59 3.34 23.27
N GLY B 63 -8.53 3.34 24.20
CA GLY B 63 -9.02 4.57 24.77
C GLY B 63 -10.52 4.65 24.71
N VAL B 64 -11.07 4.50 23.51
CA VAL B 64 -12.51 4.56 23.30
C VAL B 64 -13.22 3.30 23.80
N GLY B 65 -12.48 2.19 23.80
CA GLY B 65 -13.05 0.94 24.26
C GLY B 65 -13.07 -0.11 23.17
N ILE B 66 -11.88 -0.57 22.79
CA ILE B 66 -11.74 -1.58 21.75
C ILE B 66 -10.93 -2.76 22.29
N ARG B 67 -11.22 -3.96 21.82
CA ARG B 67 -10.52 -5.15 22.25
C ARG B 67 -9.06 -5.09 21.80
N THR B 68 -8.86 -4.81 20.52
CA THR B 68 -7.52 -4.70 19.95
C THR B 68 -6.80 -3.48 20.51
N THR B 69 -6.02 -3.70 21.56
CA THR B 69 -5.27 -2.63 22.20
C THR B 69 -3.92 -2.42 21.53
N GLY B 70 -3.89 -1.55 20.54
CA GLY B 70 -2.65 -1.28 19.84
C GLY B 70 -2.77 -0.11 18.89
N VAL B 71 -1.75 0.06 18.06
CA VAL B 71 -1.72 1.14 17.09
C VAL B 71 -1.54 0.60 15.68
N VAL B 72 -2.16 1.25 14.71
CA VAL B 72 -2.07 0.81 13.33
C VAL B 72 -0.90 1.51 12.62
N ARG B 73 -0.15 0.74 11.84
CA ARG B 73 0.99 1.27 11.11
C ARG B 73 0.55 1.82 9.76
N CYS B 74 0.05 3.06 9.75
CA CYS B 74 -0.41 3.71 8.53
C CYS B 74 0.76 4.25 7.73
N ASP B 75 1.80 3.42 7.57
CA ASP B 75 3.00 3.81 6.83
C ASP B 75 3.44 2.68 5.91
N GLN B 76 3.23 1.45 6.34
CA GLN B 76 3.63 0.30 5.55
C GLN B 76 2.46 -0.67 5.29
N PRO B 77 1.60 -0.34 4.32
CA PRO B 77 0.47 -1.19 3.96
C PRO B 77 0.88 -2.20 2.88
N ARG B 78 0.34 -3.41 2.95
CA ARG B 78 0.68 -4.43 1.98
C ARG B 78 -0.57 -4.99 1.31
N THR B 79 -0.46 -5.26 0.02
CA THR B 79 -1.55 -5.84 -0.74
C THR B 79 -1.53 -7.35 -0.53
N ILE B 80 -2.62 -7.89 -0.02
CA ILE B 80 -2.69 -9.32 0.23
C ILE B 80 -3.93 -9.94 -0.42
N ASP B 81 -4.26 -11.14 0.01
CA ASP B 81 -5.41 -11.85 -0.50
C ASP B 81 -6.43 -12.03 0.62
N MET B 82 -7.72 -11.96 0.30
CA MET B 82 -8.76 -12.11 1.30
C MET B 82 -9.76 -13.19 0.91
N LYS B 83 -9.30 -14.21 0.19
CA LYS B 83 -10.19 -15.30 -0.23
C LYS B 83 -9.53 -16.66 -0.07
N ALA B 84 -8.26 -16.77 -0.44
CA ALA B 84 -7.53 -18.01 -0.34
C ALA B 84 -6.78 -18.07 0.99
N ARG B 85 -6.38 -16.91 1.49
CA ARG B 85 -5.66 -16.81 2.75
C ARG B 85 -6.59 -17.09 3.92
N GLY B 86 -7.84 -16.65 3.79
CA GLY B 86 -8.81 -16.85 4.83
C GLY B 86 -8.82 -15.75 5.87
N GLY B 87 -9.83 -14.91 5.84
CA GLY B 87 -9.92 -13.81 6.78
C GLY B 87 -11.26 -13.78 7.48
N LYS B 88 -11.30 -13.11 8.63
CA LYS B 88 -12.54 -12.98 9.40
C LYS B 88 -12.51 -11.69 10.20
N ARG B 89 -13.63 -10.96 10.22
CA ARG B 89 -13.71 -9.72 10.95
C ARG B 89 -13.88 -9.97 12.44
N LEU B 90 -13.00 -9.39 13.24
CA LEU B 90 -13.04 -9.57 14.69
C LEU B 90 -14.06 -8.63 15.32
N GLU B 91 -13.81 -7.34 15.21
CA GLU B 91 -14.71 -6.34 15.77
C GLU B 91 -14.85 -5.16 14.82
N ARG B 92 -15.74 -4.24 15.16
CA ARG B 92 -15.96 -3.07 14.32
C ARG B 92 -15.48 -1.80 15.03
N VAL B 93 -14.47 -1.18 14.44
CA VAL B 93 -13.90 0.04 14.99
C VAL B 93 -14.87 1.21 14.83
N PRO B 94 -15.06 1.99 15.90
CA PRO B 94 -15.95 3.17 15.89
C PRO B 94 -15.59 4.14 14.76
N GLU B 95 -16.60 4.80 14.22
CA GLU B 95 -16.42 5.75 13.12
C GLU B 95 -15.43 6.85 13.49
N THR B 96 -15.42 7.21 14.77
CA THR B 96 -14.53 8.24 15.29
C THR B 96 -13.07 7.86 15.05
N ILE B 97 -12.73 6.63 15.41
CA ILE B 97 -11.37 6.14 15.23
C ILE B 97 -11.06 5.90 13.76
N MET B 98 -12.08 5.47 13.01
CA MET B 98 -11.93 5.21 11.59
C MET B 98 -11.49 6.47 10.85
N ASN B 99 -12.05 7.61 11.27
CA ASN B 99 -11.71 8.89 10.68
C ASN B 99 -10.26 9.26 10.95
N GLU B 100 -9.77 8.89 12.14
CA GLU B 100 -8.40 9.17 12.52
C GLU B 100 -7.44 8.42 11.59
N VAL B 101 -7.72 7.14 11.36
CA VAL B 101 -6.89 6.31 10.51
C VAL B 101 -6.81 6.89 9.10
N LEU B 102 -7.97 7.24 8.55
CA LEU B 102 -8.05 7.80 7.20
C LEU B 102 -7.28 9.12 7.11
N GLY B 103 -7.31 9.89 8.19
CA GLY B 103 -6.59 11.16 8.22
C GLY B 103 -5.09 10.94 8.16
N ARG B 104 -4.63 9.87 8.79
CA ARG B 104 -3.20 9.54 8.79
C ARG B 104 -2.79 8.99 7.43
N LEU B 105 -3.71 8.27 6.80
CA LEU B 105 -3.45 7.68 5.49
C LEU B 105 -3.40 8.75 4.40
N SER B 106 -3.81 9.97 4.74
CA SER B 106 -3.80 11.07 3.79
C SER B 106 -2.39 11.63 3.59
N THR B 107 -1.46 11.19 4.41
CA THR B 107 -0.08 11.66 4.34
C THR B 107 0.66 11.08 3.13
N ILE B 108 0.11 10.01 2.55
CA ILE B 108 0.73 9.36 1.40
C ILE B 108 0.45 10.12 0.10
N LEU B 109 -0.31 11.19 0.19
CA LEU B 109 -0.64 12.00 -0.98
C LEU B 109 0.21 13.26 -1.03
N THR B 110 1.29 13.26 -0.26
CA THR B 110 2.20 14.39 -0.21
C THR B 110 3.35 14.17 -1.18
N MET A 1 16.14 7.21 -2.54
CA MET A 1 15.11 7.06 -3.60
C MET A 1 14.04 8.13 -3.48
N GLU A 2 13.69 8.73 -4.61
CA GLU A 2 12.70 9.80 -4.62
C GLU A 2 11.40 9.32 -5.24
N ARG A 3 10.35 10.11 -5.07
CA ARG A 3 9.05 9.79 -5.63
C ARG A 3 9.06 10.02 -7.14
N GLY A 4 8.57 9.05 -7.89
CA GLY A 4 8.53 9.17 -9.33
C GLY A 4 9.61 8.35 -10.02
N GLU A 5 10.44 7.68 -9.25
CA GLU A 5 11.52 6.86 -9.82
C GLU A 5 11.07 5.42 -9.98
N ILE A 6 11.61 4.73 -10.98
CA ILE A 6 11.28 3.33 -11.21
C ILE A 6 12.49 2.45 -10.93
N TRP A 7 12.39 1.65 -9.89
CA TRP A 7 13.47 0.75 -9.50
C TRP A 7 13.15 -0.69 -9.88
N LEU A 8 13.97 -1.28 -10.74
CA LEU A 8 13.78 -2.65 -11.18
C LEU A 8 14.01 -3.62 -10.02
N VAL A 9 12.97 -4.37 -9.65
CA VAL A 9 13.07 -5.31 -8.56
C VAL A 9 12.01 -6.41 -8.68
N SER A 10 12.27 -7.55 -8.06
CA SER A 10 11.34 -8.66 -8.08
C SER A 10 10.42 -8.60 -6.87
N LEU A 11 9.12 -8.57 -7.14
CA LEU A 11 8.11 -8.50 -6.08
C LEU A 11 7.96 -9.85 -5.40
N ASP A 12 8.53 -10.87 -6.03
CA ASP A 12 8.47 -12.24 -5.53
C ASP A 12 9.38 -12.43 -4.32
N PRO A 13 9.22 -13.53 -3.55
CA PRO A 13 8.20 -14.57 -3.78
C PRO A 13 6.76 -14.02 -3.68
N THR A 14 5.87 -14.57 -4.49
CA THR A 14 4.49 -14.14 -4.49
C THR A 14 3.54 -15.28 -4.16
N ALA A 15 2.31 -14.92 -3.79
CA ALA A 15 1.29 -15.88 -3.45
C ALA A 15 -0.07 -15.35 -3.91
N GLY A 16 -0.95 -16.26 -4.31
CA GLY A 16 -2.27 -15.85 -4.76
C GLY A 16 -2.21 -15.04 -6.04
N HIS A 17 -2.87 -13.90 -6.06
CA HIS A 17 -2.88 -13.03 -7.23
C HIS A 17 -2.04 -11.78 -6.99
N GLU A 18 -1.21 -11.80 -5.96
CA GLU A 18 -0.36 -10.66 -5.65
C GLU A 18 0.62 -10.42 -6.82
N GLN A 19 0.67 -9.18 -7.28
CA GLN A 19 1.52 -8.80 -8.41
C GLN A 19 2.96 -9.29 -8.25
N GLN A 20 3.43 -10.02 -9.26
CA GLN A 20 4.77 -10.60 -9.26
C GLN A 20 5.58 -10.14 -10.47
N GLY A 21 6.85 -10.56 -10.52
CA GLY A 21 7.69 -10.22 -11.65
C GLY A 21 8.78 -9.21 -11.32
N THR A 22 9.95 -9.44 -11.89
CA THR A 22 11.07 -8.54 -11.71
C THR A 22 10.92 -7.38 -12.69
N ARG A 23 10.23 -6.34 -12.22
CA ARG A 23 9.96 -5.18 -13.06
C ARG A 23 10.22 -3.89 -12.27
N PRO A 24 10.41 -2.77 -12.97
CA PRO A 24 10.65 -1.48 -12.32
C PRO A 24 9.43 -1.02 -11.53
N VAL A 25 9.64 -0.73 -10.26
CA VAL A 25 8.55 -0.27 -9.40
C VAL A 25 8.63 1.24 -9.22
N LEU A 26 7.50 1.89 -9.39
CA LEU A 26 7.42 3.35 -9.25
C LEU A 26 7.30 3.74 -7.78
N ILE A 27 8.25 4.53 -7.30
CA ILE A 27 8.24 4.99 -5.92
C ILE A 27 7.11 6.00 -5.70
N VAL A 28 6.09 5.60 -4.95
CA VAL A 28 4.95 6.47 -4.67
C VAL A 28 5.19 7.30 -3.42
N THR A 29 5.88 6.73 -2.44
CA THR A 29 6.16 7.41 -1.19
C THR A 29 7.24 8.48 -1.37
N PRO A 30 7.13 9.60 -0.62
CA PRO A 30 8.10 10.69 -0.70
C PRO A 30 9.49 10.27 -0.22
N ALA A 31 10.51 11.01 -0.65
CA ALA A 31 11.90 10.71 -0.30
C ALA A 31 12.11 10.63 1.21
N ALA A 32 11.48 11.54 1.95
CA ALA A 32 11.60 11.56 3.40
C ALA A 32 11.01 10.31 4.03
N PHE A 33 9.86 9.88 3.52
CA PHE A 33 9.18 8.70 4.03
C PHE A 33 10.02 7.44 3.80
N ASN A 34 10.58 7.33 2.60
CA ASN A 34 11.41 6.19 2.24
C ASN A 34 12.62 6.08 3.17
N ARG A 35 13.07 7.22 3.66
CA ARG A 35 14.23 7.28 4.55
C ARG A 35 13.85 7.08 6.01
N VAL A 36 12.68 7.58 6.42
CA VAL A 36 12.26 7.47 7.81
C VAL A 36 11.59 6.12 8.13
N THR A 37 10.70 5.66 7.27
CA THR A 37 10.01 4.40 7.50
C THR A 37 10.86 3.22 7.00
N ARG A 38 11.71 3.49 6.02
CA ARG A 38 12.57 2.46 5.43
C ARG A 38 11.76 1.37 4.73
N LEU A 39 10.52 1.73 4.40
CA LEU A 39 9.60 0.83 3.72
C LEU A 39 8.76 1.66 2.75
N PRO A 40 9.10 1.64 1.46
CA PRO A 40 8.41 2.40 0.44
C PRO A 40 7.24 1.67 -0.22
N VAL A 41 6.26 2.44 -0.65
CA VAL A 41 5.09 1.91 -1.35
C VAL A 41 5.35 2.12 -2.83
N VAL A 42 5.43 1.03 -3.58
CA VAL A 42 5.72 1.13 -5.00
C VAL A 42 4.70 0.43 -5.88
N VAL A 43 4.61 0.88 -7.12
CA VAL A 43 3.71 0.29 -8.10
C VAL A 43 4.52 -0.20 -9.30
N PRO A 44 4.51 -1.52 -9.54
CA PRO A 44 5.28 -2.13 -10.64
C PRO A 44 4.72 -1.80 -12.02
N VAL A 45 5.61 -1.49 -12.95
CA VAL A 45 5.22 -1.16 -14.31
C VAL A 45 4.61 -2.39 -14.99
N THR A 46 3.53 -2.17 -15.71
CA THR A 46 2.84 -3.24 -16.41
C THR A 46 3.22 -3.28 -17.88
N SER A 47 2.79 -4.31 -18.57
CA SER A 47 3.07 -4.47 -19.99
C SER A 47 2.20 -3.50 -20.80
N GLY A 48 2.80 -2.84 -21.77
CA GLY A 48 2.05 -1.91 -22.59
C GLY A 48 1.66 -2.50 -23.93
N GLY A 49 2.23 -3.66 -24.24
CA GLY A 49 1.93 -4.32 -25.50
C GLY A 49 2.52 -3.58 -26.68
N ASN A 50 1.89 -3.73 -27.84
CA ASN A 50 2.37 -3.07 -29.05
C ASN A 50 1.83 -1.64 -29.12
N PHE A 51 0.58 -1.47 -28.72
CA PHE A 51 -0.05 -0.16 -28.73
C PHE A 51 -0.34 0.28 -27.30
N ALA A 52 0.56 1.08 -26.75
CA ALA A 52 0.41 1.58 -25.38
C ALA A 52 -0.68 2.62 -25.31
N ARG A 53 -1.87 2.20 -24.90
CA ARG A 53 -3.00 3.10 -24.78
C ARG A 53 -3.63 2.97 -23.41
N THR A 54 -4.52 3.90 -23.07
CA THR A 54 -5.19 3.89 -21.78
C THR A 54 -6.23 2.77 -21.72
N ALA A 55 -6.32 2.12 -20.57
CA ALA A 55 -7.27 1.04 -20.37
C ALA A 55 -7.59 0.88 -18.89
N GLY A 56 -8.36 1.83 -18.37
CA GLY A 56 -8.74 1.81 -16.97
C GLY A 56 -7.55 2.20 -16.09
N PHE A 57 -7.12 1.26 -15.26
CA PHE A 57 -5.97 1.50 -14.38
C PHE A 57 -4.66 1.26 -15.13
N ALA A 58 -4.63 1.74 -16.36
CA ALA A 58 -3.47 1.61 -17.22
C ALA A 58 -3.18 2.93 -17.91
N VAL A 59 -2.11 3.59 -17.48
CA VAL A 59 -1.72 4.87 -18.05
C VAL A 59 -0.63 4.67 -19.11
N SER A 60 -0.86 5.22 -20.29
CA SER A 60 0.08 5.11 -21.39
C SER A 60 1.26 6.06 -21.21
N LEU A 61 2.46 5.56 -21.49
CA LEU A 61 3.67 6.36 -21.36
C LEU A 61 4.05 6.99 -22.69
N ASP A 62 3.09 7.02 -23.60
CA ASP A 62 3.29 7.59 -24.93
C ASP A 62 3.15 9.12 -24.87
N GLY A 63 4.04 9.82 -25.57
CA GLY A 63 3.98 11.27 -25.60
C GLY A 63 5.15 11.92 -24.89
N VAL A 64 5.73 11.22 -23.91
CA VAL A 64 6.85 11.76 -23.17
C VAL A 64 8.19 11.36 -23.77
N GLY A 65 8.21 10.25 -24.50
CA GLY A 65 9.43 9.79 -25.12
C GLY A 65 10.46 9.30 -24.12
N ILE A 66 10.12 8.24 -23.40
CA ILE A 66 11.04 7.67 -22.42
C ILE A 66 11.57 6.33 -22.89
N ARG A 67 12.30 5.63 -22.04
CA ARG A 67 12.87 4.34 -22.40
C ARG A 67 11.96 3.20 -22.00
N THR A 68 11.33 3.32 -20.84
CA THR A 68 10.43 2.30 -20.34
C THR A 68 9.19 2.15 -21.23
N THR A 69 9.10 1.01 -21.90
CA THR A 69 7.99 0.73 -22.78
C THR A 69 6.96 -0.16 -22.08
N GLY A 70 6.14 0.44 -21.23
CA GLY A 70 5.13 -0.30 -20.51
C GLY A 70 3.93 0.55 -20.17
N VAL A 71 3.09 0.04 -19.28
CA VAL A 71 1.89 0.74 -18.86
C VAL A 71 1.94 1.00 -17.35
N VAL A 72 1.52 2.18 -16.94
CA VAL A 72 1.52 2.54 -15.52
C VAL A 72 0.33 1.94 -14.79
N ARG A 73 0.60 1.34 -13.64
CA ARG A 73 -0.45 0.72 -12.82
C ARG A 73 -0.95 1.69 -11.76
N CYS A 74 -2.18 1.51 -11.32
CA CYS A 74 -2.76 2.36 -10.29
C CYS A 74 -3.61 1.55 -9.32
N ASP A 75 -3.64 0.23 -9.53
CA ASP A 75 -4.42 -0.66 -8.69
C ASP A 75 -3.53 -1.73 -8.05
N GLN A 76 -2.22 -1.62 -8.25
CA GLN A 76 -1.30 -2.61 -7.71
C GLN A 76 -0.25 -2.00 -6.78
N PRO A 77 -0.64 -1.61 -5.54
CA PRO A 77 0.28 -1.05 -4.57
C PRO A 77 1.06 -2.16 -3.88
N ARG A 78 2.37 -2.14 -4.02
CA ARG A 78 3.21 -3.17 -3.42
C ARG A 78 4.17 -2.59 -2.39
N THR A 79 3.89 -2.84 -1.12
CA THR A 79 4.73 -2.38 -0.03
C THR A 79 5.71 -3.49 0.34
N ILE A 80 6.87 -3.48 -0.30
CA ILE A 80 7.88 -4.49 -0.06
C ILE A 80 9.23 -3.87 0.31
N ASP A 81 10.02 -4.58 1.12
CA ASP A 81 11.32 -4.08 1.52
C ASP A 81 12.32 -4.20 0.39
N MET A 82 12.93 -3.09 0.03
CA MET A 82 13.90 -3.04 -1.06
C MET A 82 15.28 -3.49 -0.61
N LYS A 83 15.54 -3.46 0.69
CA LYS A 83 16.85 -3.83 1.23
C LYS A 83 17.17 -5.30 1.03
N ALA A 84 16.15 -6.15 1.06
CA ALA A 84 16.33 -7.58 0.90
C ALA A 84 16.14 -8.03 -0.55
N ARG A 85 16.02 -7.07 -1.46
CA ARG A 85 15.80 -7.40 -2.87
C ARG A 85 16.80 -6.70 -3.78
N GLY A 86 17.04 -5.42 -3.54
CA GLY A 86 17.99 -4.67 -4.35
C GLY A 86 17.37 -4.22 -5.67
N GLY A 87 16.91 -2.98 -5.71
CA GLY A 87 16.31 -2.45 -6.91
C GLY A 87 17.29 -1.63 -7.72
N LYS A 88 17.08 -1.61 -9.03
CA LYS A 88 17.93 -0.85 -9.93
C LYS A 88 17.15 0.29 -10.56
N ARG A 89 17.52 1.52 -10.24
CA ARG A 89 16.84 2.69 -10.78
C ARG A 89 17.15 2.88 -12.26
N LEU A 90 16.12 2.81 -13.09
CA LEU A 90 16.29 3.00 -14.53
C LEU A 90 16.20 4.48 -14.85
N GLU A 91 15.01 5.03 -14.69
CA GLU A 91 14.75 6.44 -14.96
C GLU A 91 13.60 6.91 -14.08
N ARG A 92 13.07 8.09 -14.37
CA ARG A 92 11.95 8.62 -13.61
C ARG A 92 10.86 9.13 -14.53
N VAL A 93 9.62 8.94 -14.15
CA VAL A 93 8.49 9.36 -14.95
C VAL A 93 8.06 10.78 -14.55
N PRO A 94 7.35 11.49 -15.45
CA PRO A 94 6.86 12.84 -15.18
C PRO A 94 5.94 12.85 -13.96
N GLU A 95 5.97 13.95 -13.22
CA GLU A 95 5.16 14.11 -12.02
C GLU A 95 3.67 13.89 -12.30
N THR A 96 3.24 14.19 -13.52
CA THR A 96 1.85 14.01 -13.92
C THR A 96 1.43 12.54 -13.83
N ILE A 97 2.37 11.65 -14.10
CA ILE A 97 2.09 10.22 -14.04
C ILE A 97 1.90 9.79 -12.60
N MET A 98 2.74 10.33 -11.72
CA MET A 98 2.66 10.01 -10.31
C MET A 98 1.38 10.57 -9.71
N ASN A 99 0.97 11.75 -10.16
CA ASN A 99 -0.23 12.40 -9.69
C ASN A 99 -1.45 11.55 -10.01
N GLU A 100 -1.42 10.87 -11.14
CA GLU A 100 -2.50 10.00 -11.57
C GLU A 100 -2.69 8.85 -10.59
N VAL A 101 -1.59 8.22 -10.19
CA VAL A 101 -1.62 7.10 -9.26
C VAL A 101 -2.19 7.56 -7.91
N LEU A 102 -1.72 8.72 -7.45
CA LEU A 102 -2.17 9.27 -6.17
C LEU A 102 -3.68 9.52 -6.17
N GLY A 103 -4.19 9.96 -7.31
CA GLY A 103 -5.61 10.23 -7.43
C GLY A 103 -6.44 8.96 -7.28
N ARG A 104 -5.97 7.87 -7.87
CA ARG A 104 -6.67 6.60 -7.81
C ARG A 104 -6.63 6.05 -6.38
N LEU A 105 -5.55 6.32 -5.68
CA LEU A 105 -5.38 5.87 -4.30
C LEU A 105 -6.32 6.63 -3.36
N SER A 106 -6.69 7.83 -3.76
CA SER A 106 -7.56 8.65 -2.94
C SER A 106 -9.01 8.14 -3.00
N THR A 107 -9.37 7.52 -4.12
CA THR A 107 -10.72 7.00 -4.29
C THR A 107 -10.96 5.73 -3.49
N ILE A 108 -9.89 5.02 -3.14
CA ILE A 108 -10.03 3.77 -2.39
C ILE A 108 -10.00 3.98 -0.88
N LEU A 109 -9.91 5.23 -0.44
CA LEU A 109 -9.89 5.54 0.98
C LEU A 109 -11.31 5.68 1.54
N THR A 110 -11.97 4.56 1.83
CA THR A 110 -13.33 4.60 2.37
C THR A 110 -13.63 3.38 3.23
N MET B 1 -13.67 2.21 2.59
CA MET B 1 -13.96 0.95 3.29
C MET B 1 -15.39 0.93 3.85
N GLU B 2 -15.72 -0.11 4.60
CA GLU B 2 -17.04 -0.26 5.19
C GLU B 2 -17.11 0.52 6.50
N ARG B 3 -15.92 0.89 6.99
CA ARG B 3 -15.77 1.67 8.22
C ARG B 3 -16.07 0.88 9.49
N GLY B 4 -15.03 0.67 10.30
CA GLY B 4 -15.19 -0.04 11.55
C GLY B 4 -14.89 -1.52 11.50
N GLU B 5 -15.21 -2.15 10.37
CA GLU B 5 -15.00 -3.57 10.20
C GLU B 5 -13.52 -3.98 10.31
N ILE B 6 -13.17 -4.60 11.43
CA ILE B 6 -11.80 -5.07 11.66
C ILE B 6 -11.71 -6.55 11.33
N TRP B 7 -10.74 -6.91 10.50
CA TRP B 7 -10.56 -8.30 10.09
C TRP B 7 -9.27 -8.89 10.67
N LEU B 8 -9.27 -10.20 10.83
CA LEU B 8 -8.11 -10.90 11.35
C LEU B 8 -7.54 -11.80 10.26
N VAL B 9 -6.26 -11.61 9.95
CA VAL B 9 -5.60 -12.39 8.92
C VAL B 9 -4.10 -12.46 9.18
N SER B 10 -3.45 -13.49 8.64
CA SER B 10 -2.03 -13.66 8.80
C SER B 10 -1.27 -12.95 7.68
N LEU B 11 -0.28 -12.14 8.06
CA LEU B 11 0.52 -11.41 7.09
C LEU B 11 1.61 -12.32 6.53
N ASP B 12 1.88 -13.40 7.25
CA ASP B 12 2.89 -14.38 6.86
C ASP B 12 2.51 -15.03 5.54
N PRO B 13 3.50 -15.52 4.77
CA PRO B 13 4.91 -15.44 5.14
C PRO B 13 5.59 -14.20 4.56
N THR B 14 5.61 -13.13 5.33
CA THR B 14 6.24 -11.88 4.91
C THR B 14 7.75 -11.97 5.09
N ALA B 15 8.48 -10.96 4.64
CA ALA B 15 9.94 -10.95 4.76
C ALA B 15 10.47 -9.53 4.92
N GLY B 16 11.75 -9.42 5.27
CA GLY B 16 12.36 -8.12 5.45
C GLY B 16 11.77 -7.36 6.63
N HIS B 17 11.39 -6.12 6.40
CA HIS B 17 10.80 -5.29 7.45
C HIS B 17 9.29 -5.45 7.49
N GLU B 18 8.76 -6.24 6.55
CA GLU B 18 7.34 -6.50 6.49
C GLU B 18 6.91 -7.30 7.73
N GLN B 19 5.93 -6.76 8.46
CA GLN B 19 5.46 -7.39 9.69
C GLN B 19 5.04 -8.85 9.51
N GLN B 20 5.53 -9.70 10.41
CA GLN B 20 5.22 -11.12 10.36
C GLN B 20 4.39 -11.51 11.58
N GLY B 21 3.38 -12.35 11.37
CA GLY B 21 2.54 -12.77 12.46
C GLY B 21 1.09 -12.40 12.27
N THR B 22 0.20 -13.23 12.78
CA THR B 22 -1.24 -13.00 12.67
C THR B 22 -1.67 -11.93 13.67
N ARG B 23 -2.31 -10.88 13.16
CA ARG B 23 -2.77 -9.78 14.00
C ARG B 23 -3.98 -9.12 13.36
N PRO B 24 -4.80 -8.41 14.15
CA PRO B 24 -5.97 -7.69 13.62
C PRO B 24 -5.54 -6.61 12.64
N VAL B 25 -6.18 -6.59 11.48
CA VAL B 25 -5.85 -5.61 10.46
C VAL B 25 -7.07 -4.80 10.05
N LEU B 26 -6.87 -3.52 9.79
CA LEU B 26 -7.93 -2.64 9.36
C LEU B 26 -7.83 -2.44 7.86
N ILE B 27 -8.93 -2.68 7.16
CA ILE B 27 -8.95 -2.53 5.71
C ILE B 27 -9.28 -1.08 5.35
N VAL B 28 -8.68 -0.60 4.27
CA VAL B 28 -8.91 0.76 3.81
C VAL B 28 -9.74 0.77 2.52
N THR B 29 -9.49 -0.22 1.67
CA THR B 29 -10.19 -0.33 0.39
C THR B 29 -11.69 -0.58 0.56
N PRO B 30 -12.51 0.01 -0.33
CA PRO B 30 -13.97 -0.14 -0.28
C PRO B 30 -14.40 -1.58 -0.59
N ALA B 31 -15.61 -1.93 -0.18
CA ALA B 31 -16.15 -3.26 -0.38
C ALA B 31 -16.17 -3.63 -1.86
N ALA B 32 -16.47 -2.65 -2.70
CA ALA B 32 -16.52 -2.87 -4.15
C ALA B 32 -15.16 -3.31 -4.68
N PHE B 33 -14.11 -2.60 -4.28
CA PHE B 33 -12.75 -2.91 -4.73
C PHE B 33 -12.32 -4.27 -4.21
N ASN B 34 -12.68 -4.56 -2.95
CA ASN B 34 -12.34 -5.83 -2.32
C ASN B 34 -13.08 -7.00 -2.99
N ARG B 35 -14.16 -6.68 -3.70
CA ARG B 35 -14.96 -7.70 -4.37
C ARG B 35 -14.54 -7.87 -5.83
N VAL B 36 -14.14 -6.77 -6.47
CA VAL B 36 -13.74 -6.81 -7.86
C VAL B 36 -12.29 -7.28 -8.02
N THR B 37 -11.35 -6.43 -7.62
CA THR B 37 -9.93 -6.76 -7.72
C THR B 37 -9.56 -7.84 -6.71
N ARG B 38 -10.29 -7.85 -5.58
CA ARG B 38 -10.09 -8.82 -4.50
C ARG B 38 -8.73 -8.64 -3.81
N LEU B 39 -8.13 -7.48 -4.00
CA LEU B 39 -6.85 -7.16 -3.39
C LEU B 39 -7.01 -5.96 -2.48
N PRO B 40 -7.27 -6.22 -1.19
CA PRO B 40 -7.48 -5.17 -0.20
C PRO B 40 -6.20 -4.74 0.50
N VAL B 41 -6.14 -3.45 0.84
CA VAL B 41 -5.00 -2.91 1.56
C VAL B 41 -5.30 -2.95 3.05
N VAL B 42 -4.49 -3.69 3.78
CA VAL B 42 -4.70 -3.83 5.21
C VAL B 42 -3.65 -3.10 6.04
N VAL B 43 -4.09 -2.58 7.17
CA VAL B 43 -3.22 -1.86 8.08
C VAL B 43 -3.05 -2.70 9.35
N PRO B 44 -1.83 -3.16 9.63
CA PRO B 44 -1.54 -3.99 10.80
C PRO B 44 -1.57 -3.21 12.12
N VAL B 45 -2.40 -3.66 13.05
CA VAL B 45 -2.50 -3.04 14.35
C VAL B 45 -1.46 -3.66 15.28
N THR B 46 -0.82 -2.82 16.08
CA THR B 46 0.20 -3.30 17.01
C THR B 46 -0.22 -3.05 18.45
N SER B 47 0.52 -3.63 19.39
CA SER B 47 0.23 -3.47 20.80
C SER B 47 0.43 -2.03 21.25
N GLY B 48 -0.20 -1.66 22.36
CA GLY B 48 -0.09 -0.31 22.87
C GLY B 48 1.23 -0.08 23.59
N GLY B 49 2.31 0.00 22.82
CA GLY B 49 3.62 0.23 23.40
C GLY B 49 3.88 1.69 23.70
N ASN B 50 3.04 2.27 24.53
CA ASN B 50 3.16 3.68 24.91
C ASN B 50 3.84 3.80 26.25
N PHE B 51 5.15 4.00 26.23
CA PHE B 51 5.92 4.13 27.46
C PHE B 51 5.77 5.53 28.03
N ALA B 52 5.66 6.52 27.14
CA ALA B 52 5.50 7.91 27.55
C ALA B 52 4.35 8.55 26.80
N ARG B 53 4.55 8.80 25.51
CA ARG B 53 3.52 9.40 24.67
C ARG B 53 3.91 9.32 23.19
N THR B 54 3.23 8.44 22.46
CA THR B 54 3.49 8.28 21.04
C THR B 54 2.44 9.03 20.22
N ALA B 55 2.79 9.35 18.98
CA ALA B 55 1.90 10.08 18.09
C ALA B 55 2.32 9.84 16.64
N GLY B 56 1.96 10.78 15.75
CA GLY B 56 2.32 10.66 14.35
C GLY B 56 1.23 9.99 13.53
N PHE B 57 1.39 8.70 13.29
CA PHE B 57 0.41 7.94 12.51
C PHE B 57 -0.18 6.79 13.31
N ALA B 58 0.19 6.72 14.58
CA ALA B 58 -0.28 5.68 15.47
C ALA B 58 -1.59 6.07 16.13
N VAL B 59 -2.67 5.44 15.69
CA VAL B 59 -3.99 5.72 16.25
C VAL B 59 -4.26 4.77 17.42
N SER B 60 -4.53 5.35 18.59
CA SER B 60 -4.80 4.57 19.78
C SER B 60 -6.26 4.11 19.81
N LEU B 61 -6.47 2.82 19.91
CA LEU B 61 -7.83 2.25 19.95
C LEU B 61 -8.34 2.13 21.37
N ASP B 62 -7.44 2.25 22.33
CA ASP B 62 -7.80 2.14 23.74
C ASP B 62 -8.36 3.44 24.27
N GLY B 63 -9.34 3.34 25.15
CA GLY B 63 -9.95 4.53 25.74
C GLY B 63 -11.41 4.67 25.36
N VAL B 64 -11.83 3.99 24.30
CA VAL B 64 -13.20 4.07 23.85
C VAL B 64 -13.96 2.76 24.10
N GLY B 65 -13.23 1.70 24.43
CA GLY B 65 -13.85 0.42 24.69
C GLY B 65 -13.72 -0.53 23.52
N ILE B 66 -12.49 -0.86 23.16
CA ILE B 66 -12.24 -1.76 22.05
C ILE B 66 -11.43 -2.96 22.54
N ARG B 67 -11.84 -4.16 22.13
CA ARG B 67 -11.15 -5.37 22.53
C ARG B 67 -9.73 -5.37 22.00
N THR B 68 -9.57 -4.88 20.77
CA THR B 68 -8.26 -4.77 20.16
C THR B 68 -7.51 -3.57 20.72
N THR B 69 -7.04 -3.71 21.95
CA THR B 69 -6.31 -2.65 22.62
C THR B 69 -4.90 -2.53 22.05
N GLY B 70 -4.69 -1.49 21.25
CA GLY B 70 -3.39 -1.26 20.66
C GLY B 70 -3.36 0.01 19.84
N VAL B 71 -2.37 0.11 18.97
CA VAL B 71 -2.20 1.28 18.12
C VAL B 71 -2.17 0.88 16.64
N VAL B 72 -2.88 1.64 15.83
CA VAL B 72 -2.94 1.38 14.40
C VAL B 72 -1.82 2.10 13.67
N ARG B 73 -1.00 1.34 12.96
CA ARG B 73 0.12 1.91 12.20
C ARG B 73 -0.30 2.23 10.78
N CYS B 74 -0.95 3.38 10.61
CA CYS B 74 -1.44 3.81 9.30
C CYS B 74 -0.31 4.28 8.38
N ASP B 75 0.91 4.20 8.89
CA ASP B 75 2.08 4.63 8.13
C ASP B 75 2.58 3.52 7.21
N GLN B 76 2.02 2.33 7.34
CA GLN B 76 2.44 1.21 6.52
C GLN B 76 1.29 0.28 6.10
N PRO B 77 0.60 0.65 5.00
CA PRO B 77 -0.51 -0.14 4.46
C PRO B 77 0.04 -1.22 3.51
N ARG B 78 -0.42 -2.45 3.67
CA ARG B 78 0.06 -3.55 2.84
C ARG B 78 -1.08 -4.29 2.13
N THR B 79 -0.96 -4.41 0.82
CA THR B 79 -1.95 -5.12 0.03
C THR B 79 -1.60 -6.61 0.02
N ILE B 80 -2.54 -7.45 0.45
CA ILE B 80 -2.31 -8.88 0.50
C ILE B 80 -3.50 -9.65 -0.07
N ASP B 81 -3.23 -10.86 -0.57
CA ASP B 81 -4.29 -11.70 -1.13
C ASP B 81 -5.18 -12.24 -0.02
N MET B 82 -6.42 -11.74 0.03
CA MET B 82 -7.37 -12.14 1.07
C MET B 82 -8.00 -13.50 0.77
N LYS B 83 -7.83 -13.99 -0.44
CA LYS B 83 -8.42 -15.28 -0.84
C LYS B 83 -7.55 -16.44 -0.37
N ALA B 84 -6.25 -16.31 -0.56
CA ALA B 84 -5.31 -17.36 -0.16
C ALA B 84 -5.10 -17.38 1.35
N ARG B 85 -5.34 -16.25 2.00
CA ARG B 85 -5.15 -16.15 3.44
C ARG B 85 -6.45 -16.37 4.21
N GLY B 86 -7.53 -15.70 3.80
CA GLY B 86 -8.80 -15.85 4.48
C GLY B 86 -8.91 -14.95 5.69
N GLY B 87 -9.62 -13.85 5.53
CA GLY B 87 -9.80 -12.91 6.62
C GLY B 87 -11.11 -13.10 7.34
N LYS B 88 -11.10 -12.94 8.65
CA LYS B 88 -12.29 -13.10 9.47
C LYS B 88 -12.56 -11.84 10.28
N ARG B 89 -13.78 -11.32 10.20
CA ARG B 89 -14.15 -10.11 10.93
C ARG B 89 -14.21 -10.36 12.43
N LEU B 90 -13.59 -9.48 13.20
CA LEU B 90 -13.56 -9.61 14.66
C LEU B 90 -14.60 -8.69 15.31
N GLU B 91 -14.35 -7.39 15.25
CA GLU B 91 -15.24 -6.41 15.84
C GLU B 91 -15.33 -5.18 14.96
N ARG B 92 -16.06 -4.17 15.41
CA ARG B 92 -16.22 -2.94 14.66
C ARG B 92 -15.83 -1.72 15.48
N VAL B 93 -14.81 -1.01 15.03
CA VAL B 93 -14.34 0.20 15.72
C VAL B 93 -15.23 1.39 15.37
N PRO B 94 -15.67 2.15 16.39
CA PRO B 94 -16.53 3.34 16.21
C PRO B 94 -15.97 4.29 15.17
N GLU B 95 -16.87 4.94 14.43
CA GLU B 95 -16.50 5.87 13.36
C GLU B 95 -15.64 7.02 13.88
N THR B 96 -15.81 7.37 15.15
CA THR B 96 -15.04 8.44 15.75
C THR B 96 -13.55 8.12 15.69
N ILE B 97 -13.23 6.85 15.91
CA ILE B 97 -11.84 6.42 15.89
C ILE B 97 -11.44 6.08 14.45
N MET B 98 -12.39 5.57 13.67
CA MET B 98 -12.14 5.22 12.28
C MET B 98 -11.77 6.47 11.48
N ASN B 99 -12.36 7.60 11.87
CA ASN B 99 -12.12 8.88 11.22
C ASN B 99 -10.64 9.26 11.36
N GLU B 100 -10.07 8.96 12.52
CA GLU B 100 -8.67 9.24 12.79
C GLU B 100 -7.77 8.51 11.79
N VAL B 101 -8.12 7.27 11.51
CA VAL B 101 -7.35 6.45 10.56
C VAL B 101 -7.33 7.12 9.20
N LEU B 102 -8.51 7.55 8.74
CA LEU B 102 -8.64 8.21 7.45
C LEU B 102 -7.85 9.51 7.44
N GLY B 103 -7.83 10.18 8.58
CA GLY B 103 -7.09 11.42 8.72
C GLY B 103 -5.60 11.21 8.55
N ARG B 104 -5.08 10.15 9.17
CA ARG B 104 -3.65 9.84 9.07
C ARG B 104 -3.28 9.44 7.64
N LEU B 105 -4.24 8.82 6.94
CA LEU B 105 -4.03 8.40 5.56
C LEU B 105 -3.98 9.60 4.62
N SER B 106 -4.41 10.76 5.10
CA SER B 106 -4.40 11.96 4.30
C SER B 106 -3.02 12.62 4.34
N THR B 107 -2.27 12.35 5.40
CA THR B 107 -0.95 12.94 5.57
C THR B 107 0.06 12.30 4.60
N ILE B 108 -0.17 11.05 4.25
CA ILE B 108 0.74 10.34 3.35
C ILE B 108 0.48 10.70 1.89
N LEU B 109 -0.54 11.53 1.66
CA LEU B 109 -0.89 11.97 0.30
C LEU B 109 -0.07 13.19 -0.09
N THR B 110 0.95 13.48 0.69
CA THR B 110 1.82 14.61 0.43
C THR B 110 3.15 14.12 -0.12
N MET A 1 17.14 7.78 -2.39
CA MET A 1 15.80 7.57 -2.99
C MET A 1 14.97 8.84 -2.90
N GLU A 2 14.38 9.22 -4.02
CA GLU A 2 13.57 10.42 -4.13
C GLU A 2 12.18 10.07 -4.62
N ARG A 3 11.38 11.09 -4.87
CA ARG A 3 10.02 10.92 -5.37
C ARG A 3 10.00 10.86 -6.89
N GLY A 4 9.28 9.89 -7.43
CA GLY A 4 9.16 9.75 -8.87
C GLY A 4 10.19 8.80 -9.45
N GLU A 5 10.83 8.01 -8.59
CA GLU A 5 11.82 7.05 -9.05
C GLU A 5 11.21 5.66 -9.14
N ILE A 6 11.78 4.85 -10.01
CA ILE A 6 11.32 3.47 -10.18
C ILE A 6 12.45 2.50 -9.83
N TRP A 7 12.29 1.81 -8.71
CA TRP A 7 13.29 0.86 -8.25
C TRP A 7 12.86 -0.58 -8.55
N LEU A 8 13.70 -1.29 -9.29
CA LEU A 8 13.41 -2.68 -9.66
C LEU A 8 13.80 -3.64 -8.55
N VAL A 9 12.89 -4.55 -8.22
CA VAL A 9 13.13 -5.56 -7.19
C VAL A 9 11.97 -6.57 -7.17
N SER A 10 12.23 -7.75 -6.59
CA SER A 10 11.23 -8.80 -6.49
C SER A 10 10.31 -8.56 -5.30
N LEU A 11 9.03 -8.85 -5.47
CA LEU A 11 8.04 -8.68 -4.41
C LEU A 11 7.82 -9.99 -3.67
N ASP A 12 8.33 -11.07 -4.24
CA ASP A 12 8.20 -12.40 -3.66
C ASP A 12 9.12 -12.57 -2.44
N PRO A 13 9.05 -13.70 -1.71
CA PRO A 13 8.13 -14.82 -1.98
C PRO A 13 6.68 -14.49 -1.63
N THR A 14 5.76 -14.96 -2.45
CA THR A 14 4.34 -14.72 -2.23
C THR A 14 3.56 -16.03 -2.12
N ALA A 15 2.27 -15.93 -1.83
CA ALA A 15 1.41 -17.10 -1.69
C ALA A 15 -0.01 -16.76 -2.12
N GLY A 16 -0.39 -17.20 -3.32
CA GLY A 16 -1.72 -16.93 -3.82
C GLY A 16 -1.67 -16.07 -5.06
N HIS A 17 -2.73 -15.31 -5.29
CA HIS A 17 -2.81 -14.43 -6.44
C HIS A 17 -2.61 -12.96 -6.03
N GLU A 18 -1.72 -12.76 -5.07
CA GLU A 18 -1.42 -11.42 -4.57
C GLU A 18 -0.46 -10.73 -5.53
N GLN A 19 0.07 -9.58 -5.14
CA GLN A 19 1.00 -8.86 -5.97
C GLN A 19 2.38 -9.51 -5.92
N GLN A 20 2.58 -10.48 -6.79
CA GLN A 20 3.84 -11.22 -6.88
C GLN A 20 4.62 -10.83 -8.12
N GLY A 21 5.85 -11.34 -8.22
CA GLY A 21 6.67 -11.06 -9.39
C GLY A 21 7.72 -10.00 -9.14
N THR A 22 8.54 -9.74 -10.15
CA THR A 22 9.60 -8.75 -10.08
C THR A 22 9.29 -7.61 -11.05
N ARG A 23 9.35 -6.38 -10.55
CA ARG A 23 9.09 -5.20 -11.37
C ARG A 23 9.54 -3.93 -10.64
N PRO A 24 9.74 -2.84 -11.38
CA PRO A 24 10.14 -1.56 -10.78
C PRO A 24 8.98 -0.91 -10.04
N VAL A 25 9.25 -0.41 -8.85
CA VAL A 25 8.23 0.25 -8.06
C VAL A 25 8.48 1.74 -8.01
N LEU A 26 7.42 2.52 -8.17
CA LEU A 26 7.53 3.97 -8.17
C LEU A 26 7.45 4.52 -6.75
N ILE A 27 8.45 5.31 -6.37
CA ILE A 27 8.49 5.91 -5.04
C ILE A 27 7.50 7.07 -4.94
N VAL A 28 6.52 6.93 -4.05
CA VAL A 28 5.50 7.95 -3.87
C VAL A 28 5.89 8.92 -2.77
N THR A 29 6.52 8.41 -1.71
CA THR A 29 6.92 9.24 -0.59
C THR A 29 8.18 10.07 -0.88
N PRO A 30 8.31 11.24 -0.24
CA PRO A 30 9.46 12.13 -0.43
C PRO A 30 10.71 11.60 0.27
N ALA A 31 11.88 12.06 -0.18
CA ALA A 31 13.16 11.64 0.38
C ALA A 31 13.23 11.83 1.90
N ALA A 32 12.68 12.93 2.39
CA ALA A 32 12.67 13.23 3.81
C ALA A 32 11.93 12.15 4.60
N PHE A 33 10.77 11.73 4.07
CA PHE A 33 9.95 10.72 4.70
C PHE A 33 10.65 9.35 4.64
N ASN A 34 11.26 9.07 3.50
CA ASN A 34 11.96 7.80 3.30
C ASN A 34 13.16 7.69 4.25
N ARG A 35 13.69 8.84 4.66
CA ARG A 35 14.83 8.89 5.55
C ARG A 35 14.43 8.63 7.01
N VAL A 36 13.17 8.91 7.34
CA VAL A 36 12.71 8.72 8.71
C VAL A 36 11.99 7.37 8.89
N THR A 37 11.13 7.02 7.94
CA THR A 37 10.38 5.77 8.02
C THR A 37 11.21 4.58 7.54
N ARG A 38 12.20 4.86 6.68
CA ARG A 38 13.08 3.82 6.12
C ARG A 38 12.38 2.92 5.12
N LEU A 39 11.09 3.15 4.94
CA LEU A 39 10.27 2.39 4.01
C LEU A 39 9.47 3.34 3.14
N PRO A 40 9.75 3.36 1.83
CA PRO A 40 9.07 4.22 0.89
C PRO A 40 7.82 3.60 0.30
N VAL A 41 6.72 4.35 0.30
CA VAL A 41 5.47 3.88 -0.27
C VAL A 41 5.65 3.77 -1.77
N VAL A 42 5.46 2.58 -2.31
CA VAL A 42 5.67 2.37 -3.73
C VAL A 42 4.50 1.70 -4.43
N VAL A 43 4.37 1.98 -5.71
CA VAL A 43 3.33 1.40 -6.55
C VAL A 43 3.98 0.49 -7.58
N PRO A 44 3.47 -0.74 -7.73
CA PRO A 44 4.02 -1.71 -8.67
C PRO A 44 3.71 -1.42 -10.13
N VAL A 45 4.75 -1.12 -10.89
CA VAL A 45 4.60 -0.85 -12.31
C VAL A 45 4.49 -2.18 -13.06
N THR A 46 3.27 -2.56 -13.40
CA THR A 46 3.04 -3.81 -14.09
C THR A 46 2.36 -3.59 -15.45
N SER A 47 1.14 -4.08 -15.60
CA SER A 47 0.41 -3.94 -16.85
C SER A 47 -1.05 -3.60 -16.60
N GLY A 48 -1.74 -3.14 -17.64
CA GLY A 48 -3.14 -2.78 -17.50
C GLY A 48 -3.94 -3.28 -18.68
N GLY A 49 -4.20 -4.58 -18.71
CA GLY A 49 -4.94 -5.17 -19.80
C GLY A 49 -4.05 -5.49 -20.98
N ASN A 50 -3.58 -4.45 -21.67
CA ASN A 50 -2.70 -4.62 -22.82
C ASN A 50 -1.99 -3.31 -23.18
N PHE A 51 -2.77 -2.24 -23.29
CA PHE A 51 -2.21 -0.94 -23.63
C PHE A 51 -1.74 -0.21 -22.39
N ALA A 52 -0.64 0.53 -22.52
CA ALA A 52 -0.06 1.27 -21.41
C ALA A 52 -0.72 2.65 -21.29
N ARG A 53 -2.00 2.66 -20.98
CA ARG A 53 -2.75 3.90 -20.83
C ARG A 53 -3.38 3.96 -19.45
N THR A 54 -4.27 4.91 -19.25
CA THR A 54 -4.95 5.08 -17.97
C THR A 54 -6.03 4.01 -17.79
N ALA A 55 -5.59 2.81 -17.43
CA ALA A 55 -6.50 1.70 -17.22
C ALA A 55 -7.11 1.76 -15.83
N GLY A 56 -8.16 2.57 -15.69
CA GLY A 56 -8.84 2.71 -14.43
C GLY A 56 -7.98 3.39 -13.38
N PHE A 57 -7.32 2.60 -12.55
CA PHE A 57 -6.46 3.13 -11.51
C PHE A 57 -5.00 3.17 -11.97
N ALA A 58 -4.74 2.58 -13.13
CA ALA A 58 -3.41 2.57 -13.70
C ALA A 58 -3.16 3.89 -14.41
N VAL A 59 -1.94 4.40 -14.32
CA VAL A 59 -1.61 5.68 -14.95
C VAL A 59 -1.00 5.48 -16.33
N SER A 60 -1.12 6.52 -17.15
CA SER A 60 -0.60 6.49 -18.51
C SER A 60 0.86 6.93 -18.55
N LEU A 61 1.77 5.98 -18.75
CA LEU A 61 3.19 6.29 -18.82
C LEU A 61 3.60 6.55 -20.26
N ASP A 62 2.94 5.86 -21.19
CA ASP A 62 3.26 6.01 -22.60
C ASP A 62 2.70 7.33 -23.13
N GLY A 63 3.60 8.23 -23.49
CA GLY A 63 3.20 9.53 -23.99
C GLY A 63 4.25 10.59 -23.72
N VAL A 64 5.09 10.33 -22.72
CA VAL A 64 6.15 11.27 -22.35
C VAL A 64 7.50 10.82 -22.89
N GLY A 65 7.52 9.70 -23.62
CA GLY A 65 8.76 9.20 -24.19
C GLY A 65 9.68 8.60 -23.15
N ILE A 66 9.15 7.76 -22.28
CA ILE A 66 9.95 7.13 -21.24
C ILE A 66 10.64 5.87 -21.76
N ARG A 67 11.49 5.28 -20.93
CA ARG A 67 12.21 4.08 -21.32
C ARG A 67 11.54 2.84 -20.75
N THR A 68 11.36 2.82 -19.44
CA THR A 68 10.72 1.69 -18.77
C THR A 68 9.28 1.52 -19.25
N THR A 69 9.09 0.55 -20.13
CA THR A 69 7.78 0.27 -20.69
C THR A 69 6.92 -0.54 -19.73
N GLY A 70 6.29 0.15 -18.79
CA GLY A 70 5.45 -0.50 -17.82
C GLY A 70 4.24 0.32 -17.49
N VAL A 71 3.21 -0.33 -16.99
CA VAL A 71 1.98 0.35 -16.62
C VAL A 71 1.87 0.45 -15.10
N VAL A 72 2.08 1.66 -14.57
CA VAL A 72 2.01 1.88 -13.14
C VAL A 72 0.63 1.56 -12.60
N ARG A 73 0.56 0.55 -11.74
CA ARG A 73 -0.70 0.11 -11.16
C ARG A 73 -0.87 0.61 -9.74
N CYS A 74 -1.91 1.39 -9.51
CA CYS A 74 -2.20 1.92 -8.19
C CYS A 74 -3.37 1.14 -7.58
N ASP A 75 -3.79 0.09 -8.29
CA ASP A 75 -4.89 -0.75 -7.85
C ASP A 75 -4.45 -1.78 -6.82
N GLN A 76 -3.22 -2.27 -6.96
CA GLN A 76 -2.68 -3.26 -6.03
C GLN A 76 -1.29 -2.83 -5.54
N PRO A 77 -1.19 -1.71 -4.80
CA PRO A 77 0.09 -1.23 -4.29
C PRO A 77 0.52 -1.97 -3.02
N ARG A 78 1.79 -1.82 -2.65
CA ARG A 78 2.33 -2.45 -1.46
C ARG A 78 3.70 -1.88 -1.11
N THR A 79 3.80 -1.26 0.06
CA THR A 79 5.05 -0.68 0.51
C THR A 79 6.02 -1.77 0.92
N ILE A 80 7.06 -1.94 0.11
CA ILE A 80 8.06 -2.96 0.35
C ILE A 80 9.34 -2.36 0.93
N ASP A 81 10.19 -3.23 1.46
CA ASP A 81 11.46 -2.79 2.03
C ASP A 81 12.49 -2.61 0.93
N MET A 82 13.25 -1.54 1.00
CA MET A 82 14.25 -1.25 0.00
C MET A 82 15.66 -1.39 0.57
N LYS A 83 15.75 -1.77 1.83
CA LYS A 83 17.05 -1.93 2.50
C LYS A 83 17.57 -3.36 2.36
N ALA A 84 16.78 -4.33 2.82
CA ALA A 84 17.20 -5.72 2.74
C ALA A 84 17.00 -6.28 1.34
N ARG A 85 16.01 -5.76 0.63
CA ARG A 85 15.73 -6.20 -0.72
C ARG A 85 16.75 -5.63 -1.71
N GLY A 86 17.11 -4.36 -1.51
CA GLY A 86 18.08 -3.72 -2.37
C GLY A 86 17.56 -3.51 -3.78
N GLY A 87 16.80 -2.44 -3.98
CA GLY A 87 16.25 -2.16 -5.30
C GLY A 87 17.24 -1.44 -6.20
N LYS A 88 16.90 -1.37 -7.48
CA LYS A 88 17.76 -0.72 -8.47
C LYS A 88 17.00 0.42 -9.16
N ARG A 89 17.53 1.64 -9.07
CA ARG A 89 16.89 2.80 -9.67
C ARG A 89 17.14 2.85 -11.18
N LEU A 90 16.05 2.82 -11.95
CA LEU A 90 16.15 2.88 -13.40
C LEU A 90 16.19 4.33 -13.88
N GLU A 91 15.09 5.04 -13.70
CA GLU A 91 15.00 6.43 -14.10
C GLU A 91 13.97 7.15 -13.23
N ARG A 92 13.68 8.40 -13.56
CA ARG A 92 12.69 9.16 -12.81
C ARG A 92 11.69 9.81 -13.77
N VAL A 93 10.44 9.82 -13.37
CA VAL A 93 9.38 10.40 -14.19
C VAL A 93 9.13 11.84 -13.77
N PRO A 94 8.65 12.67 -14.71
CA PRO A 94 8.34 14.09 -14.44
C PRO A 94 7.27 14.25 -13.37
N GLU A 95 7.19 15.44 -12.81
CA GLU A 95 6.22 15.74 -11.77
C GLU A 95 4.79 15.60 -12.29
N THR A 96 4.62 15.73 -13.60
CA THR A 96 3.32 15.60 -14.24
C THR A 96 2.78 14.18 -14.05
N ILE A 97 3.67 13.20 -14.09
CA ILE A 97 3.28 11.81 -13.92
C ILE A 97 2.84 11.58 -12.49
N MET A 98 3.44 12.33 -11.57
CA MET A 98 3.10 12.23 -10.16
C MET A 98 1.66 12.67 -9.95
N ASN A 99 1.24 13.65 -10.74
CA ASN A 99 -0.13 14.16 -10.68
C ASN A 99 -1.10 13.05 -11.04
N GLU A 100 -0.74 12.28 -12.05
CA GLU A 100 -1.55 11.15 -12.51
C GLU A 100 -1.78 10.17 -11.37
N VAL A 101 -0.68 9.81 -10.71
CA VAL A 101 -0.73 8.88 -9.59
C VAL A 101 -1.57 9.44 -8.44
N LEU A 102 -1.30 10.68 -8.06
CA LEU A 102 -2.02 11.34 -6.98
C LEU A 102 -3.52 11.37 -7.25
N GLY A 103 -3.87 11.67 -8.50
CA GLY A 103 -5.27 11.73 -8.88
C GLY A 103 -5.98 10.40 -8.69
N ARG A 104 -5.30 9.31 -9.03
CA ARG A 104 -5.87 7.98 -8.91
C ARG A 104 -5.98 7.57 -7.44
N LEU A 105 -4.93 7.86 -6.68
CA LEU A 105 -4.90 7.51 -5.26
C LEU A 105 -6.00 8.23 -4.48
N SER A 106 -6.35 9.42 -4.94
CA SER A 106 -7.39 10.21 -4.28
C SER A 106 -8.78 9.57 -4.45
N THR A 107 -8.90 8.66 -5.40
CA THR A 107 -10.17 7.99 -5.66
C THR A 107 -10.27 6.66 -4.90
N ILE A 108 -9.13 6.07 -4.57
CA ILE A 108 -9.12 4.80 -3.85
C ILE A 108 -9.26 4.98 -2.34
N LEU A 109 -8.95 6.17 -1.87
CA LEU A 109 -9.04 6.47 -0.44
C LEU A 109 -10.48 6.70 0.00
N THR A 110 -11.21 5.61 0.20
CA THR A 110 -12.60 5.68 0.63
C THR A 110 -12.94 4.45 1.48
N MET B 1 -13.13 3.32 0.82
CA MET B 1 -13.46 2.05 1.47
C MET B 1 -14.87 2.04 2.07
N GLU B 2 -15.30 0.86 2.48
CA GLU B 2 -16.62 0.68 3.10
C GLU B 2 -16.64 1.30 4.49
N ARG B 3 -15.45 1.45 5.09
CA ARG B 3 -15.29 2.03 6.43
C ARG B 3 -15.62 1.06 7.56
N GLY B 4 -14.64 0.85 8.44
CA GLY B 4 -14.83 -0.03 9.57
C GLY B 4 -14.66 -1.49 9.23
N GLU B 5 -13.59 -1.84 8.55
CA GLU B 5 -13.35 -3.23 8.17
C GLU B 5 -12.00 -3.74 8.64
N ILE B 6 -11.98 -4.31 9.84
CA ILE B 6 -10.76 -4.88 10.39
C ILE B 6 -10.81 -6.39 10.20
N TRP B 7 -10.05 -6.86 9.24
CA TRP B 7 -10.02 -8.28 8.91
C TRP B 7 -8.76 -8.95 9.44
N LEU B 8 -8.78 -10.27 9.45
CA LEU B 8 -7.64 -11.06 9.91
C LEU B 8 -7.12 -11.91 8.75
N VAL B 9 -5.92 -11.59 8.29
CA VAL B 9 -5.32 -12.34 7.19
C VAL B 9 -3.85 -12.61 7.49
N SER B 10 -3.31 -13.64 6.85
CA SER B 10 -1.92 -13.99 7.04
C SER B 10 -1.08 -13.27 5.99
N LEU B 11 -0.05 -12.57 6.45
CA LEU B 11 0.84 -11.84 5.56
C LEU B 11 2.06 -12.67 5.21
N ASP B 12 2.40 -13.60 6.11
CA ASP B 12 3.55 -14.47 5.92
C ASP B 12 3.35 -15.41 4.75
N PRO B 13 4.44 -15.76 4.03
CA PRO B 13 5.78 -15.31 4.34
C PRO B 13 6.12 -13.99 3.65
N THR B 14 7.13 -13.31 4.16
CA THR B 14 7.56 -12.03 3.60
C THR B 14 9.01 -11.75 3.96
N ALA B 15 9.84 -11.51 2.94
CA ALA B 15 11.25 -11.22 3.16
C ALA B 15 11.48 -9.73 3.33
N GLY B 16 12.65 -9.37 3.83
CA GLY B 16 12.97 -7.98 4.04
C GLY B 16 12.50 -7.46 5.38
N HIS B 17 12.46 -6.14 5.52
CA HIS B 17 12.03 -5.51 6.77
C HIS B 17 10.58 -5.06 6.65
N GLU B 18 9.79 -5.79 5.87
CA GLU B 18 8.39 -5.48 5.68
C GLU B 18 7.56 -5.83 6.92
N GLN B 19 6.25 -5.83 6.78
CA GLN B 19 5.36 -6.15 7.88
C GLN B 19 4.90 -7.59 7.81
N GLN B 20 5.51 -8.44 8.63
CA GLN B 20 5.14 -9.85 8.66
C GLN B 20 4.30 -10.13 9.90
N GLY B 21 3.92 -11.40 10.08
CA GLY B 21 3.12 -11.77 11.22
C GLY B 21 1.64 -11.74 10.92
N THR B 22 0.95 -12.81 11.26
CA THR B 22 -0.49 -12.91 11.04
C THR B 22 -1.21 -12.07 12.10
N ARG B 23 -1.52 -10.83 11.74
CA ARG B 23 -2.18 -9.90 12.64
C ARG B 23 -3.33 -9.20 11.91
N PRO B 24 -4.23 -8.53 12.67
CA PRO B 24 -5.38 -7.81 12.08
C PRO B 24 -4.93 -6.77 11.06
N VAL B 25 -5.74 -6.59 10.03
CA VAL B 25 -5.44 -5.62 8.97
C VAL B 25 -6.67 -4.81 8.61
N LEU B 26 -6.44 -3.56 8.25
CA LEU B 26 -7.53 -2.66 7.86
C LEU B 26 -7.53 -2.49 6.34
N ILE B 27 -8.67 -2.76 5.72
CA ILE B 27 -8.79 -2.64 4.27
C ILE B 27 -8.92 -1.18 3.84
N VAL B 28 -8.27 -0.83 2.74
CA VAL B 28 -8.34 0.54 2.21
C VAL B 28 -9.14 0.61 0.91
N THR B 29 -9.08 -0.45 0.13
CA THR B 29 -9.80 -0.50 -1.16
C THR B 29 -11.31 -0.57 -0.95
N PRO B 30 -12.06 0.30 -1.66
CA PRO B 30 -13.53 0.36 -1.56
C PRO B 30 -14.21 -0.83 -2.24
N ALA B 31 -15.47 -1.04 -1.90
CA ALA B 31 -16.28 -2.14 -2.45
C ALA B 31 -16.36 -2.11 -3.97
N ALA B 32 -16.31 -0.91 -4.53
CA ALA B 32 -16.38 -0.71 -5.98
C ALA B 32 -15.24 -1.43 -6.71
N PHE B 33 -14.19 -1.77 -5.97
CA PHE B 33 -13.05 -2.47 -6.55
C PHE B 33 -12.82 -3.79 -5.81
N ASN B 34 -13.12 -3.78 -4.52
CA ASN B 34 -12.93 -4.95 -3.65
C ASN B 34 -13.69 -6.17 -4.18
N ARG B 35 -14.92 -5.95 -4.66
CA ARG B 35 -15.74 -7.03 -5.16
C ARG B 35 -15.46 -7.37 -6.63
N VAL B 36 -14.45 -6.73 -7.21
CA VAL B 36 -14.10 -6.98 -8.60
C VAL B 36 -12.92 -7.94 -8.68
N THR B 37 -11.77 -7.50 -8.19
CA THR B 37 -10.56 -8.31 -8.22
C THR B 37 -10.56 -9.30 -7.06
N ARG B 38 -11.30 -8.96 -6.01
CA ARG B 38 -11.39 -9.79 -4.80
C ARG B 38 -10.06 -9.83 -4.06
N LEU B 39 -9.19 -8.88 -4.40
CA LEU B 39 -7.89 -8.76 -3.77
C LEU B 39 -7.73 -7.33 -3.29
N PRO B 40 -8.04 -7.08 -2.01
CA PRO B 40 -7.96 -5.75 -1.42
C PRO B 40 -6.61 -5.45 -0.78
N VAL B 41 -6.32 -4.17 -0.61
CA VAL B 41 -5.09 -3.74 0.03
C VAL B 41 -5.39 -3.51 1.51
N VAL B 42 -4.54 -4.04 2.36
CA VAL B 42 -4.75 -3.92 3.79
C VAL B 42 -3.57 -3.29 4.52
N VAL B 43 -3.88 -2.67 5.64
CA VAL B 43 -2.89 -2.04 6.48
C VAL B 43 -2.72 -2.89 7.74
N PRO B 44 -1.54 -3.50 7.92
CA PRO B 44 -1.26 -4.35 9.08
C PRO B 44 -1.22 -3.57 10.38
N VAL B 45 -2.05 -3.98 11.34
CA VAL B 45 -2.09 -3.33 12.64
C VAL B 45 -0.90 -3.79 13.47
N THR B 46 -0.11 -2.85 13.93
CA THR B 46 1.06 -3.16 14.73
C THR B 46 0.68 -3.21 16.21
N SER B 47 0.55 -4.41 16.74
CA SER B 47 0.21 -4.61 18.13
C SER B 47 1.39 -4.25 19.02
N GLY B 48 1.45 -2.98 19.42
CA GLY B 48 2.53 -2.53 20.27
C GLY B 48 2.27 -2.85 21.73
N GLY B 49 1.03 -3.21 22.05
CA GLY B 49 0.67 -3.53 23.41
C GLY B 49 0.73 -2.32 24.31
N ASN B 50 1.91 -2.02 24.81
CA ASN B 50 2.11 -0.87 25.67
C ASN B 50 2.36 0.37 24.82
N PHE B 51 3.11 0.19 23.74
CA PHE B 51 3.43 1.28 22.84
C PHE B 51 2.39 1.39 21.74
N ALA B 52 1.33 2.15 22.01
CA ALA B 52 0.26 2.36 21.06
C ALA B 52 -0.14 3.83 21.05
N ARG B 53 0.63 4.63 20.33
CA ARG B 53 0.36 6.07 20.23
C ARG B 53 0.50 6.53 18.80
N THR B 54 -0.24 7.57 18.44
CA THR B 54 -0.20 8.13 17.10
C THR B 54 1.19 8.69 16.79
N ALA B 55 1.75 8.27 15.68
CA ALA B 55 3.09 8.72 15.28
C ALA B 55 3.08 9.27 13.86
N GLY B 56 2.11 10.11 13.55
CA GLY B 56 2.02 10.71 12.23
C GLY B 56 1.50 9.75 11.18
N PHE B 57 2.33 8.80 10.79
CA PHE B 57 1.97 7.80 9.79
C PHE B 57 1.30 6.60 10.44
N ALA B 58 1.38 6.54 11.75
CA ALA B 58 0.77 5.44 12.50
C ALA B 58 -0.39 5.94 13.33
N VAL B 59 -1.58 5.45 13.03
CA VAL B 59 -2.79 5.86 13.76
C VAL B 59 -3.02 4.92 14.94
N SER B 60 -3.33 5.49 16.09
CA SER B 60 -3.57 4.71 17.29
C SER B 60 -5.03 4.28 17.38
N LEU B 61 -5.23 3.03 17.78
CA LEU B 61 -6.58 2.49 17.95
C LEU B 61 -6.93 2.49 19.44
N ASP B 62 -6.03 3.06 20.23
CA ASP B 62 -6.20 3.13 21.68
C ASP B 62 -6.95 4.40 22.06
N GLY B 63 -7.57 4.38 23.24
CA GLY B 63 -8.30 5.54 23.70
C GLY B 63 -9.80 5.35 23.63
N VAL B 64 -10.34 5.17 22.43
CA VAL B 64 -11.77 5.00 22.24
C VAL B 64 -12.27 3.66 22.80
N GLY B 65 -11.41 2.65 22.76
CA GLY B 65 -11.78 1.35 23.28
C GLY B 65 -11.98 0.32 22.19
N ILE B 66 -10.88 -0.24 21.70
CA ILE B 66 -10.93 -1.26 20.66
C ILE B 66 -10.18 -2.50 21.16
N ARG B 67 -10.56 -3.68 20.66
CA ARG B 67 -9.93 -4.92 21.07
C ARG B 67 -8.45 -4.95 20.70
N THR B 68 -8.15 -4.62 19.45
CA THR B 68 -6.79 -4.60 18.98
C THR B 68 -6.04 -3.35 19.42
N THR B 69 -5.24 -3.50 20.47
CA THR B 69 -4.46 -2.40 21.01
C THR B 69 -3.16 -2.22 20.23
N GLY B 70 -3.22 -1.43 19.18
CA GLY B 70 -2.03 -1.20 18.38
C GLY B 70 -2.16 0.01 17.49
N VAL B 71 -1.20 0.17 16.58
CA VAL B 71 -1.20 1.29 15.67
C VAL B 71 -1.12 0.79 14.22
N VAL B 72 -1.90 1.39 13.35
CA VAL B 72 -1.92 1.00 11.95
C VAL B 72 -0.85 1.73 11.15
N ARG B 73 -0.11 0.97 10.34
CA ARG B 73 0.94 1.54 9.51
C ARG B 73 0.36 1.97 8.18
N CYS B 74 -0.17 3.19 8.13
CA CYS B 74 -0.78 3.72 6.91
C CYS B 74 0.27 3.90 5.82
N ASP B 75 1.53 3.88 6.22
CA ASP B 75 2.64 4.03 5.30
C ASP B 75 3.02 2.71 4.66
N GLN B 76 2.50 1.60 5.20
CA GLN B 76 2.83 0.29 4.67
C GLN B 76 1.60 -0.56 4.30
N PRO B 77 0.83 -0.16 3.28
CA PRO B 77 -0.32 -0.94 2.83
C PRO B 77 0.17 -2.09 1.95
N ARG B 78 -0.46 -3.25 2.06
CA ARG B 78 -0.04 -4.40 1.26
C ARG B 78 -1.24 -5.17 0.72
N THR B 79 -1.09 -5.68 -0.49
CA THR B 79 -2.12 -6.47 -1.12
C THR B 79 -2.06 -7.91 -0.64
N ILE B 80 -3.20 -8.53 -0.42
CA ILE B 80 -3.26 -9.91 0.05
C ILE B 80 -4.35 -10.69 -0.64
N ASP B 81 -4.21 -12.01 -0.65
CA ASP B 81 -5.20 -12.89 -1.26
C ASP B 81 -6.30 -13.17 -0.24
N MET B 82 -7.49 -12.64 -0.49
CA MET B 82 -8.61 -12.80 0.43
C MET B 82 -9.30 -14.16 0.32
N LYS B 83 -8.87 -15.00 -0.61
CA LYS B 83 -9.47 -16.32 -0.78
C LYS B 83 -8.50 -17.46 -0.52
N ALA B 84 -7.30 -17.37 -1.07
CA ALA B 84 -6.29 -18.41 -0.90
C ALA B 84 -5.62 -18.32 0.46
N ARG B 85 -5.37 -17.10 0.92
CA ARG B 85 -4.72 -16.91 2.22
C ARG B 85 -5.73 -17.05 3.35
N GLY B 86 -7.00 -16.80 3.05
CA GLY B 86 -8.03 -16.92 4.06
C GLY B 86 -8.14 -15.66 4.90
N GLY B 87 -9.35 -15.16 5.08
CA GLY B 87 -9.54 -13.96 5.87
C GLY B 87 -10.96 -13.75 6.31
N LYS B 88 -11.12 -13.14 7.48
CA LYS B 88 -12.44 -12.87 8.03
C LYS B 88 -12.40 -11.56 8.81
N ARG B 89 -13.54 -10.94 8.99
CA ARG B 89 -13.63 -9.68 9.72
C ARG B 89 -13.68 -9.94 11.22
N LEU B 90 -12.78 -9.31 11.96
CA LEU B 90 -12.72 -9.48 13.41
C LEU B 90 -13.60 -8.45 14.10
N GLU B 91 -13.40 -7.18 13.74
CA GLU B 91 -14.17 -6.10 14.33
C GLU B 91 -14.35 -4.94 13.37
N ARG B 92 -15.19 -3.99 13.75
CA ARG B 92 -15.45 -2.81 12.94
C ARG B 92 -14.98 -1.55 13.66
N VAL B 93 -13.98 -0.90 13.08
CA VAL B 93 -13.44 0.32 13.66
C VAL B 93 -14.40 1.49 13.46
N PRO B 94 -14.63 2.29 14.52
CA PRO B 94 -15.52 3.47 14.47
C PRO B 94 -15.12 4.43 13.35
N GLU B 95 -16.13 5.10 12.78
CA GLU B 95 -15.91 6.05 11.70
C GLU B 95 -14.91 7.13 12.09
N THR B 96 -14.92 7.51 13.36
CA THR B 96 -14.03 8.52 13.89
C THR B 96 -12.57 8.13 13.67
N ILE B 97 -12.24 6.91 14.05
CA ILE B 97 -10.88 6.40 13.90
C ILE B 97 -10.57 6.09 12.43
N MET B 98 -11.55 5.53 11.74
CA MET B 98 -11.40 5.20 10.32
C MET B 98 -11.06 6.45 9.51
N ASN B 99 -11.74 7.54 9.82
CA ASN B 99 -11.52 8.81 9.12
C ASN B 99 -10.09 9.32 9.38
N GLU B 100 -9.59 9.06 10.59
CA GLU B 100 -8.24 9.47 10.96
C GLU B 100 -7.21 8.76 10.09
N VAL B 101 -7.43 7.47 9.86
CA VAL B 101 -6.54 6.67 9.03
C VAL B 101 -6.50 7.22 7.61
N LEU B 102 -7.65 7.54 7.06
CA LEU B 102 -7.76 8.08 5.70
C LEU B 102 -7.02 9.40 5.60
N GLY B 103 -7.11 10.20 6.66
CA GLY B 103 -6.44 11.49 6.69
C GLY B 103 -4.94 11.32 6.70
N ARG B 104 -4.45 10.37 7.50
CA ARG B 104 -3.02 10.12 7.59
C ARG B 104 -2.49 9.51 6.29
N LEU B 105 -3.36 8.77 5.60
CA LEU B 105 -3.00 8.15 4.33
C LEU B 105 -2.75 9.21 3.26
N SER B 106 -3.32 10.39 3.46
CA SER B 106 -3.16 11.47 2.51
C SER B 106 -1.85 12.23 2.74
N THR B 107 -1.16 11.94 3.83
CA THR B 107 0.10 12.61 4.15
C THR B 107 1.23 12.15 3.22
N ILE B 108 1.03 11.03 2.54
CA ILE B 108 2.05 10.50 1.64
C ILE B 108 1.90 11.10 0.23
N LEU B 109 0.89 11.95 0.07
CA LEU B 109 0.64 12.59 -1.22
C LEU B 109 1.45 13.88 -1.36
N THR B 110 2.14 14.25 -0.30
CA THR B 110 2.96 15.44 -0.31
C THR B 110 4.41 15.09 -0.01
N MET A 1 16.72 7.29 -3.01
CA MET A 1 15.52 7.05 -3.86
C MET A 1 14.46 8.11 -3.62
N GLU A 2 13.98 8.71 -4.70
CA GLU A 2 12.97 9.76 -4.61
C GLU A 2 11.74 9.39 -5.43
N ARG A 3 10.66 10.15 -5.23
CA ARG A 3 9.42 9.92 -5.94
C ARG A 3 9.61 10.14 -7.45
N GLY A 4 9.19 9.16 -8.24
CA GLY A 4 9.32 9.27 -9.67
C GLY A 4 10.28 8.26 -10.26
N GLU A 5 11.18 7.73 -9.44
CA GLU A 5 12.17 6.75 -9.90
C GLU A 5 11.59 5.35 -9.92
N ILE A 6 12.01 4.54 -10.89
CA ILE A 6 11.54 3.17 -10.99
C ILE A 6 12.67 2.19 -10.72
N TRP A 7 12.41 1.21 -9.85
CA TRP A 7 13.41 0.22 -9.50
C TRP A 7 12.97 -1.18 -9.93
N LEU A 8 13.73 -1.80 -10.82
CA LEU A 8 13.43 -3.14 -11.30
C LEU A 8 13.80 -4.17 -10.24
N VAL A 9 12.81 -4.84 -9.68
CA VAL A 9 13.05 -5.83 -8.64
C VAL A 9 11.97 -6.92 -8.68
N SER A 10 12.28 -8.08 -8.10
CA SER A 10 11.33 -9.18 -8.06
C SER A 10 10.62 -9.18 -6.71
N LEU A 11 9.30 -9.31 -6.74
CA LEU A 11 8.51 -9.30 -5.52
C LEU A 11 8.42 -10.71 -4.92
N ASP A 12 8.84 -11.69 -5.69
CA ASP A 12 8.79 -13.10 -5.27
C ASP A 12 9.69 -13.37 -4.07
N PRO A 13 9.51 -14.52 -3.40
CA PRO A 13 8.48 -15.51 -3.76
C PRO A 13 7.10 -15.16 -3.19
N THR A 14 6.18 -14.82 -4.07
CA THR A 14 4.83 -14.47 -3.65
C THR A 14 3.83 -15.56 -4.02
N ALA A 15 2.77 -15.68 -3.23
CA ALA A 15 1.74 -16.68 -3.45
C ALA A 15 0.37 -16.04 -3.43
N GLY A 16 -0.64 -16.79 -3.87
CA GLY A 16 -1.98 -16.26 -3.91
C GLY A 16 -2.14 -15.22 -4.98
N HIS A 17 -3.03 -14.26 -4.77
CA HIS A 17 -3.24 -13.19 -5.74
C HIS A 17 -2.26 -12.04 -5.51
N GLU A 18 -1.34 -12.22 -4.57
CA GLU A 18 -0.36 -11.19 -4.26
C GLU A 18 0.58 -10.99 -5.46
N GLN A 19 0.82 -9.73 -5.80
CA GLN A 19 1.68 -9.37 -6.93
C GLN A 19 3.06 -10.01 -6.84
N GLN A 20 3.43 -10.74 -7.89
CA GLN A 20 4.72 -11.42 -7.95
C GLN A 20 5.43 -11.07 -9.24
N GLY A 21 6.61 -11.64 -9.44
CA GLY A 21 7.37 -11.38 -10.64
C GLY A 21 8.34 -10.23 -10.51
N THR A 22 9.26 -10.16 -11.46
CA THR A 22 10.25 -9.10 -11.50
C THR A 22 9.73 -7.96 -12.36
N ARG A 23 9.68 -6.75 -11.80
CA ARG A 23 9.18 -5.60 -12.54
C ARG A 23 9.68 -4.30 -11.89
N PRO A 24 9.71 -3.20 -12.66
CA PRO A 24 10.14 -1.92 -12.12
C PRO A 24 9.05 -1.27 -11.27
N VAL A 25 9.37 -1.01 -10.02
CA VAL A 25 8.42 -0.38 -9.12
C VAL A 25 8.64 1.12 -9.07
N LEU A 26 7.55 1.86 -9.21
CA LEU A 26 7.61 3.32 -9.20
C LEU A 26 7.48 3.84 -7.77
N ILE A 27 8.48 4.62 -7.35
CA ILE A 27 8.48 5.21 -6.01
C ILE A 27 7.42 6.32 -5.93
N VAL A 28 6.37 6.07 -5.16
CA VAL A 28 5.30 7.03 -5.01
C VAL A 28 5.52 7.95 -3.81
N THR A 29 6.07 7.40 -2.74
CA THR A 29 6.33 8.19 -1.53
C THR A 29 7.55 9.08 -1.69
N PRO A 30 7.55 10.25 -1.02
CA PRO A 30 8.67 11.22 -1.11
C PRO A 30 9.90 10.71 -0.37
N ALA A 31 11.05 11.28 -0.70
CA ALA A 31 12.32 10.91 -0.09
C ALA A 31 12.30 11.08 1.43
N ALA A 32 11.61 12.13 1.89
CA ALA A 32 11.50 12.42 3.31
C ALA A 32 10.87 11.26 4.07
N PHE A 33 9.82 10.69 3.51
CA PHE A 33 9.11 9.58 4.14
C PHE A 33 9.95 8.31 4.07
N ASN A 34 10.47 8.01 2.88
CA ASN A 34 11.29 6.82 2.67
C ASN A 34 12.52 6.83 3.57
N ARG A 35 13.03 8.03 3.84
CA ARG A 35 14.20 8.21 4.68
C ARG A 35 13.96 7.77 6.12
N VAL A 36 12.73 7.89 6.59
CA VAL A 36 12.41 7.51 7.96
C VAL A 36 11.85 6.10 8.11
N THR A 37 10.88 5.73 7.27
CA THR A 37 10.27 4.41 7.35
C THR A 37 11.14 3.33 6.73
N ARG A 38 11.94 3.70 5.73
CA ARG A 38 12.82 2.78 5.02
C ARG A 38 12.03 1.88 4.07
N LEU A 39 10.73 2.06 4.05
CA LEU A 39 9.83 1.28 3.21
C LEU A 39 8.98 2.24 2.38
N PRO A 40 9.27 2.33 1.07
CA PRO A 40 8.53 3.20 0.17
C PRO A 40 7.32 2.52 -0.46
N VAL A 41 6.23 3.27 -0.57
CA VAL A 41 5.01 2.76 -1.19
C VAL A 41 5.22 2.86 -2.70
N VAL A 42 5.27 1.72 -3.35
CA VAL A 42 5.52 1.69 -4.78
C VAL A 42 4.43 0.96 -5.55
N VAL A 43 4.44 1.16 -6.86
CA VAL A 43 3.50 0.52 -7.76
C VAL A 43 4.29 -0.18 -8.87
N PRO A 44 4.04 -1.48 -9.07
CA PRO A 44 4.75 -2.28 -10.07
C PRO A 44 4.20 -2.10 -11.49
N VAL A 45 5.10 -1.86 -12.44
CA VAL A 45 4.73 -1.70 -13.83
C VAL A 45 4.49 -3.08 -14.44
N THR A 46 3.34 -3.26 -15.09
CA THR A 46 3.01 -4.53 -15.70
C THR A 46 2.90 -4.42 -17.22
N SER A 47 2.23 -5.38 -17.84
CA SER A 47 2.08 -5.38 -19.30
C SER A 47 0.64 -5.10 -19.70
N GLY A 48 0.46 -4.55 -20.90
CA GLY A 48 -0.88 -4.24 -21.37
C GLY A 48 -1.07 -4.57 -22.84
N GLY A 49 -0.20 -5.41 -23.37
CA GLY A 49 -0.29 -5.78 -24.77
C GLY A 49 0.75 -5.08 -25.60
N ASN A 50 0.29 -4.19 -26.48
CA ASN A 50 1.19 -3.43 -27.35
C ASN A 50 1.32 -2.00 -26.83
N PHE A 51 0.18 -1.37 -26.62
CA PHE A 51 0.14 -0.01 -26.11
C PHE A 51 -0.64 0.04 -24.82
N ALA A 52 -0.41 1.08 -24.02
CA ALA A 52 -1.10 1.21 -22.75
C ALA A 52 -2.36 2.06 -22.93
N ARG A 53 -3.14 2.16 -21.88
CA ARG A 53 -4.37 2.94 -21.90
C ARG A 53 -4.93 3.08 -20.49
N THR A 54 -5.89 3.98 -20.32
CA THR A 54 -6.50 4.21 -19.01
C THR A 54 -7.45 3.08 -18.63
N ALA A 55 -6.91 1.90 -18.38
CA ALA A 55 -7.70 0.75 -17.99
C ALA A 55 -8.07 0.84 -16.51
N GLY A 56 -8.99 1.75 -16.21
CA GLY A 56 -9.42 1.95 -14.85
C GLY A 56 -8.45 2.83 -14.09
N PHE A 57 -7.57 2.20 -13.32
CA PHE A 57 -6.57 2.93 -12.54
C PHE A 57 -5.20 2.86 -13.19
N ALA A 58 -5.19 2.44 -14.46
CA ALA A 58 -3.95 2.35 -15.22
C ALA A 58 -3.83 3.55 -16.15
N VAL A 59 -2.60 3.91 -16.50
CA VAL A 59 -2.37 5.06 -17.37
C VAL A 59 -1.58 4.67 -18.61
N SER A 60 -1.62 5.55 -19.61
CA SER A 60 -0.90 5.32 -20.86
C SER A 60 0.56 5.74 -20.74
N LEU A 61 1.45 4.89 -21.21
CA LEU A 61 2.88 5.18 -21.15
C LEU A 61 3.40 5.60 -22.52
N ASP A 62 2.80 5.06 -23.56
CA ASP A 62 3.19 5.38 -24.92
C ASP A 62 2.75 6.79 -25.29
N GLY A 63 3.68 7.73 -25.18
CA GLY A 63 3.38 9.11 -25.50
C GLY A 63 3.89 10.08 -24.46
N VAL A 64 4.38 9.55 -23.34
CA VAL A 64 4.89 10.40 -22.27
C VAL A 64 6.41 10.59 -22.37
N GLY A 65 7.01 9.95 -23.36
CA GLY A 65 8.44 10.08 -23.58
C GLY A 65 9.28 9.28 -22.59
N ILE A 66 9.03 7.99 -22.50
CA ILE A 66 9.78 7.13 -21.60
C ILE A 66 10.27 5.88 -22.32
N ARG A 67 11.12 5.11 -21.66
CA ARG A 67 11.65 3.88 -22.26
C ARG A 67 10.96 2.67 -21.66
N THR A 68 10.43 2.85 -20.46
CA THR A 68 9.73 1.79 -19.74
C THR A 68 8.64 1.16 -20.61
N THR A 69 8.89 -0.06 -21.06
CA THR A 69 7.96 -0.79 -21.89
C THR A 69 6.98 -1.61 -21.06
N GLY A 70 5.86 -0.99 -20.72
CA GLY A 70 4.84 -1.66 -19.92
C GLY A 70 3.67 -0.73 -19.66
N VAL A 71 2.99 -0.94 -18.54
CA VAL A 71 1.86 -0.09 -18.16
C VAL A 71 1.89 0.20 -16.66
N VAL A 72 1.74 1.47 -16.31
CA VAL A 72 1.74 1.90 -14.91
C VAL A 72 0.31 2.05 -14.41
N ARG A 73 0.09 1.68 -13.16
CA ARG A 73 -1.23 1.78 -12.56
C ARG A 73 -1.12 2.00 -11.06
N CYS A 74 -2.20 2.43 -10.45
CA CYS A 74 -2.20 2.67 -9.01
C CYS A 74 -3.10 1.67 -8.28
N ASP A 75 -3.48 0.61 -8.97
CA ASP A 75 -4.35 -0.42 -8.38
C ASP A 75 -3.54 -1.47 -7.63
N GLN A 76 -2.22 -1.36 -7.68
CA GLN A 76 -1.35 -2.32 -6.99
C GLN A 76 -0.30 -1.61 -6.13
N PRO A 77 -0.72 -0.87 -5.09
CA PRO A 77 0.19 -0.16 -4.21
C PRO A 77 0.57 -0.95 -2.96
N ARG A 78 1.87 -1.01 -2.67
CA ARG A 78 2.35 -1.72 -1.49
C ARG A 78 3.77 -1.29 -1.12
N THR A 79 4.11 -1.45 0.15
CA THR A 79 5.42 -1.11 0.64
C THR A 79 6.33 -2.33 0.52
N ILE A 80 7.50 -2.16 -0.06
CA ILE A 80 8.44 -3.26 -0.23
C ILE A 80 9.84 -2.87 0.24
N ASP A 81 10.64 -3.86 0.58
CA ASP A 81 11.99 -3.64 1.03
C ASP A 81 12.95 -3.58 -0.15
N MET A 82 13.81 -2.58 -0.16
CA MET A 82 14.78 -2.42 -1.24
C MET A 82 16.20 -2.47 -0.68
N LYS A 83 16.35 -3.06 0.50
CA LYS A 83 17.64 -3.16 1.15
C LYS A 83 18.18 -4.59 1.09
N ALA A 84 17.28 -5.54 1.24
CA ALA A 84 17.65 -6.96 1.20
C ALA A 84 17.41 -7.55 -0.17
N ARG A 85 16.48 -6.98 -0.92
CA ARG A 85 16.16 -7.47 -2.25
C ARG A 85 17.23 -7.04 -3.26
N GLY A 86 17.40 -5.74 -3.40
CA GLY A 86 18.37 -5.21 -4.33
C GLY A 86 17.75 -4.95 -5.69
N GLY A 87 17.23 -3.75 -5.89
CA GLY A 87 16.61 -3.42 -7.15
C GLY A 87 17.55 -2.70 -8.09
N LYS A 88 17.09 -2.50 -9.32
CA LYS A 88 17.87 -1.81 -10.34
C LYS A 88 17.11 -0.59 -10.84
N ARG A 89 17.58 0.59 -10.49
CA ARG A 89 16.92 1.83 -10.90
C ARG A 89 17.18 2.10 -12.38
N LEU A 90 16.11 2.34 -13.14
CA LEU A 90 16.24 2.62 -14.56
C LEU A 90 16.11 4.12 -14.83
N GLU A 91 14.88 4.57 -15.04
CA GLU A 91 14.64 5.98 -15.32
C GLU A 91 13.67 6.56 -14.29
N ARG A 92 13.25 7.79 -14.52
CA ARG A 92 12.31 8.45 -13.62
C ARG A 92 11.29 9.26 -14.42
N VAL A 93 10.02 9.12 -14.07
CA VAL A 93 8.95 9.83 -14.76
C VAL A 93 8.78 11.25 -14.22
N PRO A 94 8.23 12.16 -15.04
CA PRO A 94 8.00 13.55 -14.64
C PRO A 94 7.04 13.65 -13.46
N GLU A 95 7.24 14.68 -12.63
CA GLU A 95 6.41 14.91 -11.46
C GLU A 95 4.95 15.13 -11.85
N THR A 96 4.72 15.54 -13.08
CA THR A 96 3.37 15.76 -13.59
C THR A 96 2.60 14.44 -13.62
N ILE A 97 3.31 13.37 -13.97
CA ILE A 97 2.71 12.04 -14.04
C ILE A 97 2.43 11.54 -12.63
N MET A 98 3.36 11.85 -11.72
CA MET A 98 3.22 11.44 -10.33
C MET A 98 1.99 12.08 -9.71
N ASN A 99 1.71 13.32 -10.11
CA ASN A 99 0.54 14.04 -9.61
C ASN A 99 -0.73 13.33 -10.02
N GLU A 100 -0.73 12.74 -11.22
CA GLU A 100 -1.89 12.00 -11.71
C GLU A 100 -2.13 10.79 -10.82
N VAL A 101 -1.07 10.07 -10.52
CA VAL A 101 -1.15 8.88 -9.67
C VAL A 101 -1.65 9.26 -8.28
N LEU A 102 -1.06 10.31 -7.71
CA LEU A 102 -1.44 10.78 -6.38
C LEU A 102 -2.90 11.23 -6.35
N GLY A 103 -3.36 11.79 -7.47
CA GLY A 103 -4.72 12.27 -7.56
C GLY A 103 -5.75 11.14 -7.61
N ARG A 104 -5.29 9.93 -7.91
CA ARG A 104 -6.19 8.78 -7.97
C ARG A 104 -6.13 7.99 -6.66
N LEU A 105 -5.02 8.10 -5.96
CA LEU A 105 -4.84 7.38 -4.70
C LEU A 105 -5.76 7.93 -3.62
N SER A 106 -6.16 9.18 -3.75
CA SER A 106 -7.04 9.81 -2.78
C SER A 106 -8.44 9.20 -2.81
N THR A 107 -8.75 8.49 -3.88
CA THR A 107 -10.06 7.86 -4.03
C THR A 107 -10.10 6.46 -3.41
N ILE A 108 -8.93 5.87 -3.15
CA ILE A 108 -8.87 4.53 -2.58
C ILE A 108 -8.82 4.55 -1.05
N LEU A 109 -8.64 5.73 -0.47
CA LEU A 109 -8.57 5.86 0.98
C LEU A 109 -9.97 6.05 1.55
N THR A 110 -10.71 4.95 1.75
CA THR A 110 -12.06 5.04 2.27
C THR A 110 -12.51 3.75 2.99
N MET B 1 -12.74 2.70 2.20
CA MET B 1 -13.21 1.42 2.73
C MET B 1 -14.61 1.60 3.34
N GLU B 2 -15.07 0.61 4.09
CA GLU B 2 -16.38 0.71 4.74
C GLU B 2 -16.28 1.58 5.98
N ARG B 3 -15.04 1.99 6.29
CA ARG B 3 -14.75 2.85 7.41
C ARG B 3 -15.15 2.24 8.75
N GLY B 4 -14.31 1.34 9.27
CA GLY B 4 -14.61 0.73 10.55
C GLY B 4 -14.33 -0.76 10.59
N GLU B 5 -14.52 -1.43 9.47
CA GLU B 5 -14.30 -2.88 9.40
C GLU B 5 -12.83 -3.27 9.64
N ILE B 6 -12.57 -3.88 10.78
CA ILE B 6 -11.23 -4.32 11.12
C ILE B 6 -11.08 -5.82 10.82
N TRP B 7 -10.02 -6.18 10.12
CA TRP B 7 -9.79 -7.57 9.76
C TRP B 7 -8.53 -8.11 10.43
N LEU B 8 -8.26 -9.39 10.19
CA LEU B 8 -7.09 -10.04 10.75
C LEU B 8 -6.55 -11.08 9.78
N VAL B 9 -5.23 -11.07 9.57
CA VAL B 9 -4.59 -12.00 8.65
C VAL B 9 -3.08 -11.99 8.85
N SER B 10 -2.39 -12.99 8.33
CA SER B 10 -0.95 -13.08 8.44
C SER B 10 -0.27 -12.35 7.29
N LEU B 11 0.83 -11.65 7.60
CA LEU B 11 1.59 -10.93 6.58
C LEU B 11 2.76 -11.77 6.09
N ASP B 12 3.02 -12.85 6.81
CA ASP B 12 4.12 -13.74 6.46
C ASP B 12 3.72 -14.61 5.27
N PRO B 13 4.71 -15.08 4.49
CA PRO B 13 6.12 -14.79 4.70
C PRO B 13 6.61 -13.63 3.84
N THR B 14 7.75 -13.07 4.21
CA THR B 14 8.34 -11.95 3.48
C THR B 14 9.84 -11.89 3.79
N ALA B 15 10.47 -10.77 3.47
CA ALA B 15 11.89 -10.58 3.73
C ALA B 15 12.23 -9.11 3.85
N GLY B 16 13.36 -8.80 4.44
CA GLY B 16 13.79 -7.43 4.59
C GLY B 16 13.09 -6.74 5.73
N HIS B 17 12.77 -5.46 5.55
CA HIS B 17 12.10 -4.69 6.59
C HIS B 17 10.58 -4.72 6.41
N GLU B 18 10.11 -5.45 5.41
CA GLU B 18 8.68 -5.55 5.15
C GLU B 18 7.95 -6.15 6.36
N GLN B 19 6.81 -5.56 6.71
CA GLN B 19 6.04 -6.00 7.85
C GLN B 19 5.56 -7.45 7.70
N GLN B 20 5.83 -8.24 8.73
CA GLN B 20 5.47 -9.66 8.72
C GLN B 20 4.72 -10.02 10.00
N GLY B 21 4.57 -11.32 10.23
CA GLY B 21 3.88 -11.81 11.43
C GLY B 21 2.37 -11.84 11.25
N THR B 22 1.69 -12.36 12.26
CA THR B 22 0.23 -12.43 12.24
C THR B 22 -0.38 -11.47 13.25
N ARG B 23 -0.99 -10.41 12.74
CA ARG B 23 -1.61 -9.40 13.59
C ARG B 23 -2.82 -8.80 12.88
N PRO B 24 -3.69 -8.08 13.61
CA PRO B 24 -4.88 -7.44 13.02
C PRO B 24 -4.49 -6.46 11.94
N VAL B 25 -5.33 -6.33 10.92
CA VAL B 25 -5.05 -5.43 9.82
C VAL B 25 -6.28 -4.61 9.43
N LEU B 26 -6.06 -3.33 9.18
CA LEU B 26 -7.14 -2.44 8.79
C LEU B 26 -7.08 -2.20 7.29
N ILE B 27 -8.21 -2.39 6.62
CA ILE B 27 -8.27 -2.21 5.17
C ILE B 27 -8.61 -0.76 4.84
N VAL B 28 -7.88 -0.18 3.89
CA VAL B 28 -8.10 1.20 3.49
C VAL B 28 -8.90 1.29 2.19
N THR B 29 -8.68 0.35 1.28
CA THR B 29 -9.36 0.33 0.00
C THR B 29 -10.86 0.05 0.15
N PRO B 30 -11.70 0.77 -0.62
CA PRO B 30 -13.16 0.62 -0.56
C PRO B 30 -13.65 -0.74 -1.09
N ALA B 31 -14.88 -1.08 -0.74
CA ALA B 31 -15.51 -2.34 -1.15
C ALA B 31 -15.44 -2.54 -2.66
N ALA B 32 -15.78 -1.50 -3.40
CA ALA B 32 -15.78 -1.57 -4.86
C ALA B 32 -14.40 -1.99 -5.38
N PHE B 33 -13.36 -1.36 -4.83
CA PHE B 33 -11.99 -1.67 -5.24
C PHE B 33 -11.61 -3.09 -4.85
N ASN B 34 -11.91 -3.45 -3.60
CA ASN B 34 -11.59 -4.78 -3.08
C ASN B 34 -12.31 -5.88 -3.85
N ARG B 35 -13.45 -5.54 -4.43
CA ARG B 35 -14.23 -6.50 -5.20
C ARG B 35 -13.70 -6.64 -6.62
N VAL B 36 -13.19 -5.54 -7.16
CA VAL B 36 -12.66 -5.53 -8.52
C VAL B 36 -11.21 -6.03 -8.59
N THR B 37 -10.33 -5.40 -7.83
CA THR B 37 -8.92 -5.78 -7.83
C THR B 37 -8.70 -7.09 -7.09
N ARG B 38 -9.57 -7.36 -6.12
CA ARG B 38 -9.48 -8.57 -5.30
C ARG B 38 -8.17 -8.56 -4.51
N LEU B 39 -7.66 -7.36 -4.26
CA LEU B 39 -6.44 -7.16 -3.50
C LEU B 39 -6.55 -5.88 -2.68
N PRO B 40 -6.91 -6.02 -1.39
CA PRO B 40 -7.06 -4.89 -0.49
C PRO B 40 -5.75 -4.50 0.20
N VAL B 41 -5.58 -3.21 0.45
CA VAL B 41 -4.39 -2.73 1.15
C VAL B 41 -4.60 -2.83 2.65
N VAL B 42 -3.88 -3.74 3.27
CA VAL B 42 -4.01 -3.96 4.70
C VAL B 42 -2.97 -3.18 5.49
N VAL B 43 -3.40 -2.60 6.59
CA VAL B 43 -2.55 -1.85 7.47
C VAL B 43 -2.32 -2.65 8.76
N PRO B 44 -1.08 -3.05 9.02
CA PRO B 44 -0.71 -3.85 10.20
C PRO B 44 -0.87 -3.12 11.53
N VAL B 45 -1.64 -3.72 12.42
CA VAL B 45 -1.86 -3.16 13.74
C VAL B 45 -0.88 -3.81 14.71
N THR B 46 -0.35 -3.04 15.64
CA THR B 46 0.60 -3.56 16.61
C THR B 46 0.02 -3.57 18.01
N SER B 47 -0.43 -4.75 18.45
CA SER B 47 -1.00 -4.92 19.77
C SER B 47 0.04 -4.65 20.86
N GLY B 48 -0.42 -4.33 22.05
CA GLY B 48 0.47 -4.03 23.15
C GLY B 48 0.48 -2.56 23.49
N GLY B 49 0.08 -1.74 22.53
CA GLY B 49 0.05 -0.31 22.74
C GLY B 49 -1.36 0.18 22.98
N ASN B 50 -1.80 0.11 24.23
CA ASN B 50 -3.14 0.56 24.59
C ASN B 50 -3.19 2.08 24.71
N PHE B 51 -2.69 2.60 25.82
CA PHE B 51 -2.68 4.03 26.05
C PHE B 51 -1.36 4.64 25.59
N ALA B 52 -0.75 4.01 24.60
CA ALA B 52 0.52 4.48 24.06
C ALA B 52 0.31 5.75 23.25
N ARG B 53 1.30 6.61 23.24
CA ARG B 53 1.22 7.86 22.50
C ARG B 53 1.25 7.59 21.00
N THR B 54 0.40 8.27 20.25
CA THR B 54 0.35 8.09 18.81
C THR B 54 1.68 8.53 18.16
N ALA B 55 2.32 7.60 17.47
CA ALA B 55 3.59 7.89 16.82
C ALA B 55 3.37 8.37 15.39
N GLY B 56 2.80 9.56 15.27
CA GLY B 56 2.54 10.13 13.96
C GLY B 56 1.41 9.45 13.22
N PHE B 57 1.70 8.28 12.66
CA PHE B 57 0.70 7.52 11.92
C PHE B 57 0.19 6.34 12.73
N ALA B 58 0.89 6.02 13.80
CA ALA B 58 0.50 4.91 14.67
C ALA B 58 -0.64 5.33 15.59
N VAL B 59 -1.86 5.03 15.20
CA VAL B 59 -3.04 5.39 15.97
C VAL B 59 -3.34 4.32 17.04
N SER B 60 -3.44 4.77 18.28
CA SER B 60 -3.72 3.87 19.40
C SER B 60 -5.21 3.56 19.48
N LEU B 61 -5.54 2.27 19.51
CA LEU B 61 -6.94 1.84 19.58
C LEU B 61 -7.35 1.54 21.02
N ASP B 62 -7.80 2.56 21.72
CA ASP B 62 -8.24 2.41 23.11
C ASP B 62 -9.10 3.61 23.51
N GLY B 63 -9.60 3.61 24.73
CA GLY B 63 -10.42 4.71 25.21
C GLY B 63 -11.89 4.53 24.86
N VAL B 64 -12.14 4.10 23.63
CA VAL B 64 -13.51 3.89 23.18
C VAL B 64 -14.06 2.55 23.68
N GLY B 65 -13.17 1.59 23.92
CA GLY B 65 -13.58 0.30 24.41
C GLY B 65 -13.94 -0.65 23.29
N ILE B 66 -12.94 -1.39 22.83
CA ILE B 66 -13.11 -2.37 21.76
C ILE B 66 -12.25 -3.58 22.06
N ARG B 67 -12.33 -4.61 21.21
CA ARG B 67 -11.55 -5.81 21.42
C ARG B 67 -10.13 -5.62 20.87
N THR B 68 -10.05 -5.23 19.62
CA THR B 68 -8.77 -4.99 18.97
C THR B 68 -8.06 -3.81 19.65
N THR B 69 -6.95 -4.11 20.32
CA THR B 69 -6.20 -3.08 21.02
C THR B 69 -4.75 -3.03 20.55
N GLY B 70 -4.28 -1.82 20.25
CA GLY B 70 -2.91 -1.65 19.80
C GLY B 70 -2.76 -0.40 18.94
N VAL B 71 -1.58 -0.21 18.39
CA VAL B 71 -1.30 0.94 17.54
C VAL B 71 -1.32 0.57 16.06
N VAL B 72 -2.16 1.26 15.30
CA VAL B 72 -2.30 1.02 13.88
C VAL B 72 -1.27 1.82 13.08
N ARG B 73 -0.40 1.13 12.36
CA ARG B 73 0.64 1.78 11.56
C ARG B 73 0.09 2.12 10.18
N CYS B 74 -0.59 3.25 10.08
CA CYS B 74 -1.20 3.71 8.83
C CYS B 74 -0.17 4.17 7.79
N ASP B 75 1.06 3.70 7.92
CA ASP B 75 2.12 4.06 6.99
C ASP B 75 2.55 2.86 6.16
N GLN B 76 1.98 1.70 6.47
CA GLN B 76 2.33 0.48 5.76
C GLN B 76 1.12 -0.17 5.07
N PRO B 77 0.81 0.26 3.85
CA PRO B 77 -0.29 -0.29 3.07
C PRO B 77 0.19 -1.42 2.18
N ARG B 78 -0.10 -2.66 2.56
CA ARG B 78 0.33 -3.82 1.78
C ARG B 78 -0.85 -4.53 1.13
N THR B 79 -0.77 -4.71 -0.18
CA THR B 79 -1.81 -5.39 -0.93
C THR B 79 -1.58 -6.91 -0.85
N ILE B 80 -2.49 -7.62 -0.21
CA ILE B 80 -2.36 -9.05 -0.07
C ILE B 80 -3.66 -9.75 -0.40
N ASP B 81 -3.61 -11.07 -0.47
CA ASP B 81 -4.79 -11.88 -0.75
C ASP B 81 -5.65 -11.99 0.50
N MET B 82 -6.96 -11.96 0.34
CA MET B 82 -7.87 -12.05 1.47
C MET B 82 -8.71 -13.33 1.41
N LYS B 83 -8.78 -13.94 0.23
CA LYS B 83 -9.56 -15.14 0.05
C LYS B 83 -8.73 -16.40 0.27
N ALA B 84 -7.51 -16.40 -0.26
CA ALA B 84 -6.61 -17.54 -0.13
C ALA B 84 -5.88 -17.52 1.21
N ARG B 85 -5.73 -16.33 1.77
CA ARG B 85 -5.05 -16.19 3.06
C ARG B 85 -5.98 -16.51 4.23
N GLY B 86 -7.28 -16.59 3.95
CA GLY B 86 -8.24 -16.90 4.97
C GLY B 86 -8.47 -15.73 5.92
N GLY B 87 -8.59 -14.54 5.37
CA GLY B 87 -8.80 -13.36 6.18
C GLY B 87 -10.13 -13.39 6.90
N LYS B 88 -10.14 -12.84 8.11
CA LYS B 88 -11.35 -12.81 8.92
C LYS B 88 -11.56 -11.42 9.51
N ARG B 89 -12.82 -11.04 9.65
CA ARG B 89 -13.16 -9.74 10.22
C ARG B 89 -13.34 -9.86 11.73
N LEU B 90 -12.75 -8.91 12.46
CA LEU B 90 -12.83 -8.92 13.91
C LEU B 90 -14.04 -8.13 14.40
N GLU B 91 -14.06 -6.83 14.14
CA GLU B 91 -15.15 -5.97 14.56
C GLU B 91 -15.15 -4.68 13.76
N ARG B 92 -16.01 -3.75 14.13
CA ARG B 92 -16.10 -2.47 13.46
C ARG B 92 -15.85 -1.33 14.43
N VAL B 93 -14.77 -0.59 14.21
CA VAL B 93 -14.41 0.53 15.06
C VAL B 93 -15.33 1.72 14.75
N PRO B 94 -15.82 2.41 15.79
CA PRO B 94 -16.71 3.57 15.63
C PRO B 94 -16.20 4.58 14.60
N GLU B 95 -17.15 5.19 13.88
CA GLU B 95 -16.83 6.15 12.83
C GLU B 95 -16.01 7.34 13.38
N THR B 96 -16.27 7.70 14.62
CA THR B 96 -15.55 8.81 15.26
C THR B 96 -14.06 8.48 15.42
N ILE B 97 -13.75 7.19 15.51
CA ILE B 97 -12.37 6.75 15.65
C ILE B 97 -11.76 6.54 14.27
N MET B 98 -12.57 6.04 13.34
CA MET B 98 -12.11 5.80 11.98
C MET B 98 -11.77 7.12 11.29
N ASN B 99 -12.48 8.17 11.68
CA ASN B 99 -12.27 9.51 11.12
C ASN B 99 -10.83 9.95 11.37
N GLU B 100 -10.27 9.54 12.51
CA GLU B 100 -8.91 9.87 12.87
C GLU B 100 -7.94 9.22 11.87
N VAL B 101 -8.21 7.95 11.57
CA VAL B 101 -7.38 7.19 10.64
C VAL B 101 -7.36 7.86 9.27
N LEU B 102 -8.52 8.28 8.79
CA LEU B 102 -8.64 8.94 7.50
C LEU B 102 -7.79 10.21 7.47
N GLY B 103 -7.80 10.94 8.57
CA GLY B 103 -7.01 12.16 8.67
C GLY B 103 -5.53 11.87 8.64
N ARG B 104 -5.12 10.80 9.30
CA ARG B 104 -3.71 10.41 9.34
C ARG B 104 -3.25 9.96 7.96
N LEU B 105 -4.13 9.29 7.23
CA LEU B 105 -3.83 8.80 5.89
C LEU B 105 -3.61 9.95 4.92
N SER B 106 -4.14 11.12 5.26
CA SER B 106 -3.99 12.29 4.41
C SER B 106 -2.59 12.89 4.54
N THR B 107 -1.86 12.48 5.56
CA THR B 107 -0.51 12.97 5.79
C THR B 107 0.56 12.08 5.14
N ILE B 108 0.14 10.93 4.63
CA ILE B 108 1.09 10.02 3.98
C ILE B 108 1.37 10.46 2.55
N LEU B 109 0.47 11.25 1.98
CA LEU B 109 0.60 11.73 0.61
C LEU B 109 1.27 13.10 0.60
N THR B 110 2.36 13.23 1.34
CA THR B 110 3.08 14.48 1.41
C THR B 110 4.48 14.33 0.83
N MET A 1 16.81 7.16 -4.01
CA MET A 1 15.40 6.70 -3.98
C MET A 1 14.46 7.85 -3.70
N GLU A 2 14.03 8.51 -4.78
CA GLU A 2 13.12 9.64 -4.68
C GLU A 2 11.73 9.26 -5.15
N ARG A 3 10.81 10.20 -5.06
CA ARG A 3 9.43 9.99 -5.47
C ARG A 3 9.33 10.14 -6.99
N GLY A 4 8.80 9.12 -7.64
CA GLY A 4 8.65 9.16 -9.09
C GLY A 4 9.71 8.35 -9.81
N GLU A 5 10.50 7.60 -9.07
CA GLU A 5 11.54 6.78 -9.66
C GLU A 5 11.06 5.35 -9.88
N ILE A 6 11.61 4.69 -10.88
CA ILE A 6 11.27 3.31 -11.16
C ILE A 6 12.44 2.38 -10.83
N TRP A 7 12.25 1.54 -9.83
CA TRP A 7 13.30 0.62 -9.39
C TRP A 7 13.00 -0.82 -9.80
N LEU A 8 13.88 -1.38 -10.61
CA LEU A 8 13.74 -2.74 -11.09
C LEU A 8 14.03 -3.75 -9.97
N VAL A 9 12.99 -4.34 -9.43
CA VAL A 9 13.13 -5.30 -8.34
C VAL A 9 12.09 -6.42 -8.46
N SER A 10 12.36 -7.52 -7.78
CA SER A 10 11.45 -8.66 -7.77
C SER A 10 10.58 -8.60 -6.52
N LEU A 11 9.28 -8.73 -6.69
CA LEU A 11 8.36 -8.67 -5.56
C LEU A 11 8.11 -10.05 -4.98
N ASP A 12 8.82 -11.04 -5.52
CA ASP A 12 8.67 -12.42 -5.07
C ASP A 12 9.47 -12.66 -3.79
N PRO A 13 9.19 -13.76 -3.06
CA PRO A 13 8.16 -14.76 -3.41
C PRO A 13 6.74 -14.18 -3.35
N THR A 14 5.89 -14.64 -4.26
CA THR A 14 4.52 -14.16 -4.34
C THR A 14 3.52 -15.23 -3.91
N ALA A 15 2.55 -14.82 -3.10
CA ALA A 15 1.53 -15.73 -2.63
C ALA A 15 0.27 -15.61 -3.49
N GLY A 16 -0.08 -16.71 -4.15
CA GLY A 16 -1.26 -16.71 -5.00
C GLY A 16 -1.05 -15.92 -6.28
N HIS A 17 -1.87 -14.90 -6.48
CA HIS A 17 -1.78 -14.10 -7.68
C HIS A 17 -1.26 -12.70 -7.38
N GLU A 18 -0.33 -12.61 -6.44
CA GLU A 18 0.25 -11.33 -6.10
C GLU A 18 1.11 -10.82 -7.25
N GLN A 19 1.61 -9.60 -7.14
CA GLN A 19 2.43 -9.04 -8.20
C GLN A 19 3.80 -9.71 -8.28
N GLN A 20 3.88 -10.75 -9.09
CA GLN A 20 5.11 -11.52 -9.26
C GLN A 20 5.91 -11.01 -10.45
N GLY A 21 7.23 -11.20 -10.39
CA GLY A 21 8.10 -10.78 -11.47
C GLY A 21 9.04 -9.67 -11.08
N THR A 22 10.00 -9.40 -11.96
CA THR A 22 10.97 -8.35 -11.72
C THR A 22 10.76 -7.21 -12.72
N ARG A 23 10.33 -6.06 -12.21
CA ARG A 23 10.08 -4.90 -13.05
C ARG A 23 10.36 -3.62 -12.29
N PRO A 24 10.57 -2.50 -13.01
CA PRO A 24 10.83 -1.21 -12.38
C PRO A 24 9.56 -0.64 -11.75
N VAL A 25 9.44 -0.81 -10.45
CA VAL A 25 8.27 -0.32 -9.72
C VAL A 25 8.41 1.18 -9.45
N LEU A 26 7.30 1.90 -9.54
CA LEU A 26 7.31 3.33 -9.33
C LEU A 26 7.17 3.67 -7.85
N ILE A 27 8.11 4.47 -7.35
CA ILE A 27 8.10 4.90 -5.95
C ILE A 27 7.09 6.02 -5.77
N VAL A 28 6.05 5.76 -5.00
CA VAL A 28 5.00 6.74 -4.76
C VAL A 28 5.28 7.57 -3.50
N THR A 29 6.08 7.03 -2.60
CA THR A 29 6.40 7.71 -1.36
C THR A 29 7.54 8.72 -1.55
N PRO A 30 7.57 9.79 -0.73
CA PRO A 30 8.59 10.84 -0.82
C PRO A 30 9.97 10.30 -0.42
N ALA A 31 11.01 11.02 -0.83
CA ALA A 31 12.39 10.62 -0.55
C ALA A 31 12.65 10.39 0.94
N ALA A 32 12.05 11.23 1.78
CA ALA A 32 12.23 11.12 3.22
C ALA A 32 11.58 9.84 3.75
N PHE A 33 10.37 9.54 3.29
CA PHE A 33 9.65 8.35 3.73
C PHE A 33 10.43 7.08 3.40
N ASN A 34 11.08 7.08 2.24
CA ASN A 34 11.86 5.94 1.78
C ASN A 34 13.09 5.71 2.64
N ARG A 35 13.37 6.67 3.53
CA ARG A 35 14.52 6.59 4.41
C ARG A 35 14.09 6.41 5.87
N VAL A 36 13.21 7.29 6.35
CA VAL A 36 12.73 7.23 7.72
C VAL A 36 11.93 5.96 8.01
N THR A 37 10.99 5.64 7.15
CA THR A 37 10.18 4.45 7.33
C THR A 37 10.84 3.22 6.68
N ARG A 38 11.60 3.48 5.62
CA ARG A 38 12.32 2.43 4.88
C ARG A 38 11.36 1.58 4.02
N LEU A 39 10.07 1.76 4.23
CA LEU A 39 9.06 1.03 3.49
C LEU A 39 8.35 1.95 2.51
N PRO A 40 8.76 1.93 1.24
CA PRO A 40 8.18 2.77 0.20
C PRO A 40 6.96 2.13 -0.46
N VAL A 41 5.92 2.92 -0.65
CA VAL A 41 4.71 2.45 -1.31
C VAL A 41 4.98 2.48 -2.81
N VAL A 42 5.03 1.33 -3.43
CA VAL A 42 5.33 1.26 -4.85
C VAL A 42 4.18 0.69 -5.66
N VAL A 43 4.13 1.10 -6.92
CA VAL A 43 3.13 0.61 -7.86
C VAL A 43 3.85 -0.14 -8.97
N PRO A 44 3.37 -1.35 -9.29
CA PRO A 44 3.99 -2.20 -10.31
C PRO A 44 3.80 -1.71 -11.74
N VAL A 45 4.48 -2.39 -12.66
CA VAL A 45 4.41 -2.08 -14.08
C VAL A 45 4.33 -3.40 -14.84
N THR A 46 3.44 -3.47 -15.83
CA THR A 46 3.28 -4.68 -16.62
C THR A 46 3.11 -4.37 -18.10
N SER A 47 2.96 -5.42 -18.91
CA SER A 47 2.79 -5.27 -20.35
C SER A 47 1.37 -4.87 -20.71
N GLY A 48 0.49 -5.86 -20.84
CA GLY A 48 -0.88 -5.58 -21.19
C GLY A 48 -1.15 -5.94 -22.64
N GLY A 49 -0.14 -6.51 -23.28
CA GLY A 49 -0.27 -6.91 -24.67
C GLY A 49 -0.35 -5.72 -25.60
N ASN A 50 -1.50 -5.56 -26.24
CA ASN A 50 -1.72 -4.47 -27.17
C ASN A 50 -2.42 -3.30 -26.48
N PHE A 51 -2.76 -3.46 -25.21
CA PHE A 51 -3.44 -2.42 -24.45
C PHE A 51 -2.44 -1.50 -23.74
N ALA A 52 -1.42 -1.09 -24.47
CA ALA A 52 -0.40 -0.21 -23.92
C ALA A 52 -0.87 1.24 -23.96
N ARG A 53 -1.95 1.52 -23.26
CA ARG A 53 -2.52 2.86 -23.20
C ARG A 53 -3.33 3.04 -21.92
N THR A 54 -3.84 4.24 -21.71
CA THR A 54 -4.62 4.55 -20.53
C THR A 54 -5.95 3.80 -20.54
N ALA A 55 -6.17 3.00 -19.50
CA ALA A 55 -7.40 2.24 -19.35
C ALA A 55 -7.84 2.21 -17.89
N GLY A 56 -8.82 3.04 -17.56
CA GLY A 56 -9.32 3.11 -16.20
C GLY A 56 -8.31 3.69 -15.23
N PHE A 57 -7.65 2.83 -14.48
CA PHE A 57 -6.65 3.25 -13.50
C PHE A 57 -5.24 3.03 -14.03
N ALA A 58 -5.13 2.26 -15.10
CA ALA A 58 -3.84 1.97 -15.69
C ALA A 58 -3.47 3.06 -16.69
N VAL A 59 -2.48 3.87 -16.34
CA VAL A 59 -2.05 4.95 -17.22
C VAL A 59 -0.78 4.58 -17.98
N SER A 60 -0.73 4.96 -19.25
CA SER A 60 0.42 4.69 -20.09
C SER A 60 1.46 5.79 -19.94
N LEU A 61 2.73 5.42 -19.99
CA LEU A 61 3.81 6.37 -19.87
C LEU A 61 4.13 7.00 -21.23
N ASP A 62 3.53 6.45 -22.28
CA ASP A 62 3.73 6.95 -23.63
C ASP A 62 3.12 8.35 -23.77
N GLY A 63 3.89 9.26 -24.32
CA GLY A 63 3.43 10.63 -24.49
C GLY A 63 4.41 11.63 -23.93
N VAL A 64 4.99 11.29 -22.79
CA VAL A 64 5.96 12.16 -22.14
C VAL A 64 7.39 11.81 -22.54
N GLY A 65 7.54 10.70 -23.27
CA GLY A 65 8.84 10.28 -23.70
C GLY A 65 9.64 9.59 -22.62
N ILE A 66 9.63 8.27 -22.63
CA ILE A 66 10.35 7.48 -21.64
C ILE A 66 11.35 6.55 -22.30
N ARG A 67 12.27 6.01 -21.50
CA ARG A 67 13.27 5.09 -21.99
C ARG A 67 12.78 3.65 -21.89
N THR A 68 12.19 3.32 -20.75
CA THR A 68 11.67 1.98 -20.50
C THR A 68 10.34 1.73 -21.22
N THR A 69 9.63 0.68 -20.82
CA THR A 69 8.35 0.33 -21.42
C THR A 69 7.48 -0.41 -20.41
N GLY A 70 6.17 -0.15 -20.46
CA GLY A 70 5.26 -0.80 -19.55
C GLY A 70 4.11 0.11 -19.15
N VAL A 71 3.07 -0.45 -18.55
CA VAL A 71 1.93 0.33 -18.11
C VAL A 71 1.94 0.48 -16.58
N VAL A 72 1.58 1.67 -16.10
CA VAL A 72 1.55 1.95 -14.67
C VAL A 72 0.38 1.23 -14.01
N ARG A 73 0.67 0.46 -12.98
CA ARG A 73 -0.36 -0.30 -12.28
C ARG A 73 -0.70 0.34 -10.94
N CYS A 74 -1.71 1.19 -10.95
CA CYS A 74 -2.15 1.85 -9.73
C CYS A 74 -3.19 1.00 -9.01
N ASP A 75 -3.42 -0.19 -9.55
CA ASP A 75 -4.40 -1.12 -8.99
C ASP A 75 -3.78 -2.02 -7.91
N GLN A 76 -2.45 -2.05 -7.84
CA GLN A 76 -1.79 -2.90 -6.86
C GLN A 76 -0.73 -2.15 -6.04
N PRO A 77 -1.13 -1.15 -5.23
CA PRO A 77 -0.19 -0.39 -4.39
C PRO A 77 0.28 -1.26 -3.23
N ARG A 78 1.58 -1.26 -2.95
CA ARG A 78 2.10 -2.09 -1.86
C ARG A 78 3.40 -1.55 -1.29
N THR A 79 3.57 -1.73 0.01
CA THR A 79 4.77 -1.31 0.71
C THR A 79 5.72 -2.49 0.84
N ILE A 80 6.87 -2.40 0.20
CA ILE A 80 7.87 -3.46 0.25
C ILE A 80 9.24 -2.88 0.52
N ASP A 81 10.03 -3.53 1.36
CA ASP A 81 11.36 -3.05 1.67
C ASP A 81 12.30 -3.18 0.48
N MET A 82 12.80 -2.06 0.01
CA MET A 82 13.69 -2.04 -1.14
C MET A 82 15.15 -2.23 -0.70
N LYS A 83 15.39 -2.10 0.59
CA LYS A 83 16.75 -2.24 1.12
C LYS A 83 17.24 -3.68 1.08
N ALA A 84 16.46 -4.60 1.65
CA ALA A 84 16.85 -6.00 1.67
C ALA A 84 16.67 -6.67 0.31
N ARG A 85 15.78 -6.11 -0.51
CA ARG A 85 15.53 -6.66 -1.83
C ARG A 85 16.56 -6.19 -2.85
N GLY A 86 16.81 -4.89 -2.88
CA GLY A 86 17.78 -4.35 -3.82
C GLY A 86 17.22 -4.23 -5.22
N GLY A 87 17.10 -2.99 -5.69
CA GLY A 87 16.58 -2.75 -7.02
C GLY A 87 17.47 -1.83 -7.83
N LYS A 88 17.28 -1.83 -9.14
CA LYS A 88 18.06 -0.98 -10.02
C LYS A 88 17.25 0.22 -10.47
N ARG A 89 17.82 1.41 -10.32
CA ARG A 89 17.12 2.63 -10.71
C ARG A 89 17.33 2.93 -12.19
N LEU A 90 16.25 2.89 -12.95
CA LEU A 90 16.33 3.17 -14.39
C LEU A 90 16.22 4.66 -14.66
N GLU A 91 15.03 5.20 -14.47
CA GLU A 91 14.79 6.62 -14.70
C GLU A 91 13.69 7.11 -13.76
N ARG A 92 13.19 8.32 -13.98
CA ARG A 92 12.13 8.87 -13.16
C ARG A 92 11.08 9.52 -14.03
N VAL A 93 9.82 9.38 -13.63
CA VAL A 93 8.70 9.94 -14.39
C VAL A 93 8.50 11.42 -14.06
N PRO A 94 7.93 12.19 -15.01
CA PRO A 94 7.65 13.61 -14.80
C PRO A 94 6.68 13.84 -13.62
N GLU A 95 6.70 15.04 -13.06
CA GLU A 95 5.84 15.37 -11.93
C GLU A 95 4.37 15.23 -12.29
N THR A 96 4.05 15.41 -13.56
CA THR A 96 2.69 15.30 -14.05
C THR A 96 2.16 13.88 -13.86
N ILE A 97 2.98 12.90 -14.25
CA ILE A 97 2.63 11.50 -14.12
C ILE A 97 2.50 11.11 -12.65
N MET A 98 3.44 11.62 -11.85
CA MET A 98 3.44 11.35 -10.42
C MET A 98 2.17 11.88 -9.77
N ASN A 99 1.74 13.05 -10.22
CA ASN A 99 0.52 13.69 -9.68
C ASN A 99 -0.71 12.85 -9.99
N GLU A 100 -0.70 12.20 -11.14
CA GLU A 100 -1.81 11.36 -11.56
C GLU A 100 -1.96 10.17 -10.60
N VAL A 101 -0.86 9.49 -10.32
CA VAL A 101 -0.86 8.35 -9.43
C VAL A 101 -1.36 8.75 -8.04
N LEU A 102 -0.89 9.90 -7.56
CA LEU A 102 -1.29 10.41 -6.25
C LEU A 102 -2.78 10.72 -6.21
N GLY A 103 -3.32 11.18 -7.34
CA GLY A 103 -4.73 11.53 -7.41
C GLY A 103 -5.65 10.31 -7.45
N ARG A 104 -5.14 9.22 -7.97
CA ARG A 104 -5.93 7.99 -8.04
C ARG A 104 -6.00 7.31 -6.67
N LEU A 105 -4.94 7.45 -5.90
CA LEU A 105 -4.87 6.84 -4.57
C LEU A 105 -5.88 7.48 -3.62
N SER A 106 -6.16 8.76 -3.83
CA SER A 106 -7.11 9.48 -2.98
C SER A 106 -8.52 8.94 -3.13
N THR A 107 -8.82 8.38 -4.30
CA THR A 107 -10.13 7.83 -4.57
C THR A 107 -10.38 6.52 -3.83
N ILE A 108 -9.32 5.75 -3.61
CA ILE A 108 -9.46 4.47 -2.92
C ILE A 108 -9.42 4.61 -1.39
N LEU A 109 -9.19 5.83 -0.92
CA LEU A 109 -9.13 6.09 0.51
C LEU A 109 -10.54 6.32 1.05
N THR A 110 -11.34 5.26 1.09
CA THR A 110 -12.71 5.36 1.58
C THR A 110 -12.97 4.36 2.71
N MET B 1 -12.24 3.25 2.71
CA MET B 1 -12.36 2.21 3.74
C MET B 1 -13.71 1.48 3.65
N GLU B 2 -13.80 0.34 4.32
CA GLU B 2 -15.03 -0.46 4.35
C GLU B 2 -15.96 0.06 5.44
N ARG B 3 -15.59 1.20 6.02
CA ARG B 3 -16.35 1.86 7.08
C ARG B 3 -16.07 1.27 8.47
N GLY B 4 -14.80 1.31 8.86
CA GLY B 4 -14.40 0.82 10.17
C GLY B 4 -14.48 -0.68 10.32
N GLU B 5 -13.77 -1.41 9.47
CA GLU B 5 -13.78 -2.86 9.52
C GLU B 5 -12.40 -3.42 9.86
N ILE B 6 -12.30 -4.10 11.00
CA ILE B 6 -11.04 -4.70 11.43
C ILE B 6 -11.04 -6.19 11.08
N TRP B 7 -10.09 -6.61 10.28
CA TRP B 7 -9.98 -8.00 9.86
C TRP B 7 -8.70 -8.63 10.41
N LEU B 8 -8.78 -9.90 10.76
CA LEU B 8 -7.63 -10.62 11.29
C LEU B 8 -7.07 -11.58 10.23
N VAL B 9 -5.84 -11.35 9.81
CA VAL B 9 -5.22 -12.17 8.79
C VAL B 9 -3.69 -12.04 8.87
N SER B 10 -2.98 -12.92 8.19
CA SER B 10 -1.52 -12.89 8.18
C SER B 10 -1.00 -11.99 7.06
N LEU B 11 0.01 -11.20 7.37
CA LEU B 11 0.58 -10.30 6.38
C LEU B 11 1.63 -11.01 5.53
N ASP B 12 2.16 -12.10 6.07
CA ASP B 12 3.17 -12.89 5.38
C ASP B 12 2.63 -13.42 4.05
N PRO B 13 3.51 -13.68 3.07
CA PRO B 13 4.96 -13.50 3.21
C PRO B 13 5.39 -12.03 3.23
N THR B 14 6.03 -11.65 4.33
CA THR B 14 6.53 -10.30 4.51
C THR B 14 8.04 -10.35 4.73
N ALA B 15 8.76 -9.34 4.26
CA ALA B 15 10.22 -9.32 4.40
C ALA B 15 10.75 -7.91 4.64
N GLY B 16 12.06 -7.79 4.74
CA GLY B 16 12.70 -6.50 4.96
C GLY B 16 12.28 -5.84 6.25
N HIS B 17 11.45 -4.81 6.14
CA HIS B 17 10.99 -4.08 7.31
C HIS B 17 9.47 -4.24 7.46
N GLU B 18 8.89 -5.12 6.64
CA GLU B 18 7.46 -5.38 6.67
C GLU B 18 7.09 -6.14 7.96
N GLN B 19 5.88 -5.90 8.45
CA GLN B 19 5.41 -6.55 9.67
C GLN B 19 4.98 -7.99 9.40
N GLN B 20 5.81 -8.94 9.84
CA GLN B 20 5.53 -10.36 9.64
C GLN B 20 4.57 -10.89 10.70
N GLY B 21 4.02 -12.07 10.44
CA GLY B 21 3.12 -12.70 11.39
C GLY B 21 1.65 -12.42 11.11
N THR B 22 0.81 -12.79 12.06
CA THR B 22 -0.63 -12.58 11.94
C THR B 22 -1.06 -11.48 12.91
N ARG B 23 -1.62 -10.42 12.36
CA ARG B 23 -2.07 -9.29 13.16
C ARG B 23 -3.31 -8.66 12.54
N PRO B 24 -4.14 -7.99 13.38
CA PRO B 24 -5.36 -7.33 12.90
C PRO B 24 -5.02 -6.20 11.93
N VAL B 25 -5.75 -6.13 10.83
CA VAL B 25 -5.53 -5.11 9.83
C VAL B 25 -6.82 -4.43 9.41
N LEU B 26 -6.71 -3.19 8.99
CA LEU B 26 -7.85 -2.42 8.54
C LEU B 26 -7.80 -2.21 7.03
N ILE B 27 -8.83 -2.66 6.33
CA ILE B 27 -8.88 -2.51 4.88
C ILE B 27 -9.05 -1.05 4.48
N VAL B 28 -8.10 -0.52 3.73
CA VAL B 28 -8.13 0.86 3.29
C VAL B 28 -9.06 1.06 2.09
N THR B 29 -9.01 0.11 1.17
CA THR B 29 -9.83 0.16 -0.04
C THR B 29 -11.30 -0.05 0.29
N PRO B 30 -12.20 0.62 -0.47
CA PRO B 30 -13.64 0.51 -0.25
C PRO B 30 -14.21 -0.81 -0.77
N ALA B 31 -15.43 -1.11 -0.33
CA ALA B 31 -16.10 -2.34 -0.71
C ALA B 31 -16.22 -2.49 -2.23
N ALA B 32 -16.49 -1.37 -2.90
CA ALA B 32 -16.65 -1.36 -4.36
C ALA B 32 -15.32 -1.60 -5.08
N PHE B 33 -14.25 -1.80 -4.33
CA PHE B 33 -12.95 -2.05 -4.93
C PHE B 33 -12.44 -3.42 -4.48
N ASN B 34 -12.65 -3.72 -3.21
CA ASN B 34 -12.23 -4.99 -2.62
C ASN B 34 -12.86 -6.19 -3.32
N ARG B 35 -14.09 -6.00 -3.80
CA ARG B 35 -14.80 -7.07 -4.49
C ARG B 35 -14.63 -7.02 -5.99
N VAL B 36 -13.83 -6.07 -6.47
CA VAL B 36 -13.58 -5.93 -7.90
C VAL B 36 -12.12 -6.27 -8.22
N THR B 37 -11.20 -5.73 -7.43
CA THR B 37 -9.77 -5.98 -7.62
C THR B 37 -9.37 -7.24 -6.87
N ARG B 38 -10.15 -7.58 -5.85
CA ARG B 38 -9.92 -8.78 -5.03
C ARG B 38 -8.76 -8.63 -4.04
N LEU B 39 -7.68 -7.97 -4.46
CA LEU B 39 -6.52 -7.75 -3.60
C LEU B 39 -6.57 -6.34 -3.01
N PRO B 40 -6.99 -6.22 -1.74
CA PRO B 40 -7.10 -4.93 -1.06
C PRO B 40 -5.87 -4.54 -0.26
N VAL B 41 -5.78 -3.27 0.09
CA VAL B 41 -4.68 -2.75 0.89
C VAL B 41 -5.12 -2.70 2.34
N VAL B 42 -4.23 -3.10 3.25
CA VAL B 42 -4.58 -3.13 4.66
C VAL B 42 -3.60 -2.34 5.53
N VAL B 43 -4.13 -1.81 6.63
CA VAL B 43 -3.34 -1.07 7.61
C VAL B 43 -2.96 -2.00 8.75
N PRO B 44 -1.67 -2.33 8.88
CA PRO B 44 -1.18 -3.22 9.93
C PRO B 44 -1.22 -2.58 11.31
N VAL B 45 -1.83 -3.28 12.26
CA VAL B 45 -1.92 -2.79 13.62
C VAL B 45 -0.86 -3.47 14.48
N THR B 46 -0.16 -2.68 15.28
CA THR B 46 0.88 -3.21 16.15
C THR B 46 0.34 -3.40 17.57
N SER B 47 -0.16 -4.60 17.85
CA SER B 47 -0.70 -4.92 19.15
C SER B 47 0.42 -5.28 20.13
N GLY B 48 0.18 -5.07 21.40
CA GLY B 48 1.19 -5.39 22.41
C GLY B 48 0.93 -4.66 23.70
N GLY B 49 0.92 -3.34 23.64
CA GLY B 49 0.68 -2.55 24.82
C GLY B 49 0.01 -1.25 24.50
N ASN B 50 -0.45 -0.55 25.53
CA ASN B 50 -1.11 0.74 25.36
C ASN B 50 -0.25 1.86 25.91
N PHE B 51 1.06 1.63 25.93
CA PHE B 51 2.00 2.63 26.45
C PHE B 51 2.13 3.78 25.45
N ALA B 52 2.22 3.44 24.17
CA ALA B 52 2.34 4.43 23.13
C ALA B 52 0.95 4.87 22.68
N ARG B 53 0.62 6.13 22.94
CA ARG B 53 -0.69 6.66 22.57
C ARG B 53 -0.64 7.26 21.16
N THR B 54 0.42 7.97 20.87
CA THR B 54 0.57 8.61 19.57
C THR B 54 2.04 8.70 19.15
N ALA B 55 2.35 8.09 18.02
CA ALA B 55 3.70 8.10 17.48
C ALA B 55 3.68 8.43 15.99
N GLY B 56 3.53 9.71 15.69
CA GLY B 56 3.51 10.15 14.30
C GLY B 56 2.24 9.73 13.58
N PHE B 57 2.27 8.54 13.00
CA PHE B 57 1.12 8.01 12.27
C PHE B 57 0.43 6.94 13.09
N ALA B 58 1.14 6.43 14.10
CA ALA B 58 0.60 5.39 14.95
C ALA B 58 -0.28 5.96 16.06
N VAL B 59 -1.54 5.54 16.05
CA VAL B 59 -2.50 5.99 17.05
C VAL B 59 -3.01 4.78 17.83
N SER B 60 -3.08 4.90 19.15
CA SER B 60 -3.54 3.81 19.99
C SER B 60 -5.05 3.68 19.94
N LEU B 61 -5.53 2.45 19.83
CA LEU B 61 -6.97 2.18 19.77
C LEU B 61 -7.53 1.97 21.18
N ASP B 62 -6.66 2.04 22.16
CA ASP B 62 -7.05 1.85 23.56
C ASP B 62 -7.62 3.13 24.15
N GLY B 63 -8.56 2.99 25.07
CA GLY B 63 -9.17 4.14 25.70
C GLY B 63 -10.57 4.40 25.20
N VAL B 64 -10.78 4.19 23.90
CA VAL B 64 -12.08 4.42 23.29
C VAL B 64 -13.03 3.24 23.52
N GLY B 65 -12.46 2.04 23.69
CA GLY B 65 -13.29 0.87 23.93
C GLY B 65 -13.11 -0.20 22.86
N ILE B 66 -11.98 -0.18 22.19
CA ILE B 66 -11.69 -1.15 21.14
C ILE B 66 -10.97 -2.35 21.76
N ARG B 67 -11.34 -3.56 21.35
CA ARG B 67 -10.74 -4.77 21.87
C ARG B 67 -9.29 -4.89 21.43
N THR B 68 -9.04 -4.58 20.17
CA THR B 68 -7.71 -4.62 19.61
C THR B 68 -6.81 -3.53 20.21
N THR B 69 -6.02 -3.93 21.21
CA THR B 69 -5.13 -3.00 21.90
C THR B 69 -3.80 -2.86 21.15
N GLY B 70 -3.68 -1.81 20.36
CA GLY B 70 -2.46 -1.59 19.62
C GLY B 70 -2.51 -0.29 18.86
N VAL B 71 -1.43 0.00 18.14
CA VAL B 71 -1.35 1.23 17.35
C VAL B 71 -1.49 0.92 15.86
N VAL B 72 -2.26 1.74 15.16
CA VAL B 72 -2.48 1.54 13.73
C VAL B 72 -1.36 2.18 12.91
N ARG B 73 -0.90 1.46 11.89
CA ARG B 73 0.14 1.96 11.02
C ARG B 73 -0.41 2.21 9.62
N CYS B 74 -0.96 3.39 9.40
CA CYS B 74 -1.54 3.74 8.11
C CYS B 74 -0.46 4.22 7.14
N ASP B 75 0.79 4.11 7.56
CA ASP B 75 1.92 4.54 6.76
C ASP B 75 2.40 3.42 5.84
N GLN B 76 1.89 2.21 6.04
CA GLN B 76 2.31 1.08 5.21
C GLN B 76 1.13 0.21 4.74
N PRO B 77 0.41 0.67 3.71
CA PRO B 77 -0.72 -0.06 3.16
C PRO B 77 -0.30 -1.00 2.02
N ARG B 78 -0.14 -2.28 2.35
CA ARG B 78 0.28 -3.26 1.36
C ARG B 78 -0.90 -4.11 0.88
N THR B 79 -0.93 -4.41 -0.41
CA THR B 79 -1.97 -5.24 -0.98
C THR B 79 -1.71 -6.70 -0.62
N ILE B 80 -2.70 -7.36 -0.03
CA ILE B 80 -2.57 -8.75 0.34
C ILE B 80 -3.79 -9.54 -0.13
N ASP B 81 -3.80 -10.83 0.16
CA ASP B 81 -4.92 -11.68 -0.24
C ASP B 81 -5.90 -11.86 0.91
N MET B 82 -7.18 -11.84 0.59
CA MET B 82 -8.23 -12.02 1.59
C MET B 82 -9.15 -13.15 1.15
N LYS B 83 -8.60 -14.10 0.42
CA LYS B 83 -9.36 -15.23 -0.06
C LYS B 83 -8.79 -16.56 0.43
N ALA B 84 -7.51 -16.78 0.16
CA ALA B 84 -6.84 -18.01 0.56
C ALA B 84 -6.21 -17.85 1.94
N ARG B 85 -5.75 -16.63 2.23
CA ARG B 85 -5.12 -16.33 3.51
C ARG B 85 -6.11 -16.47 4.66
N GLY B 86 -7.40 -16.35 4.34
CA GLY B 86 -8.43 -16.48 5.36
C GLY B 86 -8.70 -15.18 6.07
N GLY B 87 -9.63 -14.41 5.55
CA GLY B 87 -9.96 -13.13 6.17
C GLY B 87 -11.17 -13.23 7.07
N LYS B 88 -11.06 -12.68 8.27
CA LYS B 88 -12.16 -12.71 9.24
C LYS B 88 -12.28 -11.36 9.95
N ARG B 89 -13.49 -10.83 10.00
CA ARG B 89 -13.75 -9.55 10.65
C ARG B 89 -13.93 -9.74 12.16
N LEU B 90 -13.17 -8.98 12.93
CA LEU B 90 -13.23 -9.08 14.38
C LEU B 90 -14.26 -8.10 14.96
N GLU B 91 -13.92 -6.82 14.95
CA GLU B 91 -14.80 -5.80 15.48
C GLU B 91 -14.92 -4.63 14.52
N ARG B 92 -15.85 -3.73 14.81
CA ARG B 92 -16.06 -2.56 13.97
C ARG B 92 -15.48 -1.32 14.65
N VAL B 93 -14.88 -0.45 13.86
CA VAL B 93 -14.26 0.78 14.36
C VAL B 93 -15.31 1.87 14.53
N PRO B 94 -15.30 2.55 15.70
CA PRO B 94 -16.24 3.65 15.96
C PRO B 94 -16.03 4.80 14.98
N GLU B 95 -17.06 5.60 14.78
CA GLU B 95 -17.00 6.73 13.84
C GLU B 95 -15.88 7.71 14.20
N THR B 96 -15.68 7.94 15.49
CA THR B 96 -14.65 8.86 15.96
C THR B 96 -13.26 8.37 15.52
N ILE B 97 -13.04 7.07 15.58
CA ILE B 97 -11.76 6.49 15.20
C ILE B 97 -11.69 6.32 13.68
N MET B 98 -12.83 6.06 13.06
CA MET B 98 -12.91 5.90 11.61
C MET B 98 -12.40 7.16 10.91
N ASN B 99 -12.84 8.31 11.39
CA ASN B 99 -12.43 9.60 10.84
C ASN B 99 -10.93 9.80 11.04
N GLU B 100 -10.43 9.32 12.17
CA GLU B 100 -9.02 9.42 12.50
C GLU B 100 -8.17 8.71 11.45
N VAL B 101 -8.60 7.52 11.06
CA VAL B 101 -7.91 6.73 10.06
C VAL B 101 -7.87 7.49 8.73
N LEU B 102 -9.01 8.07 8.35
CA LEU B 102 -9.11 8.83 7.11
C LEU B 102 -8.14 9.99 7.12
N GLY B 103 -8.04 10.67 8.26
CA GLY B 103 -7.13 11.79 8.40
C GLY B 103 -5.69 11.35 8.24
N ARG B 104 -5.34 10.22 8.86
CA ARG B 104 -4.00 9.68 8.79
C ARG B 104 -3.64 9.29 7.36
N LEU B 105 -4.65 8.86 6.61
CA LEU B 105 -4.46 8.45 5.22
C LEU B 105 -4.14 9.68 4.35
N SER B 106 -4.51 10.85 4.84
CA SER B 106 -4.25 12.08 4.12
C SER B 106 -2.85 12.60 4.43
N THR B 107 -2.33 12.20 5.59
CA THR B 107 -1.01 12.62 6.03
C THR B 107 0.08 11.98 5.16
N ILE B 108 -0.14 10.73 4.77
CA ILE B 108 0.84 10.01 3.95
C ILE B 108 0.81 10.46 2.49
N LEU B 109 -0.07 11.40 2.18
CA LEU B 109 -0.19 11.93 0.82
C LEU B 109 0.72 13.12 0.61
N THR B 110 1.60 13.36 1.58
CA THR B 110 2.53 14.49 1.49
C THR B 110 3.83 14.04 0.82
N MET A 1 17.05 8.18 -3.30
CA MET A 1 15.82 7.98 -4.10
C MET A 1 14.89 9.18 -3.96
N GLU A 2 14.28 9.57 -5.07
CA GLU A 2 13.36 10.70 -5.09
C GLU A 2 12.02 10.29 -5.65
N ARG A 3 11.05 11.18 -5.51
CA ARG A 3 9.71 10.92 -6.03
C ARG A 3 9.72 10.98 -7.55
N GLY A 4 9.19 9.95 -8.18
CA GLY A 4 9.17 9.91 -9.62
C GLY A 4 10.21 8.99 -10.20
N GLU A 5 11.08 8.45 -9.36
CA GLU A 5 12.12 7.54 -9.80
C GLU A 5 11.56 6.13 -10.01
N ILE A 6 12.12 5.41 -10.96
CA ILE A 6 11.69 4.05 -11.25
C ILE A 6 12.77 3.06 -10.84
N TRP A 7 12.41 2.16 -9.93
CA TRP A 7 13.34 1.17 -9.42
C TRP A 7 12.89 -0.24 -9.82
N LEU A 8 13.85 -1.14 -9.99
CA LEU A 8 13.54 -2.52 -10.35
C LEU A 8 13.74 -3.45 -9.16
N VAL A 9 12.66 -4.10 -8.73
CA VAL A 9 12.71 -5.02 -7.59
C VAL A 9 11.45 -5.89 -7.53
N SER A 10 11.59 -7.10 -7.03
CA SER A 10 10.46 -8.02 -6.90
C SER A 10 9.60 -7.65 -5.70
N LEU A 11 8.28 -7.79 -5.86
CA LEU A 11 7.35 -7.46 -4.79
C LEU A 11 6.93 -8.69 -4.01
N ASP A 12 7.53 -9.82 -4.37
CA ASP A 12 7.24 -11.11 -3.74
C ASP A 12 7.84 -11.14 -2.32
N PRO A 13 7.69 -12.25 -1.54
CA PRO A 13 6.99 -13.47 -1.95
C PRO A 13 5.47 -13.33 -1.83
N THR A 14 4.78 -13.78 -2.86
CA THR A 14 3.33 -13.72 -2.89
C THR A 14 2.72 -15.11 -2.72
N ALA A 15 1.49 -15.15 -2.24
CA ALA A 15 0.76 -16.39 -2.04
C ALA A 15 -0.65 -16.25 -2.60
N GLY A 16 -0.85 -16.82 -3.78
CA GLY A 16 -2.14 -16.74 -4.44
C GLY A 16 -1.99 -15.92 -5.70
N HIS A 17 -2.66 -14.78 -5.75
CA HIS A 17 -2.57 -13.91 -6.93
C HIS A 17 -2.36 -12.45 -6.52
N GLU A 18 -1.12 -12.12 -6.16
CA GLU A 18 -0.78 -10.76 -5.76
C GLU A 18 0.13 -10.17 -6.84
N GLN A 19 1.03 -9.28 -6.44
CA GLN A 19 1.97 -8.65 -7.35
C GLN A 19 3.17 -9.58 -7.59
N GLN A 20 2.87 -10.81 -7.97
CA GLN A 20 3.88 -11.82 -8.23
C GLN A 20 4.73 -11.49 -9.45
N GLY A 21 6.04 -11.54 -9.28
CA GLY A 21 6.95 -11.27 -10.37
C GLY A 21 7.76 -10.00 -10.17
N THR A 22 8.98 -10.01 -10.67
CA THR A 22 9.87 -8.87 -10.58
C THR A 22 9.51 -7.84 -11.66
N ARG A 23 9.18 -6.64 -11.22
CA ARG A 23 8.79 -5.58 -12.14
C ARG A 23 9.27 -4.23 -11.63
N PRO A 24 9.34 -3.23 -12.51
CA PRO A 24 9.75 -1.88 -12.12
C PRO A 24 8.68 -1.24 -11.24
N VAL A 25 9.11 -0.43 -10.29
CA VAL A 25 8.19 0.24 -9.39
C VAL A 25 8.49 1.74 -9.35
N LEU A 26 7.43 2.53 -9.31
CA LEU A 26 7.56 3.98 -9.28
C LEU A 26 7.50 4.49 -7.83
N ILE A 27 8.49 5.30 -7.46
CA ILE A 27 8.54 5.87 -6.12
C ILE A 27 7.56 7.03 -6.00
N VAL A 28 6.49 6.82 -5.24
CA VAL A 28 5.46 7.85 -5.07
C VAL A 28 5.81 8.79 -3.92
N THR A 29 6.56 8.27 -2.94
CA THR A 29 6.95 9.06 -1.79
C THR A 29 8.08 10.04 -2.14
N PRO A 30 8.08 11.23 -1.52
CA PRO A 30 9.11 12.25 -1.76
C PRO A 30 10.46 11.86 -1.16
N ALA A 31 11.52 12.46 -1.68
CA ALA A 31 12.88 12.19 -1.22
C ALA A 31 13.02 12.35 0.30
N ALA A 32 12.37 13.37 0.84
CA ALA A 32 12.42 13.64 2.27
C ALA A 32 11.88 12.47 3.09
N PHE A 33 10.70 11.98 2.72
CA PHE A 33 10.08 10.86 3.42
C PHE A 33 10.93 9.59 3.27
N ASN A 34 11.49 9.40 2.09
CA ASN A 34 12.33 8.25 1.81
C ASN A 34 13.62 8.27 2.62
N ARG A 35 13.98 9.46 3.07
CA ARG A 35 15.21 9.64 3.85
C ARG A 35 14.94 9.51 5.35
N VAL A 36 13.78 9.96 5.80
CA VAL A 36 13.44 9.90 7.22
C VAL A 36 12.88 8.53 7.63
N THR A 37 11.88 8.05 6.89
CA THR A 37 11.26 6.77 7.19
C THR A 37 12.02 5.62 6.53
N ARG A 38 12.59 5.92 5.36
CA ARG A 38 13.36 4.93 4.59
C ARG A 38 12.46 3.82 4.06
N LEU A 39 11.17 4.13 3.94
CA LEU A 39 10.19 3.17 3.44
C LEU A 39 9.32 3.86 2.39
N PRO A 40 9.63 3.60 1.11
CA PRO A 40 8.91 4.21 0.01
C PRO A 40 7.69 3.42 -0.47
N VAL A 41 6.63 4.14 -0.80
CA VAL A 41 5.41 3.54 -1.30
C VAL A 41 5.53 3.48 -2.81
N VAL A 42 5.38 2.29 -3.39
CA VAL A 42 5.54 2.15 -4.82
C VAL A 42 4.32 1.54 -5.50
N VAL A 43 4.30 1.70 -6.82
CA VAL A 43 3.25 1.17 -7.67
C VAL A 43 3.87 0.25 -8.71
N PRO A 44 3.30 -0.93 -8.93
CA PRO A 44 3.81 -1.91 -9.89
C PRO A 44 3.55 -1.58 -11.37
N VAL A 45 4.60 -1.62 -12.16
CA VAL A 45 4.50 -1.37 -13.58
C VAL A 45 4.20 -2.68 -14.31
N THR A 46 3.05 -2.75 -14.97
CA THR A 46 2.65 -3.95 -15.69
C THR A 46 1.83 -3.57 -16.92
N SER A 47 1.18 -4.56 -17.54
CA SER A 47 0.38 -4.32 -18.73
C SER A 47 -1.00 -3.79 -18.34
N GLY A 48 -1.65 -3.08 -19.26
CA GLY A 48 -2.96 -2.54 -19.00
C GLY A 48 -4.04 -3.33 -19.70
N GLY A 49 -4.26 -4.55 -19.22
CA GLY A 49 -5.24 -5.42 -19.83
C GLY A 49 -4.60 -6.28 -20.89
N ASN A 50 -4.94 -6.03 -22.14
CA ASN A 50 -4.36 -6.78 -23.26
C ASN A 50 -3.37 -5.89 -24.02
N PHE A 51 -3.36 -4.61 -23.68
CA PHE A 51 -2.49 -3.65 -24.34
C PHE A 51 -1.80 -2.77 -23.29
N ALA A 52 -1.15 -1.72 -23.76
CA ALA A 52 -0.45 -0.79 -22.87
C ALA A 52 -1.20 0.53 -22.84
N ARG A 53 -2.41 0.50 -22.32
CA ARG A 53 -3.25 1.69 -22.27
C ARG A 53 -3.83 1.88 -20.87
N THR A 54 -4.64 2.93 -20.72
CA THR A 54 -5.27 3.26 -19.46
C THR A 54 -6.32 2.21 -19.09
N ALA A 55 -5.98 1.34 -18.15
CA ALA A 55 -6.90 0.30 -17.71
C ALA A 55 -7.25 0.48 -16.24
N GLY A 56 -8.32 1.24 -15.98
CA GLY A 56 -8.76 1.46 -14.62
C GLY A 56 -7.94 2.50 -13.89
N PHE A 57 -7.00 2.05 -13.08
CA PHE A 57 -6.15 2.94 -12.30
C PHE A 57 -4.73 2.99 -12.87
N ALA A 58 -4.57 2.55 -14.10
CA ALA A 58 -3.27 2.57 -14.76
C ALA A 58 -3.02 3.96 -15.32
N VAL A 59 -1.80 4.47 -15.16
CA VAL A 59 -1.48 5.80 -15.65
C VAL A 59 -0.99 5.76 -17.10
N SER A 60 -1.03 6.91 -17.76
CA SER A 60 -0.62 7.02 -19.15
C SER A 60 0.90 7.23 -19.26
N LEU A 61 1.64 6.13 -19.42
CA LEU A 61 3.09 6.20 -19.54
C LEU A 61 3.53 6.41 -20.99
N ASP A 62 2.78 5.86 -21.92
CA ASP A 62 3.12 5.97 -23.33
C ASP A 62 2.95 7.40 -23.84
N GLY A 63 4.05 8.03 -24.22
CA GLY A 63 4.00 9.38 -24.72
C GLY A 63 5.03 10.29 -24.08
N VAL A 64 5.67 9.82 -23.02
CA VAL A 64 6.68 10.63 -22.34
C VAL A 64 8.07 10.39 -22.91
N GLY A 65 8.21 9.30 -23.66
CA GLY A 65 9.50 8.97 -24.27
C GLY A 65 10.52 8.44 -23.29
N ILE A 66 10.13 7.43 -22.53
CA ILE A 66 11.03 6.82 -21.55
C ILE A 66 11.57 5.49 -22.04
N ARG A 67 12.26 4.78 -21.16
CA ARG A 67 12.83 3.48 -21.50
C ARG A 67 11.99 2.35 -20.92
N THR A 68 11.39 2.62 -19.77
CA THR A 68 10.53 1.66 -19.07
C THR A 68 9.40 1.20 -19.99
N THR A 69 9.39 -0.10 -20.28
CA THR A 69 8.37 -0.68 -21.13
C THR A 69 7.23 -1.24 -20.30
N GLY A 70 6.07 -0.58 -20.37
CA GLY A 70 4.93 -1.02 -19.62
C GLY A 70 4.07 0.13 -19.16
N VAL A 71 3.17 -0.15 -18.24
CA VAL A 71 2.27 0.86 -17.71
C VAL A 71 2.23 0.82 -16.20
N VAL A 72 2.41 1.97 -15.57
CA VAL A 72 2.36 2.07 -14.12
C VAL A 72 0.93 1.90 -13.65
N ARG A 73 0.64 0.79 -13.00
CA ARG A 73 -0.70 0.51 -12.53
C ARG A 73 -0.81 0.84 -11.04
N CYS A 74 -1.73 1.73 -10.71
CA CYS A 74 -1.93 2.13 -9.33
C CYS A 74 -3.11 1.39 -8.71
N ASP A 75 -3.28 0.14 -9.12
CA ASP A 75 -4.37 -0.68 -8.59
C ASP A 75 -4.05 -1.18 -7.19
N GLN A 76 -2.98 -1.94 -7.08
CA GLN A 76 -2.57 -2.47 -5.78
C GLN A 76 -1.21 -1.90 -5.35
N PRO A 77 -1.20 -0.68 -4.80
CA PRO A 77 0.04 -0.04 -4.34
C PRO A 77 0.39 -0.49 -2.93
N ARG A 78 1.67 -0.40 -2.57
CA ARG A 78 2.11 -0.81 -1.25
C ARG A 78 3.53 -0.35 -0.98
N THR A 79 3.93 -0.43 0.29
CA THR A 79 5.28 -0.05 0.68
C THR A 79 6.17 -1.30 0.67
N ILE A 80 7.42 -1.12 0.31
CA ILE A 80 8.37 -2.23 0.27
C ILE A 80 9.69 -1.83 0.91
N ASP A 81 10.38 -2.81 1.47
CA ASP A 81 11.67 -2.58 2.09
C ASP A 81 12.72 -2.33 1.02
N MET A 82 13.64 -1.42 1.31
CA MET A 82 14.70 -1.12 0.37
C MET A 82 16.08 -1.37 1.00
N LYS A 83 16.08 -1.91 2.20
CA LYS A 83 17.32 -2.19 2.92
C LYS A 83 17.78 -3.62 2.66
N ALA A 84 16.87 -4.56 2.77
CA ALA A 84 17.19 -5.96 2.55
C ALA A 84 16.92 -6.34 1.11
N ARG A 85 15.82 -5.85 0.55
CA ARG A 85 15.46 -6.13 -0.84
C ARG A 85 16.53 -5.57 -1.78
N GLY A 86 16.77 -4.28 -1.69
CA GLY A 86 17.78 -3.64 -2.52
C GLY A 86 17.37 -3.54 -3.98
N GLY A 87 16.63 -2.49 -4.31
CA GLY A 87 16.21 -2.29 -5.68
C GLY A 87 17.26 -1.57 -6.52
N LYS A 88 17.03 -1.49 -7.82
CA LYS A 88 17.96 -0.82 -8.71
C LYS A 88 17.26 0.32 -9.45
N ARG A 89 17.78 1.53 -9.31
CA ARG A 89 17.19 2.70 -9.96
C ARG A 89 17.56 2.74 -11.43
N LEU A 90 16.59 3.07 -12.28
CA LEU A 90 16.82 3.17 -13.70
C LEU A 90 16.68 4.61 -14.16
N GLU A 91 15.45 5.06 -14.36
CA GLU A 91 15.17 6.41 -14.80
C GLU A 91 14.08 7.05 -13.93
N ARG A 92 13.51 8.14 -14.40
CA ARG A 92 12.46 8.83 -13.66
C ARG A 92 11.45 9.46 -14.61
N VAL A 93 10.23 9.66 -14.13
CA VAL A 93 9.17 10.24 -14.93
C VAL A 93 8.93 11.71 -14.56
N PRO A 94 8.37 12.50 -15.49
CA PRO A 94 8.08 13.92 -15.25
C PRO A 94 6.95 14.10 -14.23
N GLU A 95 6.79 15.34 -13.73
CA GLU A 95 5.75 15.65 -12.76
C GLU A 95 4.35 15.33 -13.27
N THR A 96 4.21 15.31 -14.59
CA THR A 96 2.94 15.01 -15.24
C THR A 96 2.44 13.63 -14.84
N ILE A 97 3.36 12.67 -14.77
CA ILE A 97 3.02 11.30 -14.40
C ILE A 97 2.67 11.23 -12.92
N MET A 98 3.39 11.99 -12.12
CA MET A 98 3.14 12.02 -10.68
C MET A 98 1.73 12.53 -10.39
N ASN A 99 1.28 13.50 -11.18
CA ASN A 99 -0.05 14.06 -11.02
C ASN A 99 -1.11 12.99 -11.30
N GLU A 100 -0.80 12.12 -12.26
CA GLU A 100 -1.70 11.03 -12.62
C GLU A 100 -1.84 10.07 -11.45
N VAL A 101 -0.70 9.74 -10.84
CA VAL A 101 -0.68 8.84 -9.69
C VAL A 101 -1.43 9.45 -8.50
N LEU A 102 -1.22 10.75 -8.30
CA LEU A 102 -1.89 11.47 -7.21
C LEU A 102 -3.40 11.31 -7.29
N GLY A 103 -3.92 11.41 -8.51
CA GLY A 103 -5.35 11.27 -8.72
C GLY A 103 -5.84 9.88 -8.37
N ARG A 104 -5.07 8.88 -8.76
CA ARG A 104 -5.42 7.49 -8.48
C ARG A 104 -5.48 7.24 -6.98
N LEU A 105 -4.47 7.73 -6.26
CA LEU A 105 -4.40 7.57 -4.81
C LEU A 105 -5.57 8.27 -4.13
N SER A 106 -5.91 9.46 -4.62
CA SER A 106 -6.99 10.24 -4.06
C SER A 106 -8.36 9.61 -4.38
N THR A 107 -8.35 8.52 -5.13
CA THR A 107 -9.58 7.84 -5.49
C THR A 107 -9.72 6.53 -4.70
N ILE A 108 -8.61 5.88 -4.41
CA ILE A 108 -8.63 4.63 -3.65
C ILE A 108 -8.79 4.88 -2.15
N LEU A 109 -8.40 6.05 -1.70
CA LEU A 109 -8.49 6.41 -0.28
C LEU A 109 -9.93 6.74 0.10
N THR A 110 -10.71 5.69 0.35
CA THR A 110 -12.11 5.84 0.73
C THR A 110 -12.50 4.73 1.69
N MET B 1 -12.39 3.49 1.21
CA MET B 1 -12.71 2.30 1.98
C MET B 1 -14.21 2.14 2.25
N GLU B 2 -14.57 1.01 2.82
CA GLU B 2 -15.95 0.71 3.16
C GLU B 2 -16.26 1.27 4.55
N ARG B 3 -15.18 1.53 5.31
CA ARG B 3 -15.25 2.08 6.66
C ARG B 3 -15.64 1.04 7.70
N GLY B 4 -14.72 0.74 8.62
CA GLY B 4 -14.97 -0.20 9.68
C GLY B 4 -14.76 -1.65 9.29
N GLU B 5 -13.62 -1.95 8.68
CA GLU B 5 -13.34 -3.32 8.27
C GLU B 5 -12.00 -3.83 8.79
N ILE B 6 -12.03 -4.41 9.99
CA ILE B 6 -10.82 -4.97 10.59
C ILE B 6 -10.86 -6.49 10.43
N TRP B 7 -10.02 -7.00 9.54
CA TRP B 7 -9.96 -8.42 9.27
C TRP B 7 -8.69 -9.04 9.83
N LEU B 8 -8.71 -10.35 10.01
CA LEU B 8 -7.57 -11.09 10.50
C LEU B 8 -7.02 -11.97 9.40
N VAL B 9 -5.76 -11.76 9.05
CA VAL B 9 -5.14 -12.53 8.00
C VAL B 9 -3.63 -12.64 8.23
N SER B 10 -3.02 -13.66 7.65
CA SER B 10 -1.59 -13.85 7.77
C SER B 10 -0.85 -12.99 6.75
N LEU B 11 -0.01 -12.09 7.25
CA LEU B 11 0.75 -11.20 6.38
C LEU B 11 1.86 -11.95 5.66
N ASP B 12 2.32 -13.03 6.28
CA ASP B 12 3.38 -13.87 5.71
C ASP B 12 2.94 -14.46 4.37
N PRO B 13 3.88 -14.70 3.45
CA PRO B 13 5.30 -14.41 3.65
C PRO B 13 5.66 -12.96 3.33
N THR B 14 6.53 -12.39 4.14
CA THR B 14 6.99 -11.03 3.95
C THR B 14 8.51 -10.97 4.08
N ALA B 15 9.17 -10.36 3.10
CA ALA B 15 10.61 -10.26 3.11
C ALA B 15 11.08 -8.87 3.52
N GLY B 16 12.39 -8.73 3.68
CA GLY B 16 12.96 -7.45 4.06
C GLY B 16 12.66 -7.06 5.49
N HIS B 17 12.26 -5.81 5.67
CA HIS B 17 11.94 -5.28 6.98
C HIS B 17 10.46 -4.93 7.06
N GLU B 18 9.65 -5.65 6.29
CA GLU B 18 8.21 -5.43 6.26
C GLU B 18 7.54 -6.17 7.42
N GLN B 19 6.26 -5.87 7.65
CA GLN B 19 5.50 -6.49 8.73
C GLN B 19 5.14 -7.93 8.41
N GLN B 20 5.35 -8.82 9.37
CA GLN B 20 5.06 -10.24 9.21
C GLN B 20 4.14 -10.74 10.32
N GLY B 21 3.83 -12.03 10.29
CA GLY B 21 2.98 -12.62 11.31
C GLY B 21 1.49 -12.49 11.01
N THR B 22 0.68 -13.24 11.75
CA THR B 22 -0.76 -13.20 11.58
C THR B 22 -1.35 -12.24 12.62
N ARG B 23 -1.86 -11.11 12.15
CA ARG B 23 -2.42 -10.10 13.03
C ARG B 23 -3.54 -9.35 12.32
N PRO B 24 -4.39 -8.64 13.09
CA PRO B 24 -5.49 -7.87 12.52
C PRO B 24 -4.98 -6.81 11.54
N VAL B 25 -5.71 -6.61 10.46
CA VAL B 25 -5.33 -5.64 9.45
C VAL B 25 -6.54 -4.81 9.03
N LEU B 26 -6.32 -3.52 8.83
CA LEU B 26 -7.39 -2.63 8.41
C LEU B 26 -7.30 -2.37 6.92
N ILE B 27 -8.36 -2.70 6.19
CA ILE B 27 -8.39 -2.50 4.74
C ILE B 27 -8.49 -1.01 4.43
N VAL B 28 -7.86 -0.59 3.33
CA VAL B 28 -7.88 0.81 2.92
C VAL B 28 -8.66 1.00 1.62
N THR B 29 -8.69 -0.03 0.79
CA THR B 29 -9.38 0.03 -0.49
C THR B 29 -10.91 0.09 -0.30
N PRO B 30 -11.62 0.77 -1.23
CA PRO B 30 -13.08 0.91 -1.17
C PRO B 30 -13.83 -0.33 -1.63
N ALA B 31 -15.16 -0.28 -1.52
CA ALA B 31 -16.02 -1.39 -1.91
C ALA B 31 -15.97 -1.59 -3.42
N ALA B 32 -15.78 -0.51 -4.15
CA ALA B 32 -15.70 -0.56 -5.61
C ALA B 32 -14.33 -1.07 -6.07
N PHE B 33 -13.62 -1.71 -5.16
CA PHE B 33 -12.31 -2.25 -5.46
C PHE B 33 -12.18 -3.65 -4.87
N ASN B 34 -12.44 -3.76 -3.57
CA ASN B 34 -12.34 -5.03 -2.85
C ASN B 34 -13.22 -6.11 -3.47
N ARG B 35 -14.41 -5.71 -3.89
CA ARG B 35 -15.36 -6.65 -4.49
C ARG B 35 -15.23 -6.69 -6.01
N VAL B 36 -14.20 -6.03 -6.53
CA VAL B 36 -13.97 -5.99 -7.96
C VAL B 36 -12.65 -6.68 -8.33
N THR B 37 -11.54 -6.12 -7.86
CA THR B 37 -10.22 -6.67 -8.15
C THR B 37 -9.94 -7.87 -7.27
N ARG B 38 -10.74 -8.00 -6.21
CA ARG B 38 -10.61 -9.10 -5.27
C ARG B 38 -9.23 -9.09 -4.61
N LEU B 39 -8.67 -7.90 -4.48
CA LEU B 39 -7.36 -7.70 -3.87
C LEU B 39 -7.38 -6.41 -3.07
N PRO B 40 -7.49 -6.49 -1.75
CA PRO B 40 -7.51 -5.33 -0.87
C PRO B 40 -6.15 -5.00 -0.25
N VAL B 41 -5.93 -3.72 0.00
CA VAL B 41 -4.70 -3.27 0.64
C VAL B 41 -5.00 -3.10 2.13
N VAL B 42 -4.12 -3.60 2.99
CA VAL B 42 -4.37 -3.51 4.42
C VAL B 42 -3.22 -2.90 5.21
N VAL B 43 -3.58 -2.31 6.34
CA VAL B 43 -2.63 -1.71 7.27
C VAL B 43 -2.45 -2.66 8.45
N PRO B 44 -1.22 -3.14 8.67
CA PRO B 44 -0.91 -4.07 9.76
C PRO B 44 -1.03 -3.43 11.15
N VAL B 45 -1.83 -4.06 12.00
CA VAL B 45 -2.03 -3.59 13.37
C VAL B 45 -0.95 -4.21 14.28
N THR B 46 -0.38 -3.40 15.14
CA THR B 46 0.65 -3.85 16.06
C THR B 46 0.15 -3.77 17.49
N SER B 47 -0.34 -4.90 18.00
CA SER B 47 -0.84 -4.97 19.37
C SER B 47 0.30 -4.83 20.37
N GLY B 48 0.22 -3.81 21.21
CA GLY B 48 1.25 -3.57 22.20
C GLY B 48 0.72 -3.84 23.60
N GLY B 49 -0.05 -4.90 23.72
CA GLY B 49 -0.63 -5.26 25.01
C GLY B 49 -1.70 -4.27 25.42
N ASN B 50 -1.30 -3.25 26.16
CA ASN B 50 -2.23 -2.23 26.62
C ASN B 50 -1.68 -0.84 26.33
N PHE B 51 -0.57 -0.80 25.61
CA PHE B 51 0.06 0.46 25.26
C PHE B 51 -0.28 0.83 23.82
N ALA B 52 -0.93 1.98 23.65
CA ALA B 52 -1.32 2.45 22.33
C ALA B 52 -1.38 3.97 22.29
N ARG B 53 -0.28 4.59 21.90
CA ARG B 53 -0.22 6.04 21.83
C ARG B 53 0.05 6.50 20.41
N THR B 54 -0.67 7.53 19.98
CA THR B 54 -0.54 8.07 18.64
C THR B 54 0.77 8.84 18.47
N ALA B 55 1.45 8.59 17.36
CA ALA B 55 2.72 9.25 17.06
C ALA B 55 2.99 9.21 15.57
N GLY B 56 2.67 10.30 14.89
CA GLY B 56 2.89 10.39 13.46
C GLY B 56 2.06 9.40 12.66
N PHE B 57 2.66 8.29 12.30
CA PHE B 57 1.98 7.26 11.52
C PHE B 57 1.23 6.28 12.43
N ALA B 58 1.56 6.30 13.71
CA ALA B 58 0.92 5.42 14.67
C ALA B 58 -0.36 6.07 15.21
N VAL B 59 -1.44 5.30 15.21
CA VAL B 59 -2.73 5.79 15.70
C VAL B 59 -3.12 5.04 16.97
N SER B 60 -3.77 5.74 17.90
CA SER B 60 -4.20 5.15 19.16
C SER B 60 -5.50 4.37 19.01
N LEU B 61 -5.42 3.06 19.18
CA LEU B 61 -6.60 2.21 19.11
C LEU B 61 -7.23 2.11 20.49
N ASP B 62 -6.53 2.67 21.47
CA ASP B 62 -6.99 2.69 22.86
C ASP B 62 -7.64 4.03 23.16
N GLY B 63 -8.73 4.00 23.93
CA GLY B 63 -9.42 5.22 24.28
C GLY B 63 -10.90 5.14 23.97
N VAL B 64 -11.23 4.89 22.71
CA VAL B 64 -12.63 4.78 22.29
C VAL B 64 -13.25 3.46 22.74
N GLY B 65 -12.42 2.44 22.89
CA GLY B 65 -12.91 1.15 23.31
C GLY B 65 -12.80 0.08 22.26
N ILE B 66 -11.58 -0.16 21.79
CA ILE B 66 -11.33 -1.17 20.77
C ILE B 66 -10.69 -2.39 21.44
N ARG B 67 -11.05 -3.58 20.98
CA ARG B 67 -10.51 -4.81 21.55
C ARG B 67 -9.00 -4.89 21.30
N THR B 68 -8.62 -4.77 20.03
CA THR B 68 -7.22 -4.81 19.65
C THR B 68 -6.51 -3.54 20.12
N THR B 69 -5.78 -3.65 21.22
CA THR B 69 -5.08 -2.51 21.77
C THR B 69 -3.65 -2.43 21.23
N GLY B 70 -3.40 -1.45 20.39
CA GLY B 70 -2.09 -1.28 19.81
C GLY B 70 -2.04 -0.11 18.84
N VAL B 71 -1.04 -0.11 17.96
CA VAL B 71 -0.88 0.95 16.99
C VAL B 71 -0.78 0.38 15.58
N VAL B 72 -1.43 1.04 14.63
CA VAL B 72 -1.41 0.60 13.24
C VAL B 72 -0.22 1.20 12.49
N ARG B 73 0.36 0.41 11.60
CA ARG B 73 1.51 0.86 10.82
C ARG B 73 1.06 1.35 9.44
N CYS B 74 0.65 2.61 9.37
CA CYS B 74 0.19 3.21 8.13
C CYS B 74 1.36 3.50 7.18
N ASP B 75 2.57 3.29 7.68
CA ASP B 75 3.77 3.53 6.90
C ASP B 75 4.16 2.29 6.09
N GLN B 76 3.62 1.14 6.46
CA GLN B 76 3.94 -0.10 5.77
C GLN B 76 2.70 -0.91 5.36
N PRO B 77 1.81 -0.34 4.52
CA PRO B 77 0.62 -1.04 4.06
C PRO B 77 0.99 -2.07 2.98
N ARG B 78 0.35 -3.23 3.02
CA ARG B 78 0.64 -4.28 2.06
C ARG B 78 -0.62 -4.86 1.47
N THR B 79 -0.57 -5.20 0.19
CA THR B 79 -1.68 -5.81 -0.49
C THR B 79 -1.74 -7.28 -0.11
N ILE B 80 -2.92 -7.78 0.20
CA ILE B 80 -3.08 -9.17 0.57
C ILE B 80 -3.99 -9.89 -0.39
N ASP B 81 -3.81 -11.20 -0.50
CA ASP B 81 -4.64 -12.00 -1.38
C ASP B 81 -5.90 -12.43 -0.64
N MET B 82 -7.02 -12.41 -1.35
CA MET B 82 -8.29 -12.81 -0.75
C MET B 82 -8.98 -13.79 -1.68
N LYS B 83 -8.18 -14.51 -2.45
CA LYS B 83 -8.67 -15.50 -3.39
C LYS B 83 -8.31 -16.89 -2.89
N ALA B 84 -7.08 -17.03 -2.43
CA ALA B 84 -6.59 -18.30 -1.92
C ALA B 84 -6.41 -18.22 -0.41
N ARG B 85 -6.14 -17.01 0.08
CA ARG B 85 -5.97 -16.79 1.51
C ARG B 85 -7.31 -16.68 2.21
N GLY B 86 -7.34 -17.06 3.48
CA GLY B 86 -8.56 -16.99 4.24
C GLY B 86 -8.54 -15.81 5.19
N GLY B 87 -9.62 -15.04 5.19
CA GLY B 87 -9.71 -13.87 6.04
C GLY B 87 -11.00 -13.86 6.84
N LYS B 88 -10.95 -13.30 8.04
CA LYS B 88 -12.13 -13.21 8.90
C LYS B 88 -12.19 -11.87 9.62
N ARG B 89 -13.38 -11.29 9.69
CA ARG B 89 -13.57 -10.01 10.35
C ARG B 89 -13.61 -10.19 11.87
N LEU B 90 -12.84 -9.38 12.59
CA LEU B 90 -12.78 -9.48 14.04
C LEU B 90 -13.68 -8.46 14.73
N GLU B 91 -13.45 -7.18 14.46
CA GLU B 91 -14.23 -6.10 15.04
C GLU B 91 -14.32 -4.93 14.09
N ARG B 92 -15.33 -4.09 14.28
CA ARG B 92 -15.52 -2.93 13.43
C ARG B 92 -15.01 -1.68 14.13
N VAL B 93 -13.93 -1.13 13.60
CA VAL B 93 -13.33 0.09 14.17
C VAL B 93 -14.27 1.28 14.03
N PRO B 94 -14.45 2.06 15.11
CA PRO B 94 -15.31 3.26 15.09
C PRO B 94 -14.86 4.24 14.00
N GLU B 95 -15.82 4.93 13.41
CA GLU B 95 -15.54 5.89 12.35
C GLU B 95 -14.52 6.95 12.78
N THR B 96 -14.54 7.28 14.05
CA THR B 96 -13.62 8.26 14.61
C THR B 96 -12.17 7.86 14.36
N ILE B 97 -11.85 6.61 14.66
CA ILE B 97 -10.49 6.10 14.48
C ILE B 97 -10.26 5.73 13.01
N MET B 98 -11.31 5.24 12.36
CA MET B 98 -11.23 4.84 10.95
C MET B 98 -10.75 6.01 10.09
N ASN B 99 -11.36 7.17 10.30
CA ASN B 99 -11.00 8.38 9.54
C ASN B 99 -9.59 8.83 9.89
N GLU B 100 -9.19 8.63 11.13
CA GLU B 100 -7.86 9.02 11.58
C GLU B 100 -6.78 8.29 10.79
N VAL B 101 -6.96 6.99 10.62
CA VAL B 101 -6.00 6.16 9.88
C VAL B 101 -5.87 6.67 8.44
N LEU B 102 -7.01 6.99 7.83
CA LEU B 102 -7.03 7.49 6.46
C LEU B 102 -6.30 8.83 6.39
N GLY B 103 -6.44 9.64 7.43
CA GLY B 103 -5.80 10.92 7.49
C GLY B 103 -4.28 10.80 7.57
N ARG B 104 -3.81 9.76 8.24
CA ARG B 104 -2.38 9.52 8.38
C ARG B 104 -1.78 9.08 7.06
N LEU B 105 -2.59 8.44 6.23
CA LEU B 105 -2.15 7.97 4.92
C LEU B 105 -2.09 9.12 3.92
N SER B 106 -2.77 10.21 4.25
CA SER B 106 -2.79 11.37 3.38
C SER B 106 -1.50 12.18 3.48
N THR B 107 -0.63 11.80 4.41
CA THR B 107 0.64 12.48 4.62
C THR B 107 1.57 12.29 3.42
N ILE B 108 1.37 11.21 2.66
CA ILE B 108 2.22 10.94 1.50
C ILE B 108 1.62 11.53 0.22
N LEU B 109 0.55 12.30 0.37
CA LEU B 109 -0.11 12.93 -0.77
C LEU B 109 0.53 14.27 -1.12
N THR B 110 1.70 14.50 -0.56
CA THR B 110 2.43 15.73 -0.79
C THR B 110 3.92 15.42 -0.80
N MET A 1 16.50 7.80 -3.28
CA MET A 1 15.21 7.55 -3.96
C MET A 1 14.25 8.72 -3.76
N GLU A 2 13.69 9.22 -4.85
CA GLU A 2 12.76 10.34 -4.80
C GLU A 2 11.44 9.95 -5.43
N ARG A 3 10.43 10.80 -5.22
CA ARG A 3 9.11 10.56 -5.78
C ARG A 3 9.13 10.68 -7.31
N GLY A 4 8.68 9.63 -7.98
CA GLY A 4 8.64 9.64 -9.43
C GLY A 4 9.68 8.73 -10.05
N GLU A 5 10.51 8.10 -9.23
CA GLU A 5 11.54 7.19 -9.73
C GLU A 5 11.04 5.76 -9.75
N ILE A 6 11.58 4.96 -10.66
CA ILE A 6 11.21 3.55 -10.74
C ILE A 6 12.40 2.66 -10.42
N TRP A 7 12.26 1.89 -9.35
CA TRP A 7 13.33 0.99 -8.90
C TRP A 7 12.98 -0.46 -9.17
N LEU A 8 13.86 -1.16 -9.87
CA LEU A 8 13.65 -2.57 -10.21
C LEU A 8 13.87 -3.46 -8.98
N VAL A 9 12.83 -4.15 -8.56
CA VAL A 9 12.91 -5.03 -7.41
C VAL A 9 11.74 -6.02 -7.42
N SER A 10 11.94 -7.17 -6.79
CA SER A 10 10.90 -8.19 -6.72
C SER A 10 9.95 -7.90 -5.56
N LEU A 11 8.67 -8.13 -5.80
CA LEU A 11 7.65 -7.88 -4.79
C LEU A 11 7.22 -9.19 -4.11
N ASP A 12 8.01 -10.23 -4.33
CA ASP A 12 7.75 -11.54 -3.75
C ASP A 12 8.34 -11.62 -2.35
N PRO A 13 8.06 -12.70 -1.57
CA PRO A 13 7.20 -13.82 -1.98
C PRO A 13 5.73 -13.42 -2.05
N THR A 14 5.08 -13.81 -3.13
CA THR A 14 3.69 -13.49 -3.34
C THR A 14 2.80 -14.71 -3.05
N ALA A 15 1.69 -14.47 -2.39
CA ALA A 15 0.74 -15.53 -2.08
C ALA A 15 -0.49 -15.39 -2.96
N GLY A 16 -1.01 -16.51 -3.43
CA GLY A 16 -2.18 -16.48 -4.29
C GLY A 16 -1.85 -15.88 -5.64
N HIS A 17 -2.41 -14.72 -5.93
CA HIS A 17 -2.16 -14.04 -7.19
C HIS A 17 -1.79 -12.58 -6.97
N GLU A 18 -0.90 -12.35 -6.01
CA GLU A 18 -0.43 -11.00 -5.71
C GLU A 18 0.35 -10.43 -6.89
N GLN A 19 0.92 -9.24 -6.71
CA GLN A 19 1.70 -8.60 -7.75
C GLN A 19 3.10 -9.22 -7.83
N GLN A 20 3.14 -10.47 -8.28
CA GLN A 20 4.39 -11.22 -8.41
C GLN A 20 5.17 -10.76 -9.63
N GLY A 21 6.49 -10.76 -9.50
CA GLY A 21 7.34 -10.36 -10.61
C GLY A 21 8.31 -9.27 -10.22
N THR A 22 9.51 -9.36 -10.78
CA THR A 22 10.55 -8.39 -10.53
C THR A 22 10.50 -7.30 -11.60
N ARG A 23 10.03 -6.12 -11.21
CA ARG A 23 9.92 -5.00 -12.14
C ARG A 23 10.16 -3.68 -11.43
N PRO A 24 10.42 -2.60 -12.18
CA PRO A 24 10.64 -1.28 -11.61
C PRO A 24 9.36 -0.71 -11.00
N VAL A 25 9.38 -0.44 -9.71
CA VAL A 25 8.24 0.11 -9.01
C VAL A 25 8.37 1.62 -8.88
N LEU A 26 7.25 2.33 -9.01
CA LEU A 26 7.25 3.78 -8.92
C LEU A 26 7.18 4.25 -7.47
N ILE A 27 8.18 5.03 -7.06
CA ILE A 27 8.24 5.56 -5.71
C ILE A 27 7.17 6.64 -5.54
N VAL A 28 6.18 6.36 -4.71
CA VAL A 28 5.09 7.31 -4.46
C VAL A 28 5.39 8.24 -3.29
N THR A 29 6.03 7.70 -2.27
CA THR A 29 6.35 8.49 -1.08
C THR A 29 7.57 9.38 -1.29
N PRO A 30 7.61 10.52 -0.59
CA PRO A 30 8.72 11.48 -0.70
C PRO A 30 10.00 10.94 -0.07
N ALA A 31 11.13 11.47 -0.54
CA ALA A 31 12.45 11.06 -0.06
C ALA A 31 12.56 11.16 1.47
N ALA A 32 11.96 12.21 2.03
CA ALA A 32 11.98 12.42 3.47
C ALA A 32 11.37 11.23 4.22
N PHE A 33 10.26 10.73 3.69
CA PHE A 33 9.57 9.60 4.29
C PHE A 33 10.34 8.30 4.08
N ASN A 34 10.86 8.14 2.88
CA ASN A 34 11.63 6.94 2.53
C ASN A 34 12.89 6.82 3.38
N ARG A 35 13.33 7.93 3.95
CA ARG A 35 14.52 7.94 4.78
C ARG A 35 14.18 7.78 6.26
N VAL A 36 12.95 8.15 6.65
CA VAL A 36 12.55 8.04 8.05
C VAL A 36 12.06 6.63 8.42
N THR A 37 11.17 6.06 7.62
CA THR A 37 10.65 4.73 7.90
C THR A 37 11.44 3.67 7.14
N ARG A 38 12.07 4.11 6.05
CA ARG A 38 12.86 3.23 5.18
C ARG A 38 11.98 2.22 4.44
N LEU A 39 10.69 2.53 4.39
CA LEU A 39 9.71 1.70 3.70
C LEU A 39 8.90 2.57 2.75
N PRO A 40 9.33 2.66 1.49
CA PRO A 40 8.66 3.48 0.48
C PRO A 40 7.41 2.83 -0.11
N VAL A 41 6.33 3.59 -0.17
CA VAL A 41 5.09 3.11 -0.75
C VAL A 41 5.24 3.20 -2.26
N VAL A 42 5.20 2.07 -2.94
CA VAL A 42 5.40 2.04 -4.37
C VAL A 42 4.27 1.38 -5.14
N VAL A 43 4.15 1.75 -6.40
CA VAL A 43 3.16 1.19 -7.29
C VAL A 43 3.88 0.49 -8.44
N PRO A 44 3.68 -0.82 -8.58
CA PRO A 44 4.32 -1.63 -9.61
C PRO A 44 3.82 -1.33 -11.02
N VAL A 45 4.66 -1.65 -11.99
CA VAL A 45 4.34 -1.45 -13.40
C VAL A 45 4.25 -2.81 -14.07
N THR A 46 3.14 -3.07 -14.75
CA THR A 46 2.95 -4.35 -15.42
C THR A 46 2.89 -4.17 -16.93
N SER A 47 2.55 -5.24 -17.64
CA SER A 47 2.45 -5.22 -19.09
C SER A 47 1.43 -4.18 -19.56
N GLY A 48 1.75 -3.46 -20.63
CA GLY A 48 0.86 -2.45 -21.15
C GLY A 48 0.21 -2.89 -22.45
N GLY A 49 0.24 -4.19 -22.71
CA GLY A 49 -0.33 -4.72 -23.94
C GLY A 49 0.43 -4.23 -25.15
N ASN A 50 -0.30 -3.75 -26.16
CA ASN A 50 0.33 -3.25 -27.37
C ASN A 50 0.59 -1.75 -27.24
N PHE A 51 -0.40 -1.04 -26.70
CA PHE A 51 -0.28 0.40 -26.51
C PHE A 51 -0.68 0.75 -25.08
N ALA A 52 0.19 1.49 -24.39
CA ALA A 52 -0.05 1.90 -23.02
C ALA A 52 -1.13 2.97 -22.95
N ARG A 53 -2.38 2.53 -22.83
CA ARG A 53 -3.52 3.44 -22.75
C ARG A 53 -4.10 3.46 -21.34
N THR A 54 -4.73 4.58 -20.99
CA THR A 54 -5.35 4.74 -19.69
C THR A 54 -6.60 3.88 -19.59
N ALA A 55 -6.71 3.14 -18.49
CA ALA A 55 -7.87 2.28 -18.27
C ALA A 55 -8.44 2.44 -16.87
N GLY A 56 -9.04 3.60 -16.62
CA GLY A 56 -9.64 3.88 -15.33
C GLY A 56 -8.62 4.07 -14.23
N PHE A 57 -8.15 2.97 -13.67
CA PHE A 57 -7.16 3.01 -12.59
C PHE A 57 -5.75 2.93 -13.15
N ALA A 58 -5.60 2.21 -14.26
CA ALA A 58 -4.30 2.07 -14.90
C ALA A 58 -3.99 3.29 -15.75
N VAL A 59 -2.89 3.96 -15.43
CA VAL A 59 -2.50 5.16 -16.16
C VAL A 59 -1.53 4.84 -17.29
N SER A 60 -1.53 5.69 -18.32
CA SER A 60 -0.67 5.50 -19.47
C SER A 60 0.76 5.96 -19.20
N LEU A 61 1.73 5.23 -19.74
CA LEU A 61 3.13 5.58 -19.57
C LEU A 61 3.74 6.07 -20.88
N ASP A 62 2.91 6.13 -21.92
CA ASP A 62 3.37 6.60 -23.22
C ASP A 62 3.14 8.09 -23.34
N GLY A 63 3.40 8.65 -24.52
CA GLY A 63 3.21 10.07 -24.73
C GLY A 63 4.39 10.87 -24.22
N VAL A 64 4.81 10.57 -22.99
CA VAL A 64 5.94 11.26 -22.39
C VAL A 64 7.27 10.79 -22.99
N GLY A 65 7.28 9.55 -23.47
CA GLY A 65 8.47 9.01 -24.09
C GLY A 65 9.52 8.53 -23.10
N ILE A 66 9.20 7.47 -22.36
CA ILE A 66 10.13 6.91 -21.39
C ILE A 66 10.77 5.66 -21.96
N ARG A 67 11.72 5.09 -21.24
CA ARG A 67 12.41 3.89 -21.70
C ARG A 67 11.56 2.65 -21.41
N THR A 68 11.01 2.60 -20.20
CA THR A 68 10.18 1.49 -19.79
C THR A 68 8.90 1.40 -20.63
N THR A 69 8.41 0.19 -20.81
CA THR A 69 7.20 -0.03 -21.58
C THR A 69 6.21 -0.90 -20.81
N GLY A 70 5.32 -0.25 -20.06
CA GLY A 70 4.33 -0.95 -19.28
C GLY A 70 3.22 -0.03 -18.83
N VAL A 71 2.47 -0.46 -17.83
CA VAL A 71 1.37 0.34 -17.30
C VAL A 71 1.46 0.42 -15.78
N VAL A 72 1.21 1.60 -15.22
CA VAL A 72 1.28 1.80 -13.77
C VAL A 72 0.06 1.18 -13.10
N ARG A 73 0.31 0.41 -12.06
CA ARG A 73 -0.76 -0.27 -11.34
C ARG A 73 -1.12 0.45 -10.05
N CYS A 74 -2.08 1.35 -10.15
CA CYS A 74 -2.55 2.08 -8.98
C CYS A 74 -3.57 1.23 -8.23
N ASP A 75 -3.96 0.13 -8.87
CA ASP A 75 -4.92 -0.81 -8.31
C ASP A 75 -4.23 -1.85 -7.44
N GLN A 76 -2.90 -1.91 -7.53
CA GLN A 76 -2.14 -2.86 -6.74
C GLN A 76 -0.97 -2.20 -5.99
N PRO A 77 -1.27 -1.27 -5.05
CA PRO A 77 -0.23 -0.59 -4.27
C PRO A 77 0.30 -1.48 -3.16
N ARG A 78 1.59 -1.37 -2.86
CA ARG A 78 2.21 -2.17 -1.82
C ARG A 78 3.56 -1.61 -1.39
N THR A 79 3.70 -1.36 -0.11
CA THR A 79 4.94 -0.86 0.46
C THR A 79 5.90 -2.02 0.70
N ILE A 80 7.08 -1.95 0.11
CA ILE A 80 8.08 -3.00 0.26
C ILE A 80 9.41 -2.45 0.76
N ASP A 81 10.24 -3.32 1.28
CA ASP A 81 11.55 -2.95 1.78
C ASP A 81 12.53 -2.71 0.64
N MET A 82 13.42 -1.75 0.83
CA MET A 82 14.42 -1.44 -0.18
C MET A 82 15.79 -1.35 0.46
N LYS A 83 15.96 -2.03 1.59
CA LYS A 83 17.23 -2.03 2.30
C LYS A 83 17.82 -3.43 2.35
N ALA A 84 16.96 -4.42 2.57
CA ALA A 84 17.40 -5.80 2.62
C ALA A 84 17.15 -6.46 1.28
N ARG A 85 16.05 -6.06 0.64
CA ARG A 85 15.68 -6.59 -0.67
C ARG A 85 16.67 -6.12 -1.74
N GLY A 86 16.80 -4.80 -1.88
CA GLY A 86 17.73 -4.26 -2.85
C GLY A 86 17.09 -4.03 -4.21
N GLY A 87 17.10 -2.77 -4.66
CA GLY A 87 16.52 -2.44 -5.94
C GLY A 87 17.47 -1.60 -6.79
N LYS A 88 17.12 -1.39 -8.05
CA LYS A 88 17.94 -0.60 -8.96
C LYS A 88 17.10 0.42 -9.72
N ARG A 89 17.47 1.68 -9.61
CA ARG A 89 16.76 2.76 -10.29
C ARG A 89 17.10 2.78 -11.77
N LEU A 90 16.08 2.63 -12.61
CA LEU A 90 16.27 2.64 -14.06
C LEU A 90 16.17 4.06 -14.59
N GLU A 91 15.06 4.71 -14.27
CA GLU A 91 14.80 6.07 -14.71
C GLU A 91 13.75 6.71 -13.81
N ARG A 92 13.23 7.85 -14.21
CA ARG A 92 12.20 8.53 -13.46
C ARG A 92 11.20 9.21 -14.39
N VAL A 93 9.92 9.12 -14.03
CA VAL A 93 8.86 9.69 -14.85
C VAL A 93 8.56 11.13 -14.45
N PRO A 94 7.96 11.91 -15.37
CA PRO A 94 7.61 13.32 -15.11
C PRO A 94 6.44 13.42 -14.12
N GLU A 95 6.30 14.59 -13.52
CA GLU A 95 5.24 14.84 -12.55
C GLU A 95 3.86 14.67 -13.16
N THR A 96 3.78 14.80 -14.48
CA THR A 96 2.52 14.66 -15.20
C THR A 96 1.92 13.27 -14.96
N ILE A 97 2.80 12.28 -14.88
CA ILE A 97 2.38 10.90 -14.66
C ILE A 97 2.29 10.62 -13.16
N MET A 98 3.27 11.14 -12.42
CA MET A 98 3.33 10.95 -10.97
C MET A 98 2.06 11.44 -10.27
N ASN A 99 1.65 12.67 -10.58
CA ASN A 99 0.46 13.25 -9.96
C ASN A 99 -0.80 12.50 -10.38
N GLU A 100 -0.78 11.97 -11.60
CA GLU A 100 -1.91 11.22 -12.13
C GLU A 100 -2.17 9.98 -11.28
N VAL A 101 -1.09 9.28 -10.93
CA VAL A 101 -1.19 8.07 -10.10
C VAL A 101 -1.81 8.41 -8.76
N LEU A 102 -1.34 9.51 -8.16
CA LEU A 102 -1.83 9.97 -6.87
C LEU A 102 -3.33 10.27 -6.93
N GLY A 103 -3.76 10.88 -8.02
CA GLY A 103 -5.16 11.21 -8.20
C GLY A 103 -6.03 9.95 -8.26
N ARG A 104 -5.54 8.95 -8.97
CA ARG A 104 -6.28 7.69 -9.11
C ARG A 104 -6.34 6.96 -7.76
N LEU A 105 -5.23 7.01 -7.02
CA LEU A 105 -5.15 6.35 -5.71
C LEU A 105 -6.12 6.94 -4.70
N SER A 106 -6.52 8.19 -4.91
CA SER A 106 -7.44 8.87 -4.01
C SER A 106 -8.87 8.33 -4.10
N THR A 107 -9.14 7.44 -5.04
CA THR A 107 -10.48 6.89 -5.19
C THR A 107 -10.67 5.59 -4.40
N ILE A 108 -9.57 5.03 -3.90
CA ILE A 108 -9.64 3.79 -3.14
C ILE A 108 -9.40 4.02 -1.65
N LEU A 109 -9.51 5.27 -1.23
CA LEU A 109 -9.31 5.62 0.17
C LEU A 109 -10.64 5.72 0.90
N THR A 110 -11.64 5.00 0.39
CA THR A 110 -12.97 5.01 0.98
C THR A 110 -13.06 4.04 2.16
N MET B 1 -12.23 2.99 2.12
CA MET B 1 -12.20 1.97 3.18
C MET B 1 -13.51 1.18 3.26
N GLU B 2 -13.52 0.12 4.06
CA GLU B 2 -14.72 -0.71 4.22
C GLU B 2 -15.56 -0.20 5.39
N ARG B 3 -15.10 0.89 6.00
CA ARG B 3 -15.77 1.55 7.13
C ARG B 3 -15.43 0.94 8.49
N GLY B 4 -14.15 1.00 8.83
CA GLY B 4 -13.68 0.50 10.13
C GLY B 4 -13.76 -1.00 10.29
N GLU B 5 -13.77 -1.74 9.19
CA GLU B 5 -13.84 -3.19 9.27
C GLU B 5 -12.46 -3.79 9.49
N ILE B 6 -12.28 -4.46 10.64
CA ILE B 6 -11.00 -5.08 10.97
C ILE B 6 -11.02 -6.56 10.59
N TRP B 7 -10.07 -6.97 9.77
CA TRP B 7 -10.01 -8.36 9.32
C TRP B 7 -8.76 -9.06 9.86
N LEU B 8 -8.98 -10.20 10.50
CA LEU B 8 -7.88 -10.99 11.05
C LEU B 8 -7.37 -11.98 10.01
N VAL B 9 -6.10 -11.86 9.66
CA VAL B 9 -5.50 -12.75 8.67
C VAL B 9 -3.98 -12.78 8.84
N SER B 10 -3.33 -13.70 8.13
CA SER B 10 -1.88 -13.82 8.19
C SER B 10 -1.24 -12.84 7.20
N LEU B 11 -0.22 -12.13 7.66
CA LEU B 11 0.47 -11.16 6.81
C LEU B 11 1.49 -11.84 5.91
N ASP B 12 2.03 -12.95 6.39
CA ASP B 12 3.03 -13.72 5.63
C ASP B 12 2.50 -14.17 4.28
N PRO B 13 3.40 -14.39 3.31
CA PRO B 13 4.84 -14.25 3.48
C PRO B 13 5.32 -12.79 3.42
N THR B 14 5.86 -12.33 4.53
CA THR B 14 6.39 -10.98 4.64
C THR B 14 7.85 -11.05 5.06
N ALA B 15 8.67 -10.11 4.62
CA ALA B 15 10.08 -10.12 4.96
C ALA B 15 10.63 -8.72 5.20
N GLY B 16 11.90 -8.65 5.56
CA GLY B 16 12.54 -7.37 5.81
C GLY B 16 11.97 -6.66 7.02
N HIS B 17 11.23 -5.60 6.79
CA HIS B 17 10.64 -4.83 7.87
C HIS B 17 9.13 -5.04 7.94
N GLU B 18 8.61 -5.91 7.08
CA GLU B 18 7.19 -6.21 7.06
C GLU B 18 6.81 -7.03 8.27
N GLN B 19 5.65 -6.74 8.86
CA GLN B 19 5.17 -7.46 10.02
C GLN B 19 4.81 -8.89 9.62
N GLN B 20 5.10 -9.86 10.48
CA GLN B 20 4.84 -11.26 10.17
C GLN B 20 3.88 -11.91 11.15
N GLY B 21 3.37 -13.08 10.77
CA GLY B 21 2.45 -13.81 11.60
C GLY B 21 1.00 -13.47 11.30
N THR B 22 0.09 -14.00 12.11
CA THR B 22 -1.32 -13.74 11.95
C THR B 22 -1.73 -12.60 12.87
N ARG B 23 -2.31 -11.55 12.30
CA ARG B 23 -2.71 -10.39 13.08
C ARG B 23 -3.80 -9.60 12.35
N PRO B 24 -4.62 -8.84 13.10
CA PRO B 24 -5.70 -8.05 12.52
C PRO B 24 -5.16 -6.91 11.64
N VAL B 25 -5.74 -6.76 10.47
CA VAL B 25 -5.33 -5.71 9.54
C VAL B 25 -6.53 -4.87 9.11
N LEU B 26 -6.26 -3.66 8.68
CA LEU B 26 -7.31 -2.74 8.24
C LEU B 26 -7.31 -2.61 6.71
N ILE B 27 -8.41 -2.99 6.08
CA ILE B 27 -8.52 -2.89 4.63
C ILE B 27 -8.79 -1.44 4.20
N VAL B 28 -7.85 -0.87 3.46
CA VAL B 28 -7.97 0.51 3.00
C VAL B 28 -8.92 0.63 1.81
N THR B 29 -8.89 -0.36 0.93
CA THR B 29 -9.73 -0.34 -0.26
C THR B 29 -11.20 -0.58 0.10
N PRO B 30 -12.13 0.10 -0.60
CA PRO B 30 -13.57 -0.03 -0.36
C PRO B 30 -14.11 -1.38 -0.82
N ALA B 31 -15.22 -1.79 -0.22
CA ALA B 31 -15.87 -3.06 -0.55
C ALA B 31 -16.20 -3.16 -2.03
N ALA B 32 -16.69 -2.06 -2.61
CA ALA B 32 -17.05 -2.03 -4.02
C ALA B 32 -15.87 -2.37 -4.91
N PHE B 33 -14.68 -1.92 -4.51
CA PHE B 33 -13.46 -2.19 -5.27
C PHE B 33 -12.93 -3.58 -4.97
N ASN B 34 -12.99 -3.95 -3.69
CA ASN B 34 -12.51 -5.26 -3.24
C ASN B 34 -13.24 -6.40 -3.93
N ARG B 35 -14.45 -6.14 -4.40
CA ARG B 35 -15.26 -7.16 -5.06
C ARG B 35 -15.00 -7.19 -6.56
N VAL B 36 -14.16 -6.29 -7.06
CA VAL B 36 -13.85 -6.26 -8.49
C VAL B 36 -12.43 -6.75 -8.72
N THR B 37 -11.49 -6.16 -8.00
CA THR B 37 -10.09 -6.51 -8.12
C THR B 37 -9.77 -7.77 -7.31
N ARG B 38 -10.48 -7.95 -6.20
CA ARG B 38 -10.31 -9.11 -5.32
C ARG B 38 -9.00 -9.09 -4.52
N LEU B 39 -8.21 -8.06 -4.73
CA LEU B 39 -6.93 -7.92 -4.03
C LEU B 39 -6.94 -6.60 -3.25
N PRO B 40 -7.31 -6.65 -1.96
CA PRO B 40 -7.39 -5.47 -1.12
C PRO B 40 -6.05 -5.07 -0.49
N VAL B 41 -5.94 -3.78 -0.18
CA VAL B 41 -4.75 -3.24 0.45
C VAL B 41 -4.98 -3.20 1.95
N VAL B 42 -4.12 -3.85 2.72
CA VAL B 42 -4.31 -3.89 4.17
C VAL B 42 -3.22 -3.15 4.93
N VAL B 43 -3.63 -2.58 6.06
CA VAL B 43 -2.75 -1.86 6.95
C VAL B 43 -2.51 -2.72 8.19
N PRO B 44 -1.25 -3.08 8.44
CA PRO B 44 -0.88 -3.94 9.57
C PRO B 44 -0.93 -3.18 10.90
N VAL B 45 -1.51 -3.80 11.90
CA VAL B 45 -1.62 -3.20 13.21
C VAL B 45 -0.53 -3.74 14.14
N THR B 46 0.26 -2.84 14.69
CA THR B 46 1.32 -3.21 15.60
C THR B 46 0.78 -3.23 17.03
N SER B 47 0.29 -4.39 17.44
CA SER B 47 -0.26 -4.57 18.77
C SER B 47 0.84 -4.82 19.80
N GLY B 48 1.66 -3.79 20.03
CA GLY B 48 2.74 -3.91 20.99
C GLY B 48 2.47 -3.09 22.23
N GLY B 49 1.19 -2.97 22.58
CA GLY B 49 0.83 -2.21 23.76
C GLY B 49 0.22 -0.87 23.40
N ASN B 50 0.06 -0.02 24.41
CA ASN B 50 -0.51 1.31 24.22
C ASN B 50 0.45 2.39 24.73
N PHE B 51 1.74 2.10 24.60
CA PHE B 51 2.78 3.03 25.05
C PHE B 51 2.81 4.27 24.15
N ALA B 52 2.49 4.06 22.88
CA ALA B 52 2.48 5.15 21.92
C ALA B 52 1.05 5.49 21.53
N ARG B 53 0.67 6.75 21.67
CA ARG B 53 -0.66 7.19 21.33
C ARG B 53 -0.75 7.57 19.86
N THR B 54 0.19 8.39 19.42
CA THR B 54 0.24 8.83 18.04
C THR B 54 1.67 9.18 17.63
N ALA B 55 2.15 8.50 16.60
CA ALA B 55 3.50 8.72 16.10
C ALA B 55 3.49 8.91 14.59
N GLY B 56 3.19 10.13 14.17
CA GLY B 56 3.15 10.44 12.76
C GLY B 56 1.96 9.80 12.05
N PHE B 57 2.16 8.57 11.60
CA PHE B 57 1.11 7.84 10.89
C PHE B 57 0.59 6.69 11.73
N ALA B 58 1.24 6.46 12.87
CA ALA B 58 0.84 5.39 13.77
C ALA B 58 -0.11 5.90 14.84
N VAL B 59 -1.34 5.41 14.81
CA VAL B 59 -2.36 5.82 15.77
C VAL B 59 -2.79 4.62 16.62
N SER B 60 -2.92 4.83 17.92
CA SER B 60 -3.32 3.77 18.84
C SER B 60 -4.82 3.54 18.81
N LEU B 61 -5.23 2.29 18.90
CA LEU B 61 -6.64 1.94 18.90
C LEU B 61 -7.20 1.94 20.33
N ASP B 62 -6.31 1.91 21.29
CA ASP B 62 -6.69 1.91 22.70
C ASP B 62 -7.18 3.29 23.14
N GLY B 63 -8.13 3.30 24.07
CA GLY B 63 -8.67 4.54 24.56
C GLY B 63 -10.13 4.72 24.25
N VAL B 64 -10.52 4.33 23.04
CA VAL B 64 -11.90 4.46 22.60
C VAL B 64 -12.74 3.23 22.94
N GLY B 65 -12.07 2.11 23.22
CA GLY B 65 -12.80 0.90 23.55
C GLY B 65 -12.55 -0.25 22.58
N ILE B 66 -11.45 -0.17 21.84
CA ILE B 66 -11.11 -1.21 20.88
C ILE B 66 -10.33 -2.32 21.57
N ARG B 67 -10.60 -3.58 21.19
CA ARG B 67 -9.93 -4.71 21.81
C ARG B 67 -8.47 -4.78 21.36
N THR B 68 -8.24 -4.65 20.06
CA THR B 68 -6.91 -4.69 19.50
C THR B 68 -6.07 -3.54 20.06
N THR B 69 -5.24 -3.86 21.05
CA THR B 69 -4.41 -2.87 21.70
C THR B 69 -3.08 -2.68 20.96
N GLY B 70 -3.06 -1.74 20.03
CA GLY B 70 -1.85 -1.46 19.29
C GLY B 70 -1.99 -0.22 18.43
N VAL B 71 -0.98 0.05 17.62
CA VAL B 71 -0.99 1.20 16.74
C VAL B 71 -1.05 0.76 15.29
N VAL B 72 -1.87 1.42 14.50
CA VAL B 72 -2.02 1.09 13.09
C VAL B 72 -0.87 1.69 12.27
N ARG B 73 -0.31 0.91 11.36
CA ARG B 73 0.77 1.38 10.52
C ARG B 73 0.27 1.72 9.12
N CYS B 74 -0.27 2.92 8.98
CA CYS B 74 -0.81 3.38 7.71
C CYS B 74 0.31 3.63 6.70
N ASP B 75 1.54 3.57 7.19
CA ASP B 75 2.72 3.78 6.36
C ASP B 75 3.20 2.49 5.71
N GLN B 76 2.59 1.37 6.06
CA GLN B 76 2.98 0.06 5.51
C GLN B 76 1.82 -0.71 4.88
N PRO B 77 1.09 -0.11 3.91
CA PRO B 77 -0.03 -0.80 3.27
C PRO B 77 0.43 -1.76 2.17
N ARG B 78 0.00 -3.01 2.26
CA ARG B 78 0.36 -4.02 1.27
C ARG B 78 -0.88 -4.78 0.77
N THR B 79 -0.90 -5.05 -0.53
CA THR B 79 -1.99 -5.79 -1.13
C THR B 79 -1.80 -7.28 -0.88
N ILE B 80 -2.80 -7.94 -0.31
CA ILE B 80 -2.68 -9.35 -0.01
C ILE B 80 -3.86 -10.14 -0.57
N ASP B 81 -3.61 -11.41 -0.88
CA ASP B 81 -4.64 -12.29 -1.42
C ASP B 81 -5.54 -12.77 -0.29
N MET B 82 -6.53 -11.95 0.05
CA MET B 82 -7.47 -12.26 1.12
C MET B 82 -8.27 -13.52 0.85
N LYS B 83 -8.54 -13.78 -0.42
CA LYS B 83 -9.32 -14.96 -0.81
C LYS B 83 -8.59 -16.27 -0.53
N ALA B 84 -7.28 -16.29 -0.76
CA ALA B 84 -6.49 -17.49 -0.52
C ALA B 84 -6.09 -17.64 0.95
N ARG B 85 -5.92 -16.51 1.62
CA ARG B 85 -5.51 -16.51 3.02
C ARG B 85 -6.69 -16.73 3.97
N GLY B 86 -7.82 -16.08 3.69
CA GLY B 86 -8.99 -16.24 4.53
C GLY B 86 -9.08 -15.17 5.60
N GLY B 87 -9.90 -14.15 5.36
CA GLY B 87 -10.06 -13.08 6.32
C GLY B 87 -11.30 -13.24 7.17
N LYS B 88 -11.27 -12.68 8.37
CA LYS B 88 -12.41 -12.75 9.28
C LYS B 88 -12.51 -11.46 10.09
N ARG B 89 -13.69 -10.86 10.10
CA ARG B 89 -13.90 -9.61 10.82
C ARG B 89 -14.09 -9.87 12.32
N LEU B 90 -13.23 -9.28 13.13
CA LEU B 90 -13.30 -9.45 14.58
C LEU B 90 -14.16 -8.36 15.20
N GLU B 91 -13.67 -7.13 15.16
CA GLU B 91 -14.38 -5.99 15.71
C GLU B 91 -14.45 -4.87 14.68
N ARG B 92 -15.01 -3.74 15.07
CA ARG B 92 -15.13 -2.60 14.17
C ARG B 92 -14.53 -1.34 14.79
N VAL B 93 -13.79 -0.59 13.98
CA VAL B 93 -13.16 0.65 14.43
C VAL B 93 -14.17 1.79 14.38
N PRO B 94 -14.33 2.50 15.50
CA PRO B 94 -15.26 3.65 15.59
C PRO B 94 -14.87 4.73 14.58
N GLU B 95 -15.85 5.50 14.15
CA GLU B 95 -15.65 6.57 13.17
C GLU B 95 -14.55 7.54 13.59
N THR B 96 -14.38 7.72 14.90
CA THR B 96 -13.36 8.61 15.44
C THR B 96 -11.95 8.20 14.99
N ILE B 97 -11.62 6.94 15.23
CA ILE B 97 -10.31 6.41 14.84
C ILE B 97 -10.27 6.19 13.34
N MET B 98 -11.40 5.80 12.78
CA MET B 98 -11.52 5.55 11.34
C MET B 98 -11.09 6.76 10.54
N ASN B 99 -11.54 7.95 10.95
CA ASN B 99 -11.21 9.19 10.27
C ASN B 99 -9.72 9.51 10.43
N GLU B 100 -9.17 9.18 11.59
CA GLU B 100 -7.78 9.43 11.88
C GLU B 100 -6.87 8.63 10.95
N VAL B 101 -7.20 7.35 10.78
CA VAL B 101 -6.42 6.46 9.92
C VAL B 101 -6.39 6.99 8.48
N LEU B 102 -7.58 7.33 7.98
CA LEU B 102 -7.70 7.86 6.62
C LEU B 102 -6.89 9.14 6.45
N GLY B 103 -6.84 9.94 7.51
CA GLY B 103 -6.08 11.18 7.46
C GLY B 103 -4.60 10.92 7.31
N ARG B 104 -4.10 9.92 8.02
CA ARG B 104 -2.68 9.57 7.95
C ARG B 104 -2.34 9.02 6.57
N LEU B 105 -3.30 8.32 5.96
CA LEU B 105 -3.11 7.76 4.64
C LEU B 105 -2.97 8.87 3.61
N SER B 106 -3.53 10.03 3.92
CA SER B 106 -3.48 11.18 3.02
C SER B 106 -2.21 12.00 3.26
N THR B 107 -1.54 11.75 4.38
CA THR B 107 -0.32 12.48 4.71
C THR B 107 0.87 12.01 3.88
N ILE B 108 0.87 10.74 3.51
CA ILE B 108 1.95 10.18 2.70
C ILE B 108 1.71 10.41 1.21
N LEU B 109 0.62 11.09 0.88
CA LEU B 109 0.28 11.35 -0.50
C LEU B 109 0.75 12.74 -0.94
N THR B 110 1.47 13.43 -0.06
CA THR B 110 1.98 14.76 -0.38
C THR B 110 3.50 14.77 -0.29
N MET A 1 18.06 7.25 -3.33
CA MET A 1 16.76 7.10 -4.02
C MET A 1 15.86 8.31 -3.75
N GLU A 2 14.97 8.58 -4.69
CA GLU A 2 14.06 9.70 -4.57
C GLU A 2 12.64 9.30 -4.96
N ARG A 3 11.71 10.22 -4.79
CA ARG A 3 10.32 9.97 -5.14
C ARG A 3 10.12 10.11 -6.64
N GLY A 4 9.39 9.18 -7.24
CA GLY A 4 9.13 9.24 -8.67
C GLY A 4 10.12 8.40 -9.46
N GLU A 5 10.93 7.64 -8.76
CA GLU A 5 11.93 6.79 -9.42
C GLU A 5 11.41 5.38 -9.62
N ILE A 6 11.75 4.79 -10.75
CA ILE A 6 11.35 3.43 -11.07
C ILE A 6 12.52 2.49 -10.76
N TRP A 7 12.31 1.60 -9.80
CA TRP A 7 13.35 0.67 -9.39
C TRP A 7 12.95 -0.77 -9.73
N LEU A 8 13.90 -1.54 -10.24
CA LEU A 8 13.64 -2.94 -10.57
C LEU A 8 13.93 -3.81 -9.36
N VAL A 9 12.92 -4.54 -8.90
CA VAL A 9 13.08 -5.40 -7.73
C VAL A 9 12.21 -6.65 -7.86
N SER A 10 12.42 -7.61 -6.97
CA SER A 10 11.64 -8.83 -6.96
C SER A 10 10.64 -8.77 -5.81
N LEU A 11 9.37 -9.05 -6.12
CA LEU A 11 8.32 -9.01 -5.12
C LEU A 11 8.17 -10.35 -4.41
N ASP A 12 8.81 -11.38 -4.96
CA ASP A 12 8.77 -12.72 -4.39
C ASP A 12 9.50 -12.78 -3.05
N PRO A 13 9.28 -13.84 -2.24
CA PRO A 13 8.38 -14.96 -2.55
C PRO A 13 6.90 -14.54 -2.56
N THR A 14 6.16 -15.05 -3.53
CA THR A 14 4.74 -14.72 -3.66
C THR A 14 3.87 -15.96 -3.60
N ALA A 15 2.55 -15.75 -3.56
CA ALA A 15 1.60 -16.85 -3.51
C ALA A 15 0.20 -16.34 -3.87
N GLY A 16 -0.70 -17.27 -4.19
CA GLY A 16 -2.06 -16.89 -4.54
C GLY A 16 -2.16 -16.14 -5.85
N HIS A 17 -2.98 -15.09 -5.85
CA HIS A 17 -3.17 -14.27 -7.05
C HIS A 17 -2.41 -12.96 -6.91
N GLU A 18 -1.35 -12.97 -6.10
CA GLU A 18 -0.55 -11.79 -5.89
C GLU A 18 0.38 -11.52 -7.08
N GLN A 19 1.09 -10.40 -7.00
CA GLN A 19 2.00 -9.99 -8.06
C GLN A 19 3.27 -10.85 -8.04
N GLN A 20 3.15 -12.07 -8.56
CA GLN A 20 4.25 -13.03 -8.60
C GLN A 20 5.24 -12.71 -9.71
N GLY A 21 6.51 -12.51 -9.36
CA GLY A 21 7.50 -12.22 -10.37
C GLY A 21 8.18 -10.88 -10.17
N THR A 22 9.32 -10.70 -10.84
CA THR A 22 10.09 -9.47 -10.76
C THR A 22 9.57 -8.44 -11.76
N ARG A 23 9.68 -7.17 -11.42
CA ARG A 23 9.21 -6.09 -12.29
C ARG A 23 9.62 -4.74 -11.72
N PRO A 24 9.65 -3.70 -12.56
CA PRO A 24 10.00 -2.35 -12.12
C PRO A 24 8.86 -1.74 -11.30
N VAL A 25 9.20 -1.20 -10.14
CA VAL A 25 8.22 -0.59 -9.28
C VAL A 25 8.50 0.91 -9.11
N LEU A 26 7.46 1.71 -9.16
CA LEU A 26 7.58 3.14 -9.02
C LEU A 26 7.42 3.57 -7.57
N ILE A 27 8.42 4.28 -7.04
CA ILE A 27 8.37 4.76 -5.67
C ILE A 27 7.53 6.03 -5.58
N VAL A 28 6.38 5.92 -4.93
CA VAL A 28 5.46 7.04 -4.79
C VAL A 28 5.75 7.85 -3.52
N THR A 29 6.30 7.19 -2.51
CA THR A 29 6.60 7.85 -1.25
C THR A 29 7.85 8.72 -1.32
N PRO A 30 7.83 9.88 -0.64
CA PRO A 30 8.95 10.82 -0.60
C PRO A 30 10.17 10.21 0.08
N ALA A 31 11.35 10.67 -0.32
CA ALA A 31 12.61 10.17 0.23
C ALA A 31 12.69 10.35 1.74
N ALA A 32 12.18 11.47 2.23
CA ALA A 32 12.19 11.76 3.66
C ALA A 32 11.41 10.70 4.43
N PHE A 33 10.31 10.25 3.85
CA PHE A 33 9.47 9.24 4.47
C PHE A 33 10.17 7.88 4.41
N ASN A 34 10.83 7.61 3.30
CA ASN A 34 11.53 6.35 3.09
C ASN A 34 12.69 6.20 4.08
N ARG A 35 13.08 7.31 4.70
CA ARG A 35 14.17 7.29 5.68
C ARG A 35 13.63 6.97 7.07
N VAL A 36 12.35 7.25 7.29
CA VAL A 36 11.72 7.00 8.58
C VAL A 36 11.28 5.55 8.72
N THR A 37 10.31 5.16 7.90
CA THR A 37 9.80 3.79 7.94
C THR A 37 10.74 2.83 7.22
N ARG A 38 11.40 3.34 6.16
CA ARG A 38 12.33 2.55 5.35
C ARG A 38 11.61 1.57 4.44
N LEU A 39 10.30 1.75 4.32
CA LEU A 39 9.46 0.92 3.48
C LEU A 39 8.70 1.79 2.49
N PRO A 40 9.25 1.99 1.29
CA PRO A 40 8.62 2.82 0.27
C PRO A 40 7.41 2.14 -0.37
N VAL A 41 6.34 2.92 -0.56
CA VAL A 41 5.14 2.41 -1.19
C VAL A 41 5.32 2.49 -2.70
N VAL A 42 5.41 1.33 -3.33
CA VAL A 42 5.64 1.26 -4.76
C VAL A 42 4.45 0.65 -5.49
N VAL A 43 4.37 0.96 -6.78
CA VAL A 43 3.32 0.43 -7.63
C VAL A 43 3.93 -0.48 -8.70
N PRO A 44 3.48 -1.73 -8.76
CA PRO A 44 3.98 -2.71 -9.73
C PRO A 44 3.38 -2.53 -11.12
N VAL A 45 4.10 -1.80 -11.97
CA VAL A 45 3.64 -1.55 -13.33
C VAL A 45 3.91 -2.77 -14.21
N THR A 46 3.14 -2.90 -15.28
CA THR A 46 3.34 -4.02 -16.20
C THR A 46 3.16 -3.61 -17.67
N SER A 47 1.95 -3.71 -18.23
CA SER A 47 1.75 -3.33 -19.63
C SER A 47 0.27 -3.18 -19.98
N GLY A 48 -0.05 -3.28 -21.26
CA GLY A 48 -1.43 -3.16 -21.71
C GLY A 48 -1.64 -3.88 -23.02
N GLY A 49 -0.89 -4.96 -23.22
CA GLY A 49 -1.00 -5.71 -24.46
C GLY A 49 -0.09 -5.13 -25.52
N ASN A 50 -0.67 -4.82 -26.68
CA ASN A 50 0.10 -4.26 -27.78
C ASN A 50 0.31 -2.77 -27.57
N PHE A 51 -0.71 -2.10 -27.05
CA PHE A 51 -0.65 -0.68 -26.78
C PHE A 51 -1.27 -0.37 -25.43
N ALA A 52 -0.45 0.14 -24.51
CA ALA A 52 -0.91 0.47 -23.17
C ALA A 52 -1.94 1.60 -23.21
N ARG A 53 -2.95 1.50 -22.36
CA ARG A 53 -3.99 2.51 -22.28
C ARG A 53 -4.47 2.63 -20.84
N THR A 54 -4.86 3.83 -20.44
CA THR A 54 -5.33 4.07 -19.08
C THR A 54 -6.69 3.40 -18.83
N ALA A 55 -6.64 2.25 -18.17
CA ALA A 55 -7.85 1.50 -17.85
C ALA A 55 -8.31 1.83 -16.44
N GLY A 56 -9.06 2.92 -16.32
CA GLY A 56 -9.58 3.35 -15.03
C GLY A 56 -8.47 3.82 -14.09
N PHE A 57 -7.96 2.90 -13.28
CA PHE A 57 -6.90 3.23 -12.34
C PHE A 57 -5.53 2.86 -12.92
N ALA A 58 -5.54 2.04 -13.96
CA ALA A 58 -4.29 1.64 -14.62
C ALA A 58 -3.78 2.79 -15.48
N VAL A 59 -3.00 3.68 -14.88
CA VAL A 59 -2.46 4.84 -15.59
C VAL A 59 -1.46 4.39 -16.65
N SER A 60 -1.73 4.76 -17.90
CA SER A 60 -0.86 4.39 -19.00
C SER A 60 0.39 5.26 -19.04
N LEU A 61 1.55 4.62 -19.06
CA LEU A 61 2.81 5.34 -19.13
C LEU A 61 3.18 5.56 -20.59
N ASP A 62 2.38 4.97 -21.47
CA ASP A 62 2.60 5.09 -22.91
C ASP A 62 2.06 6.42 -23.40
N GLY A 63 2.96 7.32 -23.76
CA GLY A 63 2.56 8.63 -24.23
C GLY A 63 3.56 9.69 -23.86
N VAL A 64 4.17 9.55 -22.68
CA VAL A 64 5.15 10.51 -22.21
C VAL A 64 6.51 10.32 -22.89
N GLY A 65 6.82 9.08 -23.25
CA GLY A 65 8.08 8.79 -23.90
C GLY A 65 9.14 8.32 -22.94
N ILE A 66 8.91 7.15 -22.34
CA ILE A 66 9.86 6.56 -21.40
C ILE A 66 10.21 5.16 -21.86
N ARG A 67 10.94 4.40 -21.04
CA ARG A 67 11.31 3.05 -21.42
C ARG A 67 10.42 2.02 -20.73
N THR A 68 9.91 2.38 -19.56
CA THR A 68 9.03 1.50 -18.82
C THR A 68 7.59 1.57 -19.37
N THR A 69 7.37 0.85 -20.45
CA THR A 69 6.07 0.83 -21.10
C THR A 69 5.12 -0.12 -20.37
N GLY A 70 4.33 0.43 -19.47
CA GLY A 70 3.37 -0.34 -18.71
C GLY A 70 2.31 0.52 -18.06
N VAL A 71 1.40 -0.11 -17.32
CA VAL A 71 0.35 0.63 -16.64
C VAL A 71 0.63 0.73 -15.14
N VAL A 72 0.37 1.90 -14.57
CA VAL A 72 0.58 2.15 -13.16
C VAL A 72 -0.49 1.46 -12.33
N ARG A 73 -0.06 0.67 -11.36
CA ARG A 73 -0.97 -0.08 -10.51
C ARG A 73 -1.43 0.72 -9.31
N CYS A 74 -2.46 1.51 -9.48
CA CYS A 74 -3.01 2.31 -8.38
C CYS A 74 -3.97 1.43 -7.59
N ASP A 75 -4.23 0.26 -8.13
CA ASP A 75 -5.12 -0.72 -7.52
C ASP A 75 -4.37 -1.61 -6.55
N GLN A 76 -3.08 -1.81 -6.79
CA GLN A 76 -2.29 -2.68 -5.92
C GLN A 76 -0.96 -2.05 -5.45
N PRO A 77 -1.01 -0.97 -4.66
CA PRO A 77 0.21 -0.35 -4.13
C PRO A 77 0.72 -1.19 -2.95
N ARG A 78 2.02 -1.46 -2.93
CA ARG A 78 2.57 -2.28 -1.87
C ARG A 78 3.87 -1.70 -1.30
N THR A 79 4.03 -1.85 -0.01
CA THR A 79 5.22 -1.41 0.69
C THR A 79 6.27 -2.50 0.55
N ILE A 80 7.45 -2.14 0.09
CA ILE A 80 8.52 -3.12 -0.09
C ILE A 80 9.78 -2.69 0.64
N ASP A 81 10.77 -3.57 0.66
CA ASP A 81 12.03 -3.29 1.30
C ASP A 81 13.06 -2.93 0.24
N MET A 82 13.80 -1.86 0.47
CA MET A 82 14.82 -1.42 -0.47
C MET A 82 16.17 -1.28 0.21
N LYS A 83 16.38 -2.05 1.27
CA LYS A 83 17.63 -2.01 2.02
C LYS A 83 18.25 -3.39 2.10
N ALA A 84 17.41 -4.38 2.37
CA ALA A 84 17.86 -5.76 2.49
C ALA A 84 17.58 -6.48 1.18
N ARG A 85 16.45 -6.17 0.55
CA ARG A 85 16.07 -6.77 -0.72
C ARG A 85 17.02 -6.31 -1.83
N GLY A 86 17.22 -5.01 -1.92
CA GLY A 86 18.09 -4.45 -2.93
C GLY A 86 17.39 -4.29 -4.26
N GLY A 87 17.71 -3.23 -4.98
CA GLY A 87 17.09 -2.97 -6.27
C GLY A 87 17.96 -2.13 -7.17
N LYS A 88 17.51 -1.91 -8.39
CA LYS A 88 18.26 -1.11 -9.34
C LYS A 88 17.40 -0.01 -9.95
N ARG A 89 17.88 1.22 -9.86
CA ARG A 89 17.16 2.37 -10.39
C ARG A 89 17.24 2.40 -11.91
N LEU A 90 16.11 2.60 -12.56
CA LEU A 90 16.07 2.64 -14.01
C LEU A 90 15.94 4.07 -14.50
N GLU A 91 14.76 4.65 -14.34
CA GLU A 91 14.51 6.02 -14.77
C GLU A 91 13.55 6.72 -13.80
N ARG A 92 13.32 8.01 -14.03
CA ARG A 92 12.42 8.78 -13.18
C ARG A 92 11.27 9.32 -14.03
N VAL A 93 10.08 9.39 -13.45
CA VAL A 93 8.93 9.89 -14.18
C VAL A 93 8.58 11.31 -13.76
N PRO A 94 8.09 12.12 -14.73
CA PRO A 94 7.71 13.52 -14.46
C PRO A 94 6.60 13.61 -13.41
N GLU A 95 6.54 14.75 -12.74
CA GLU A 95 5.55 14.98 -11.70
C GLU A 95 4.14 15.04 -12.27
N THR A 96 4.05 15.32 -13.58
CA THR A 96 2.76 15.40 -14.26
C THR A 96 1.98 14.11 -14.11
N ILE A 97 2.57 13.00 -14.54
CA ILE A 97 1.92 11.70 -14.45
C ILE A 97 1.82 11.23 -13.01
N MET A 98 2.70 11.76 -12.15
CA MET A 98 2.69 11.42 -10.74
C MET A 98 1.43 11.96 -10.09
N ASN A 99 0.98 13.13 -10.55
CA ASN A 99 -0.22 13.76 -10.03
C ASN A 99 -1.44 12.93 -10.38
N GLU A 100 -1.37 12.25 -11.52
CA GLU A 100 -2.46 11.39 -11.99
C GLU A 100 -2.70 10.26 -11.00
N VAL A 101 -1.65 9.83 -10.34
CA VAL A 101 -1.72 8.77 -9.36
C VAL A 101 -2.29 9.30 -8.05
N LEU A 102 -1.74 10.43 -7.59
CA LEU A 102 -2.18 11.05 -6.36
C LEU A 102 -3.66 11.45 -6.43
N GLY A 103 -4.09 11.90 -7.60
CA GLY A 103 -5.48 12.29 -7.79
C GLY A 103 -6.43 11.14 -7.55
N ARG A 104 -6.03 9.95 -8.01
CA ARG A 104 -6.84 8.76 -7.85
C ARG A 104 -6.76 8.25 -6.41
N LEU A 105 -5.55 8.32 -5.84
CA LEU A 105 -5.32 7.88 -4.47
C LEU A 105 -6.20 8.63 -3.49
N SER A 106 -6.32 9.94 -3.69
CA SER A 106 -7.12 10.78 -2.81
C SER A 106 -8.60 10.41 -2.84
N THR A 107 -9.03 9.73 -3.90
CA THR A 107 -10.42 9.33 -4.04
C THR A 107 -10.65 7.93 -3.45
N ILE A 108 -9.67 7.05 -3.57
CA ILE A 108 -9.81 5.68 -3.07
C ILE A 108 -9.61 5.59 -1.56
N LEU A 109 -9.06 6.64 -0.95
CA LEU A 109 -8.83 6.64 0.49
C LEU A 109 -10.13 6.94 1.24
N THR A 110 -11.08 6.03 1.14
CA THR A 110 -12.37 6.17 1.79
C THR A 110 -12.78 4.86 2.46
N MET B 1 -13.29 3.93 1.66
CA MET B 1 -13.73 2.62 2.13
C MET B 1 -14.86 2.75 3.16
N GLU B 2 -15.23 1.63 3.76
CA GLU B 2 -16.26 1.60 4.78
C GLU B 2 -15.65 2.12 6.08
N ARG B 3 -14.37 1.80 6.26
CA ARG B 3 -13.57 2.18 7.43
C ARG B 3 -14.04 1.50 8.71
N GLY B 4 -13.07 1.11 9.54
CA GLY B 4 -13.39 0.45 10.78
C GLY B 4 -13.45 -1.05 10.64
N GLU B 5 -13.44 -1.53 9.40
CA GLU B 5 -13.50 -2.95 9.11
C GLU B 5 -12.16 -3.64 9.36
N ILE B 6 -12.05 -4.27 10.53
CA ILE B 6 -10.84 -4.98 10.90
C ILE B 6 -10.87 -6.42 10.41
N TRP B 7 -9.89 -6.80 9.61
CA TRP B 7 -9.79 -8.15 9.08
C TRP B 7 -8.46 -8.77 9.49
N LEU B 8 -8.50 -10.01 9.95
CA LEU B 8 -7.29 -10.71 10.35
C LEU B 8 -6.76 -11.57 9.22
N VAL B 9 -5.51 -11.33 8.83
CA VAL B 9 -4.90 -12.07 7.74
C VAL B 9 -3.38 -12.19 7.96
N SER B 10 -2.79 -13.23 7.38
CA SER B 10 -1.35 -13.46 7.51
C SER B 10 -0.56 -12.52 6.61
N LEU B 11 0.39 -11.80 7.20
CA LEU B 11 1.21 -10.85 6.46
C LEU B 11 2.44 -11.52 5.85
N ASP B 12 2.83 -12.66 6.41
CA ASP B 12 4.00 -13.38 5.92
C ASP B 12 3.67 -14.18 4.66
N PRO B 13 4.69 -14.62 3.88
CA PRO B 13 6.11 -14.39 4.19
C PRO B 13 6.56 -12.95 3.96
N THR B 14 7.58 -12.55 4.70
CA THR B 14 8.11 -11.20 4.58
C THR B 14 9.61 -11.25 4.26
N ALA B 15 10.08 -10.30 3.48
CA ALA B 15 11.48 -10.25 3.11
C ALA B 15 12.03 -8.83 3.29
N GLY B 16 12.86 -8.66 4.31
CA GLY B 16 13.45 -7.36 4.57
C GLY B 16 12.93 -6.77 5.86
N HIS B 17 12.55 -5.50 5.82
CA HIS B 17 12.05 -4.82 7.01
C HIS B 17 10.52 -4.71 6.97
N GLU B 18 9.89 -5.60 6.23
CA GLU B 18 8.44 -5.63 6.11
C GLU B 18 7.80 -6.11 7.42
N GLN B 19 6.59 -5.64 7.69
CA GLN B 19 5.85 -6.03 8.89
C GLN B 19 5.43 -7.49 8.76
N GLN B 20 5.96 -8.33 9.64
CA GLN B 20 5.68 -9.77 9.62
C GLN B 20 4.69 -10.16 10.72
N GLY B 21 4.27 -11.42 10.68
CA GLY B 21 3.33 -11.93 11.66
C GLY B 21 1.89 -11.65 11.33
N THR B 22 1.03 -12.64 11.55
CA THR B 22 -0.39 -12.49 11.31
C THR B 22 -0.99 -11.55 12.33
N ARG B 23 -1.76 -10.57 11.87
CA ARG B 23 -2.36 -9.60 12.76
C ARG B 23 -3.55 -8.92 12.07
N PRO B 24 -4.45 -8.30 12.85
CA PRO B 24 -5.61 -7.60 12.31
C PRO B 24 -5.18 -6.37 11.51
N VAL B 25 -5.73 -6.22 10.31
CA VAL B 25 -5.40 -5.11 9.44
C VAL B 25 -6.65 -4.35 9.01
N LEU B 26 -6.46 -3.10 8.62
CA LEU B 26 -7.57 -2.27 8.19
C LEU B 26 -7.56 -2.14 6.67
N ILE B 27 -8.71 -2.32 6.05
CA ILE B 27 -8.82 -2.24 4.60
C ILE B 27 -9.03 -0.78 4.15
N VAL B 28 -8.14 -0.30 3.29
CA VAL B 28 -8.23 1.06 2.79
C VAL B 28 -8.51 1.04 1.28
N THR B 29 -9.50 0.27 0.88
CA THR B 29 -9.87 0.16 -0.52
C THR B 29 -11.39 0.02 -0.64
N PRO B 30 -12.03 0.94 -1.40
CA PRO B 30 -13.48 0.93 -1.59
C PRO B 30 -14.01 -0.44 -1.97
N ALA B 31 -15.03 -0.90 -1.24
CA ALA B 31 -15.63 -2.20 -1.49
C ALA B 31 -16.19 -2.31 -2.90
N ALA B 32 -16.62 -1.19 -3.45
CA ALA B 32 -17.16 -1.15 -4.80
C ALA B 32 -16.13 -1.61 -5.83
N PHE B 33 -14.87 -1.32 -5.55
CA PHE B 33 -13.78 -1.71 -6.45
C PHE B 33 -13.19 -3.05 -6.00
N ASN B 34 -13.40 -3.38 -4.74
CA ASN B 34 -12.91 -4.64 -4.17
C ASN B 34 -13.46 -5.82 -4.93
N ARG B 35 -14.70 -5.71 -5.39
CA ARG B 35 -15.35 -6.78 -6.13
C ARG B 35 -14.71 -6.98 -7.50
N VAL B 36 -14.00 -5.97 -7.98
CA VAL B 36 -13.35 -6.02 -9.29
C VAL B 36 -11.99 -6.71 -9.26
N THR B 37 -11.07 -6.18 -8.46
CA THR B 37 -9.74 -6.75 -8.38
C THR B 37 -9.63 -7.87 -7.36
N ARG B 38 -10.40 -7.76 -6.27
CA ARG B 38 -10.40 -8.75 -5.20
C ARG B 38 -9.07 -8.76 -4.45
N LEU B 39 -8.38 -7.63 -4.51
CA LEU B 39 -7.10 -7.46 -3.83
C LEU B 39 -7.05 -6.07 -3.19
N PRO B 40 -7.53 -5.98 -1.94
CA PRO B 40 -7.56 -4.72 -1.22
C PRO B 40 -6.26 -4.39 -0.49
N VAL B 41 -5.98 -3.11 -0.36
CA VAL B 41 -4.79 -2.64 0.32
C VAL B 41 -5.09 -2.52 1.80
N VAL B 42 -4.30 -3.19 2.62
CA VAL B 42 -4.53 -3.16 4.06
C VAL B 42 -3.35 -2.59 4.82
N VAL B 43 -3.62 -2.06 6.00
CA VAL B 43 -2.60 -1.49 6.86
C VAL B 43 -2.56 -2.26 8.18
N PRO B 44 -1.37 -2.72 8.58
CA PRO B 44 -1.19 -3.51 9.80
C PRO B 44 -1.12 -2.64 11.06
N VAL B 45 -1.37 -3.27 12.21
CA VAL B 45 -1.32 -2.57 13.47
C VAL B 45 -0.19 -3.11 14.35
N THR B 46 0.42 -2.24 15.12
CA THR B 46 1.50 -2.64 16.01
C THR B 46 0.94 -2.91 17.40
N SER B 47 1.19 -4.11 17.92
CA SER B 47 0.71 -4.51 19.23
C SER B 47 1.17 -3.58 20.34
N GLY B 48 0.22 -3.18 21.19
CA GLY B 48 0.54 -2.29 22.29
C GLY B 48 0.10 -2.88 23.62
N GLY B 49 0.17 -2.09 24.67
CA GLY B 49 -0.22 -2.58 25.99
C GLY B 49 -0.99 -1.54 26.79
N ASN B 50 -2.13 -1.12 26.26
CA ASN B 50 -2.98 -0.11 26.90
C ASN B 50 -2.32 1.25 26.98
N PHE B 51 -2.36 1.99 25.86
CA PHE B 51 -1.78 3.31 25.78
C PHE B 51 -2.40 4.08 24.61
N ALA B 52 -2.32 5.40 24.66
CA ALA B 52 -2.86 6.24 23.60
C ALA B 52 -1.84 7.27 23.16
N ARG B 53 -0.98 6.88 22.22
CA ARG B 53 0.05 7.78 21.72
C ARG B 53 0.00 7.86 20.20
N THR B 54 -0.64 8.90 19.69
CA THR B 54 -0.76 9.11 18.25
C THR B 54 0.52 9.77 17.71
N ALA B 55 1.60 9.01 17.70
CA ALA B 55 2.89 9.51 17.23
C ALA B 55 3.10 9.21 15.74
N GLY B 56 3.42 10.25 14.98
CA GLY B 56 3.64 10.09 13.56
C GLY B 56 2.39 9.71 12.80
N PHE B 57 2.37 8.53 12.25
CA PHE B 57 1.23 8.06 11.48
C PHE B 57 0.60 6.84 12.17
N ALA B 58 0.95 6.64 13.42
CA ALA B 58 0.42 5.52 14.19
C ALA B 58 -0.78 5.96 15.03
N VAL B 59 -1.96 5.47 14.66
CA VAL B 59 -3.18 5.81 15.37
C VAL B 59 -3.50 4.74 16.42
N SER B 60 -3.64 5.15 17.66
CA SER B 60 -3.93 4.20 18.74
C SER B 60 -5.41 3.76 18.76
N LEU B 61 -5.62 2.46 18.69
CA LEU B 61 -6.96 1.89 18.74
C LEU B 61 -7.30 1.60 20.19
N ASP B 62 -6.25 1.60 21.00
CA ASP B 62 -6.37 1.35 22.43
C ASP B 62 -7.04 2.53 23.13
N GLY B 63 -7.74 2.24 24.22
CA GLY B 63 -8.41 3.29 24.97
C GLY B 63 -9.81 3.60 24.46
N VAL B 64 -9.97 3.70 23.15
CA VAL B 64 -11.27 4.00 22.56
C VAL B 64 -12.26 2.84 22.72
N GLY B 65 -11.72 1.66 22.97
CA GLY B 65 -12.57 0.49 23.13
C GLY B 65 -12.46 -0.50 21.99
N ILE B 66 -11.25 -1.00 21.79
CA ILE B 66 -10.98 -1.97 20.72
C ILE B 66 -10.26 -3.18 21.32
N ARG B 67 -10.67 -4.38 20.91
CA ARG B 67 -10.05 -5.60 21.41
C ARG B 67 -8.59 -5.67 20.96
N THR B 68 -8.35 -5.20 19.75
CA THR B 68 -7.01 -5.18 19.20
C THR B 68 -6.24 -3.97 19.76
N THR B 69 -5.69 -4.14 20.95
CA THR B 69 -4.93 -3.08 21.61
C THR B 69 -3.62 -2.82 20.88
N GLY B 70 -3.61 -1.80 20.03
CA GLY B 70 -2.40 -1.45 19.30
C GLY B 70 -2.55 -0.17 18.52
N VAL B 71 -1.56 0.12 17.68
CA VAL B 71 -1.57 1.33 16.86
C VAL B 71 -1.56 0.99 15.38
N VAL B 72 -2.44 1.63 14.61
CA VAL B 72 -2.54 1.40 13.18
C VAL B 72 -1.37 2.06 12.45
N ARG B 73 -0.69 1.29 11.62
CA ARG B 73 0.43 1.81 10.85
C ARG B 73 -0.02 2.20 9.46
N CYS B 74 -0.53 3.42 9.34
CA CYS B 74 -1.00 3.94 8.06
C CYS B 74 0.16 4.15 7.10
N ASP B 75 1.37 4.10 7.65
CA ASP B 75 2.58 4.29 6.87
C ASP B 75 3.09 2.99 6.28
N GLN B 76 2.29 1.93 6.40
CA GLN B 76 2.67 0.62 5.86
C GLN B 76 1.52 -0.02 5.08
N PRO B 77 1.04 0.62 3.99
CA PRO B 77 -0.05 0.08 3.18
C PRO B 77 0.45 -1.03 2.26
N ARG B 78 -0.09 -2.22 2.41
CA ARG B 78 0.31 -3.34 1.59
C ARG B 78 -0.88 -4.16 1.11
N THR B 79 -1.00 -4.30 -0.20
CA THR B 79 -2.07 -5.08 -0.80
C THR B 79 -1.66 -6.56 -0.83
N ILE B 80 -2.60 -7.44 -0.54
CA ILE B 80 -2.34 -8.87 -0.52
C ILE B 80 -3.59 -9.65 -0.92
N ASP B 81 -3.42 -10.90 -1.29
CA ASP B 81 -4.55 -11.74 -1.69
C ASP B 81 -5.31 -12.23 -0.47
N MET B 82 -6.35 -11.49 -0.12
CA MET B 82 -7.19 -11.80 1.04
C MET B 82 -7.86 -13.17 0.92
N LYS B 83 -8.05 -13.64 -0.32
CA LYS B 83 -8.69 -14.92 -0.55
C LYS B 83 -7.73 -16.09 -0.34
N ALA B 84 -6.56 -16.00 -0.96
CA ALA B 84 -5.56 -17.04 -0.84
C ALA B 84 -5.00 -17.12 0.58
N ARG B 85 -4.75 -15.95 1.16
CA ARG B 85 -4.22 -15.88 2.52
C ARG B 85 -5.29 -16.19 3.55
N GLY B 86 -6.53 -15.85 3.25
CA GLY B 86 -7.62 -16.12 4.16
C GLY B 86 -7.83 -15.02 5.18
N GLY B 87 -8.84 -14.18 4.95
CA GLY B 87 -9.12 -13.10 5.86
C GLY B 87 -10.44 -13.27 6.58
N LYS B 88 -10.52 -12.73 7.80
CA LYS B 88 -11.74 -12.83 8.61
C LYS B 88 -11.99 -11.52 9.35
N ARG B 89 -13.25 -11.08 9.36
CA ARG B 89 -13.61 -9.83 10.04
C ARG B 89 -13.65 -10.03 11.55
N LEU B 90 -13.09 -9.07 12.28
CA LEU B 90 -13.05 -9.15 13.72
C LEU B 90 -13.99 -8.14 14.38
N GLU B 91 -13.58 -6.88 14.44
CA GLU B 91 -14.38 -5.84 15.07
C GLU B 91 -14.48 -4.60 14.19
N ARG B 92 -15.16 -3.58 14.71
CA ARG B 92 -15.33 -2.33 13.98
C ARG B 92 -14.77 -1.15 14.78
N VAL B 93 -13.83 -0.43 14.19
CA VAL B 93 -13.21 0.71 14.83
C VAL B 93 -14.08 1.96 14.66
N PRO B 94 -14.25 2.75 15.74
CA PRO B 94 -15.04 3.99 15.70
C PRO B 94 -14.58 4.94 14.59
N GLU B 95 -15.53 5.63 13.99
CA GLU B 95 -15.26 6.56 12.90
C GLU B 95 -14.23 7.61 13.28
N THR B 96 -14.32 8.11 14.51
CA THR B 96 -13.41 9.14 15.01
C THR B 96 -11.93 8.70 14.94
N ILE B 97 -11.68 7.42 15.13
CA ILE B 97 -10.32 6.89 15.09
C ILE B 97 -9.89 6.64 13.65
N MET B 98 -10.84 6.17 12.84
CA MET B 98 -10.58 5.89 11.44
C MET B 98 -10.26 7.15 10.67
N ASN B 99 -10.87 8.25 11.07
CA ASN B 99 -10.65 9.55 10.44
C ASN B 99 -9.18 9.94 10.56
N GLU B 100 -8.58 9.61 11.69
CA GLU B 100 -7.18 9.89 11.94
C GLU B 100 -6.29 9.08 11.01
N VAL B 101 -6.65 7.81 10.82
CA VAL B 101 -5.90 6.91 9.95
C VAL B 101 -5.81 7.50 8.54
N LEU B 102 -6.95 7.93 8.02
CA LEU B 102 -7.03 8.51 6.69
C LEU B 102 -6.19 9.79 6.63
N GLY B 103 -6.28 10.58 7.70
CA GLY B 103 -5.54 11.82 7.77
C GLY B 103 -4.04 11.60 7.78
N ARG B 104 -3.58 10.66 8.61
CA ARG B 104 -2.16 10.36 8.71
C ARG B 104 -1.61 9.87 7.36
N LEU B 105 -2.39 9.05 6.67
CA LEU B 105 -1.99 8.53 5.39
C LEU B 105 -1.92 9.64 4.34
N SER B 106 -2.74 10.66 4.51
CA SER B 106 -2.77 11.80 3.59
C SER B 106 -1.46 12.59 3.66
N THR B 107 -0.88 12.67 4.85
CA THR B 107 0.37 13.41 5.05
C THR B 107 1.57 12.69 4.41
N ILE B 108 1.38 11.42 4.10
CA ILE B 108 2.44 10.63 3.48
C ILE B 108 2.54 10.93 2.00
N LEU B 109 1.45 11.43 1.43
CA LEU B 109 1.41 11.76 0.02
C LEU B 109 1.74 13.24 -0.20
N THR B 110 2.82 13.68 0.43
CA THR B 110 3.26 15.07 0.31
C THR B 110 4.78 15.16 0.48
N MET A 1 15.76 8.03 -2.02
CA MET A 1 14.62 7.77 -2.94
C MET A 1 13.55 8.85 -2.78
N GLU A 2 13.23 9.49 -3.90
CA GLU A 2 12.24 10.56 -3.93
C GLU A 2 10.97 10.08 -4.63
N ARG A 3 9.90 10.86 -4.49
CA ARG A 3 8.64 10.53 -5.12
C ARG A 3 8.75 10.67 -6.63
N GLY A 4 8.34 9.65 -7.35
CA GLY A 4 8.41 9.70 -8.80
C GLY A 4 9.49 8.80 -9.36
N GLU A 5 10.31 8.23 -8.50
CA GLU A 5 11.39 7.33 -8.94
C GLU A 5 10.86 5.93 -9.21
N ILE A 6 11.47 5.26 -10.18
CA ILE A 6 11.07 3.90 -10.55
C ILE A 6 12.16 2.90 -10.18
N TRP A 7 11.79 1.93 -9.35
CA TRP A 7 12.73 0.90 -8.91
C TRP A 7 12.24 -0.48 -9.36
N LEU A 8 13.16 -1.38 -9.65
CA LEU A 8 12.82 -2.72 -10.10
C LEU A 8 13.00 -3.73 -8.96
N VAL A 9 11.98 -4.55 -8.72
CA VAL A 9 12.02 -5.56 -7.67
C VAL A 9 10.83 -6.53 -7.79
N SER A 10 10.99 -7.74 -7.29
CA SER A 10 9.93 -8.73 -7.33
C SER A 10 8.93 -8.49 -6.20
N LEU A 11 7.64 -8.67 -6.49
CA LEU A 11 6.59 -8.48 -5.49
C LEU A 11 6.44 -9.72 -4.61
N ASP A 12 7.13 -10.77 -4.99
CA ASP A 12 7.11 -12.05 -4.27
C ASP A 12 7.73 -11.88 -2.88
N PRO A 13 7.47 -12.81 -1.95
CA PRO A 13 6.64 -14.00 -2.19
C PRO A 13 5.15 -13.66 -2.13
N THR A 14 4.38 -14.28 -3.01
CA THR A 14 2.96 -14.03 -3.06
C THR A 14 2.18 -15.31 -2.76
N ALA A 15 0.88 -15.19 -2.62
CA ALA A 15 0.03 -16.33 -2.35
C ALA A 15 -1.23 -16.24 -3.19
N GLY A 16 -1.64 -17.37 -3.75
CA GLY A 16 -2.84 -17.39 -4.57
C GLY A 16 -2.64 -16.74 -5.92
N HIS A 17 -3.36 -15.65 -6.16
CA HIS A 17 -3.26 -14.95 -7.43
C HIS A 17 -2.64 -13.57 -7.25
N GLU A 18 -1.97 -13.37 -6.13
CA GLU A 18 -1.32 -12.10 -5.83
C GLU A 18 -0.28 -11.78 -6.93
N GLN A 19 -0.25 -10.53 -7.35
CA GLN A 19 0.69 -10.09 -8.39
C GLN A 19 2.14 -10.40 -7.98
N GLN A 20 2.80 -11.22 -8.77
CA GLN A 20 4.18 -11.61 -8.51
C GLN A 20 5.08 -11.32 -9.70
N GLY A 21 6.38 -11.31 -9.47
CA GLY A 21 7.31 -11.04 -10.55
C GLY A 21 8.05 -9.73 -10.41
N THR A 22 9.27 -9.70 -10.94
CA THR A 22 10.09 -8.50 -10.90
C THR A 22 9.56 -7.45 -11.86
N ARG A 23 9.09 -6.35 -11.31
CA ARG A 23 8.54 -5.28 -12.13
C ARG A 23 8.91 -3.93 -11.54
N PRO A 24 8.84 -2.87 -12.34
CA PRO A 24 9.15 -1.52 -11.89
C PRO A 24 8.07 -0.99 -10.96
N VAL A 25 8.49 -0.40 -9.86
CA VAL A 25 7.56 0.18 -8.90
C VAL A 25 7.80 1.68 -8.75
N LEU A 26 6.73 2.45 -8.73
CA LEU A 26 6.83 3.90 -8.62
C LEU A 26 6.70 4.35 -7.17
N ILE A 27 7.66 5.17 -6.73
CA ILE A 27 7.66 5.69 -5.36
C ILE A 27 6.58 6.76 -5.21
N VAL A 28 5.57 6.47 -4.39
CA VAL A 28 4.47 7.41 -4.16
C VAL A 28 4.76 8.36 -3.00
N THR A 29 5.31 7.82 -1.92
CA THR A 29 5.61 8.61 -0.74
C THR A 29 6.75 9.61 -0.99
N PRO A 30 6.69 10.77 -0.32
CA PRO A 30 7.72 11.82 -0.46
C PRO A 30 9.05 11.39 0.15
N ALA A 31 10.13 12.04 -0.28
CA ALA A 31 11.47 11.73 0.19
C ALA A 31 11.60 11.86 1.71
N ALA A 32 10.90 12.83 2.28
CA ALA A 32 10.94 13.04 3.73
C ALA A 32 10.40 11.83 4.47
N PHE A 33 9.27 11.31 4.00
CA PHE A 33 8.64 10.14 4.60
C PHE A 33 9.53 8.92 4.44
N ASN A 34 10.12 8.77 3.25
CA ASN A 34 10.99 7.64 2.94
C ASN A 34 12.27 7.70 3.76
N ARG A 35 12.50 8.84 4.40
CA ARG A 35 13.69 9.02 5.22
C ARG A 35 13.42 8.71 6.68
N VAL A 36 12.19 8.97 7.13
CA VAL A 36 11.82 8.73 8.52
C VAL A 36 11.43 7.27 8.78
N THR A 37 10.56 6.71 7.95
CA THR A 37 10.13 5.32 8.13
C THR A 37 10.97 4.40 7.26
N ARG A 38 11.47 4.94 6.15
CA ARG A 38 12.28 4.20 5.19
C ARG A 38 11.47 3.13 4.48
N LEU A 39 10.16 3.32 4.49
CA LEU A 39 9.24 2.39 3.85
C LEU A 39 8.36 3.16 2.87
N PRO A 40 8.71 3.12 1.58
CA PRO A 40 7.98 3.83 0.54
C PRO A 40 6.83 3.02 -0.06
N VAL A 41 5.68 3.68 -0.21
CA VAL A 41 4.52 3.04 -0.81
C VAL A 41 4.73 3.07 -2.31
N VAL A 42 4.87 1.89 -2.92
CA VAL A 42 5.11 1.82 -4.34
C VAL A 42 3.98 1.14 -5.11
N VAL A 43 3.84 1.55 -6.37
CA VAL A 43 2.83 1.00 -7.26
C VAL A 43 3.55 0.35 -8.46
N PRO A 44 3.21 -0.90 -8.77
CA PRO A 44 3.84 -1.65 -9.86
C PRO A 44 3.45 -1.15 -11.25
N VAL A 45 4.40 -1.22 -12.17
CA VAL A 45 4.20 -0.81 -13.55
C VAL A 45 4.13 -2.07 -14.42
N THR A 46 3.01 -2.27 -15.10
CA THR A 46 2.82 -3.43 -15.95
C THR A 46 1.82 -3.15 -17.06
N SER A 47 2.24 -3.34 -18.31
CA SER A 47 1.36 -3.12 -19.46
C SER A 47 1.03 -4.44 -20.15
N GLY A 48 1.66 -5.52 -19.69
CA GLY A 48 1.43 -6.83 -20.29
C GLY A 48 1.95 -6.86 -21.71
N GLY A 49 3.09 -6.23 -21.91
CA GLY A 49 3.70 -6.16 -23.22
C GLY A 49 3.53 -4.78 -23.80
N ASN A 50 2.81 -4.69 -24.91
CA ASN A 50 2.57 -3.42 -25.57
C ASN A 50 1.10 -3.02 -25.46
N PHE A 51 0.40 -3.67 -24.54
CA PHE A 51 -1.02 -3.40 -24.33
C PHE A 51 -1.24 -2.33 -23.27
N ALA A 52 -0.51 -1.22 -23.39
CA ALA A 52 -0.63 -0.13 -22.45
C ALA A 52 -1.99 0.57 -22.62
N ARG A 53 -2.92 0.28 -21.72
CA ARG A 53 -4.24 0.88 -21.80
C ARG A 53 -4.59 1.64 -20.53
N THR A 54 -5.65 2.42 -20.60
CA THR A 54 -6.13 3.20 -19.47
C THR A 54 -7.53 2.74 -19.11
N ALA A 55 -7.61 1.73 -18.26
CA ALA A 55 -8.89 1.18 -17.84
C ALA A 55 -8.99 1.19 -16.31
N GLY A 56 -9.90 1.99 -15.80
CA GLY A 56 -10.09 2.08 -14.36
C GLY A 56 -9.02 2.91 -13.68
N PHE A 57 -8.27 2.29 -12.79
CA PHE A 57 -7.21 2.99 -12.07
C PHE A 57 -5.84 2.57 -12.57
N ALA A 58 -5.53 2.97 -13.79
CA ALA A 58 -4.24 2.65 -14.40
C ALA A 58 -3.76 3.82 -15.24
N VAL A 59 -2.47 4.12 -15.17
CA VAL A 59 -1.88 5.23 -15.92
C VAL A 59 -0.86 4.73 -16.93
N SER A 60 -1.12 4.97 -18.21
CA SER A 60 -0.22 4.53 -19.26
C SER A 60 1.00 5.46 -19.37
N LEU A 61 2.19 4.90 -19.16
CA LEU A 61 3.42 5.68 -19.24
C LEU A 61 3.88 5.81 -20.69
N ASP A 62 3.36 4.94 -21.53
CA ASP A 62 3.71 4.95 -22.95
C ASP A 62 3.16 6.20 -23.61
N GLY A 63 4.06 7.03 -24.11
CA GLY A 63 3.66 8.27 -24.75
C GLY A 63 4.61 9.40 -24.39
N VAL A 64 5.18 9.35 -23.19
CA VAL A 64 6.12 10.37 -22.75
C VAL A 64 7.53 10.11 -23.27
N GLY A 65 7.77 8.88 -23.70
CA GLY A 65 9.08 8.52 -24.23
C GLY A 65 10.09 8.27 -23.14
N ILE A 66 10.08 7.06 -22.59
CA ILE A 66 11.01 6.68 -21.53
C ILE A 66 11.52 5.27 -21.78
N ARG A 67 12.52 4.86 -21.02
CA ARG A 67 13.10 3.53 -21.17
C ARG A 67 12.18 2.48 -20.54
N THR A 68 11.82 2.71 -19.29
CA THR A 68 10.95 1.79 -18.57
C THR A 68 9.48 2.09 -18.86
N THR A 69 9.03 1.69 -20.04
CA THR A 69 7.65 1.90 -20.46
C THR A 69 6.71 0.89 -19.80
N GLY A 70 5.43 1.23 -19.74
CA GLY A 70 4.45 0.34 -19.15
C GLY A 70 3.24 1.11 -18.66
N VAL A 71 2.51 0.52 -17.72
CA VAL A 71 1.33 1.13 -17.15
C VAL A 71 1.39 1.10 -15.64
N VAL A 72 1.23 2.26 -15.01
CA VAL A 72 1.25 2.36 -13.56
C VAL A 72 -0.03 1.77 -12.98
N ARG A 73 0.12 0.73 -12.17
CA ARG A 73 -1.02 0.08 -11.58
C ARG A 73 -1.33 0.67 -10.21
N CYS A 74 -2.27 1.61 -10.18
CA CYS A 74 -2.67 2.25 -8.93
C CYS A 74 -3.65 1.33 -8.19
N ASP A 75 -4.01 0.25 -8.86
CA ASP A 75 -4.94 -0.72 -8.33
C ASP A 75 -4.29 -1.68 -7.33
N GLN A 76 -2.96 -1.73 -7.32
CA GLN A 76 -2.27 -2.63 -6.41
C GLN A 76 -1.05 -2.01 -5.71
N PRO A 77 -1.25 -1.06 -4.81
CA PRO A 77 -0.15 -0.43 -4.07
C PRO A 77 0.39 -1.41 -3.03
N ARG A 78 1.70 -1.44 -2.84
CA ARG A 78 2.30 -2.35 -1.87
C ARG A 78 3.66 -1.88 -1.38
N THR A 79 3.73 -1.55 -0.09
CA THR A 79 4.98 -1.12 0.50
C THR A 79 5.82 -2.34 0.89
N ILE A 80 6.92 -2.53 0.17
CA ILE A 80 7.82 -3.64 0.44
C ILE A 80 9.20 -3.10 0.75
N ASP A 81 9.99 -3.88 1.49
CA ASP A 81 11.33 -3.47 1.86
C ASP A 81 12.25 -3.38 0.63
N MET A 82 12.87 -2.24 0.45
CA MET A 82 13.77 -2.02 -0.68
C MET A 82 15.22 -2.12 -0.25
N LYS A 83 15.44 -2.54 0.99
CA LYS A 83 16.79 -2.65 1.53
C LYS A 83 17.38 -4.05 1.33
N ALA A 84 16.76 -5.04 1.95
CA ALA A 84 17.23 -6.42 1.87
C ALA A 84 16.96 -7.00 0.49
N ARG A 85 15.92 -6.50 -0.17
CA ARG A 85 15.57 -6.98 -1.51
C ARG A 85 16.57 -6.46 -2.54
N GLY A 86 17.12 -5.28 -2.27
CA GLY A 86 18.08 -4.69 -3.18
C GLY A 86 17.45 -4.24 -4.47
N GLY A 87 16.59 -3.23 -4.39
CA GLY A 87 15.92 -2.71 -5.56
C GLY A 87 16.87 -2.00 -6.50
N LYS A 88 16.55 -2.00 -7.78
CA LYS A 88 17.38 -1.36 -8.79
C LYS A 88 16.65 -0.17 -9.39
N ARG A 89 17.23 1.01 -9.30
CA ARG A 89 16.61 2.21 -9.84
C ARG A 89 16.86 2.33 -11.34
N LEU A 90 15.82 2.66 -12.09
CA LEU A 90 15.92 2.83 -13.53
C LEU A 90 15.92 4.30 -13.91
N GLU A 91 14.80 4.96 -13.64
CA GLU A 91 14.63 6.39 -13.94
C GLU A 91 13.46 6.94 -13.15
N ARG A 92 13.03 8.15 -13.47
CA ARG A 92 11.91 8.76 -12.78
C ARG A 92 10.90 9.31 -13.78
N VAL A 93 9.66 9.44 -13.36
CA VAL A 93 8.60 9.95 -14.23
C VAL A 93 8.38 11.44 -13.99
N PRO A 94 7.82 12.14 -14.98
CA PRO A 94 7.52 13.57 -14.88
C PRO A 94 6.46 13.84 -13.81
N GLU A 95 6.59 14.97 -13.13
CA GLU A 95 5.65 15.34 -12.07
C GLU A 95 4.23 15.49 -12.60
N THR A 96 4.11 15.79 -13.88
CA THR A 96 2.82 15.95 -14.52
C THR A 96 2.07 14.62 -14.56
N ILE A 97 2.81 13.54 -14.81
CA ILE A 97 2.23 12.21 -14.88
C ILE A 97 1.89 11.74 -13.48
N MET A 98 2.83 11.91 -12.55
CA MET A 98 2.63 11.50 -11.16
C MET A 98 1.47 12.27 -10.53
N ASN A 99 1.22 13.47 -11.04
CA ASN A 99 0.16 14.33 -10.54
C ASN A 99 -1.20 13.64 -10.59
N GLU A 100 -1.51 13.04 -11.74
CA GLU A 100 -2.79 12.36 -11.90
C GLU A 100 -2.82 11.02 -11.16
N VAL A 101 -1.64 10.41 -11.01
CA VAL A 101 -1.53 9.12 -10.31
C VAL A 101 -1.98 9.29 -8.86
N LEU A 102 -1.47 10.35 -8.22
CA LEU A 102 -1.81 10.65 -6.84
C LEU A 102 -3.31 10.91 -6.71
N GLY A 103 -3.87 11.55 -7.73
CA GLY A 103 -5.28 11.85 -7.75
C GLY A 103 -6.15 10.61 -7.69
N ARG A 104 -5.80 9.62 -8.51
CA ARG A 104 -6.56 8.36 -8.55
C ARG A 104 -6.43 7.63 -7.22
N LEU A 105 -5.24 7.68 -6.64
CA LEU A 105 -4.96 7.01 -5.37
C LEU A 105 -5.75 7.62 -4.21
N SER A 106 -6.24 8.83 -4.39
CA SER A 106 -6.99 9.50 -3.35
C SER A 106 -8.43 8.97 -3.28
N THR A 107 -8.92 8.45 -4.39
CA THR A 107 -10.28 7.93 -4.46
C THR A 107 -10.40 6.56 -3.81
N ILE A 108 -9.29 5.83 -3.70
CA ILE A 108 -9.31 4.50 -3.11
C ILE A 108 -9.23 4.56 -1.59
N LEU A 109 -8.95 5.74 -1.05
CA LEU A 109 -8.84 5.91 0.39
C LEU A 109 -10.22 6.13 1.00
N THR A 110 -11.01 5.06 1.06
CA THR A 110 -12.35 5.15 1.62
C THR A 110 -12.71 3.90 2.42
N MET B 1 -12.82 2.77 1.72
CA MET B 1 -13.17 1.49 2.34
C MET B 1 -14.56 1.55 2.97
N GLU B 2 -14.94 0.49 3.69
CA GLU B 2 -16.23 0.43 4.35
C GLU B 2 -16.14 1.17 5.68
N ARG B 3 -14.91 1.30 6.18
CA ARG B 3 -14.60 1.99 7.43
C ARG B 3 -15.06 1.21 8.66
N GLY B 4 -14.09 0.89 9.52
CA GLY B 4 -14.39 0.17 10.75
C GLY B 4 -14.13 -1.32 10.65
N GLU B 5 -14.22 -1.85 9.44
CA GLU B 5 -14.02 -3.26 9.20
C GLU B 5 -12.56 -3.71 9.36
N ILE B 6 -12.24 -4.24 10.53
CA ILE B 6 -10.89 -4.73 10.81
C ILE B 6 -10.84 -6.23 10.53
N TRP B 7 -9.90 -6.64 9.69
CA TRP B 7 -9.78 -8.04 9.33
C TRP B 7 -8.57 -8.70 10.00
N LEU B 8 -8.56 -10.03 9.99
CA LEU B 8 -7.47 -10.81 10.59
C LEU B 8 -6.95 -11.82 9.59
N VAL B 9 -5.67 -11.72 9.26
CA VAL B 9 -5.04 -12.62 8.31
C VAL B 9 -3.52 -12.61 8.50
N SER B 10 -2.82 -13.53 7.84
CA SER B 10 -1.37 -13.60 7.94
C SER B 10 -0.72 -12.91 6.75
N LEU B 11 0.31 -12.12 7.03
CA LEU B 11 1.02 -11.40 5.98
C LEU B 11 2.12 -12.26 5.36
N ASP B 12 2.50 -13.31 6.07
CA ASP B 12 3.53 -14.22 5.60
C ASP B 12 3.07 -14.97 4.36
N PRO B 13 4.01 -15.42 3.52
CA PRO B 13 5.45 -15.23 3.74
C PRO B 13 5.91 -13.79 3.49
N THR B 14 6.54 -13.20 4.50
CA THR B 14 7.04 -11.83 4.40
C THR B 14 8.55 -11.82 4.68
N ALA B 15 9.21 -10.71 4.37
CA ALA B 15 10.66 -10.61 4.58
C ALA B 15 11.09 -9.15 4.64
N GLY B 16 12.40 -8.93 4.64
CA GLY B 16 12.95 -7.59 4.68
C GLY B 16 12.67 -6.88 5.99
N HIS B 17 11.72 -5.95 5.96
CA HIS B 17 11.35 -5.20 7.14
C HIS B 17 9.83 -5.16 7.29
N GLU B 18 9.17 -6.03 6.55
CA GLU B 18 7.71 -6.12 6.57
C GLU B 18 7.26 -6.88 7.83
N GLN B 19 6.15 -6.45 8.41
CA GLN B 19 5.62 -7.09 9.61
C GLN B 19 5.07 -8.49 9.29
N GLN B 20 5.83 -9.51 9.70
CA GLN B 20 5.44 -10.89 9.46
C GLN B 20 4.48 -11.39 10.54
N GLY B 21 4.15 -12.67 10.48
CA GLY B 21 3.25 -13.25 11.44
C GLY B 21 1.79 -12.98 11.13
N THR B 22 0.94 -13.25 12.10
CA THR B 22 -0.49 -13.05 11.95
C THR B 22 -0.94 -11.94 12.90
N ARG B 23 -1.53 -10.89 12.34
CA ARG B 23 -1.99 -9.77 13.13
C ARG B 23 -3.17 -9.11 12.44
N PRO B 24 -3.99 -8.33 13.18
CA PRO B 24 -5.14 -7.63 12.61
C PRO B 24 -4.68 -6.67 11.50
N VAL B 25 -5.43 -6.65 10.41
CA VAL B 25 -5.09 -5.78 9.29
C VAL B 25 -6.30 -4.94 8.88
N LEU B 26 -6.08 -3.64 8.79
CA LEU B 26 -7.14 -2.73 8.40
C LEU B 26 -7.06 -2.48 6.90
N ILE B 27 -8.14 -2.79 6.19
CA ILE B 27 -8.18 -2.60 4.75
C ILE B 27 -8.49 -1.14 4.43
N VAL B 28 -7.79 -0.60 3.44
CA VAL B 28 -7.99 0.80 3.05
C VAL B 28 -8.82 0.89 1.77
N THR B 29 -8.72 -0.13 0.92
CA THR B 29 -9.44 -0.15 -0.34
C THR B 29 -10.92 -0.44 -0.12
N PRO B 30 -11.80 0.28 -0.84
CA PRO B 30 -13.25 0.11 -0.73
C PRO B 30 -13.71 -1.24 -1.27
N ALA B 31 -14.91 -1.65 -0.88
CA ALA B 31 -15.47 -2.92 -1.32
C ALA B 31 -15.56 -3.02 -2.83
N ALA B 32 -15.87 -1.90 -3.48
CA ALA B 32 -15.97 -1.86 -4.94
C ALA B 32 -14.63 -2.16 -5.60
N PHE B 33 -13.55 -1.80 -4.91
CA PHE B 33 -12.21 -2.04 -5.44
C PHE B 33 -11.79 -3.47 -5.17
N ASN B 34 -12.14 -3.97 -3.99
CA ASN B 34 -11.81 -5.34 -3.59
C ASN B 34 -12.56 -6.34 -4.46
N ARG B 35 -13.67 -5.90 -5.05
CA ARG B 35 -14.47 -6.76 -5.92
C ARG B 35 -13.85 -6.86 -7.31
N VAL B 36 -13.24 -5.77 -7.76
CA VAL B 36 -12.62 -5.74 -9.10
C VAL B 36 -11.19 -6.27 -9.08
N THR B 37 -10.31 -5.58 -8.36
CA THR B 37 -8.92 -5.99 -8.28
C THR B 37 -8.77 -7.30 -7.53
N ARG B 38 -9.68 -7.54 -6.58
CA ARG B 38 -9.68 -8.75 -5.76
C ARG B 38 -8.53 -8.79 -4.75
N LEU B 39 -7.61 -7.86 -4.88
CA LEU B 39 -6.47 -7.77 -3.99
C LEU B 39 -6.50 -6.43 -3.25
N PRO B 40 -6.94 -6.43 -1.99
CA PRO B 40 -7.04 -5.22 -1.18
C PRO B 40 -5.75 -4.89 -0.45
N VAL B 41 -5.60 -3.62 -0.06
CA VAL B 41 -4.44 -3.19 0.68
C VAL B 41 -4.73 -3.26 2.18
N VAL B 42 -3.87 -3.93 2.92
CA VAL B 42 -4.07 -4.09 4.34
C VAL B 42 -2.98 -3.39 5.15
N VAL B 43 -3.40 -2.89 6.30
CA VAL B 43 -2.50 -2.20 7.23
C VAL B 43 -2.28 -3.08 8.46
N PRO B 44 -1.05 -3.58 8.66
CA PRO B 44 -0.72 -4.44 9.79
C PRO B 44 -0.65 -3.66 11.10
N VAL B 45 -1.50 -4.05 12.04
CA VAL B 45 -1.54 -3.41 13.34
C VAL B 45 -0.38 -3.90 14.21
N THR B 46 0.26 -2.97 14.90
CA THR B 46 1.38 -3.30 15.76
C THR B 46 0.94 -3.23 17.23
N SER B 47 0.89 -4.39 17.88
CA SER B 47 0.50 -4.48 19.27
C SER B 47 1.44 -3.65 20.15
N GLY B 48 0.87 -2.77 20.97
CA GLY B 48 1.68 -1.93 21.82
C GLY B 48 1.59 -2.33 23.28
N GLY B 49 1.13 -3.54 23.53
CA GLY B 49 1.00 -4.03 24.90
C GLY B 49 -0.08 -3.31 25.66
N ASN B 50 0.30 -2.25 26.37
CA ASN B 50 -0.65 -1.46 27.14
C ASN B 50 -0.52 0.01 26.78
N PHE B 51 0.72 0.51 26.77
CA PHE B 51 0.98 1.91 26.44
C PHE B 51 1.07 2.10 24.94
N ALA B 52 -0.03 2.45 24.33
CA ALA B 52 -0.08 2.67 22.90
C ALA B 52 -0.69 4.03 22.58
N ARG B 53 0.17 5.00 22.29
CA ARG B 53 -0.27 6.35 21.97
C ARG B 53 0.11 6.70 20.53
N THR B 54 -0.11 7.95 20.14
CA THR B 54 0.19 8.38 18.79
C THR B 54 1.66 8.74 18.60
N ALA B 55 2.27 8.16 17.58
CA ALA B 55 3.67 8.41 17.26
C ALA B 55 3.78 9.07 15.90
N GLY B 56 3.25 10.29 15.80
CA GLY B 56 3.30 11.04 14.56
C GLY B 56 2.33 10.50 13.52
N PHE B 57 2.84 9.63 12.66
CA PHE B 57 2.01 9.04 11.61
C PHE B 57 1.30 7.78 12.11
N ALA B 58 1.64 7.35 13.31
CA ALA B 58 1.03 6.17 13.90
C ALA B 58 -0.27 6.54 14.60
N VAL B 59 -1.38 6.05 14.07
CA VAL B 59 -2.69 6.31 14.64
C VAL B 59 -2.93 5.43 15.88
N SER B 60 -3.56 6.01 16.90
CA SER B 60 -3.84 5.28 18.14
C SER B 60 -5.20 4.59 18.05
N LEU B 61 -5.19 3.29 18.28
CA LEU B 61 -6.43 2.51 18.25
C LEU B 61 -7.08 2.47 19.62
N ASP B 62 -6.25 2.41 20.66
CA ASP B 62 -6.75 2.36 22.03
C ASP B 62 -7.10 3.76 22.55
N GLY B 63 -7.43 3.84 23.83
CA GLY B 63 -7.79 5.11 24.42
C GLY B 63 -9.28 5.38 24.26
N VAL B 64 -9.82 5.01 23.11
CA VAL B 64 -11.22 5.21 22.82
C VAL B 64 -12.03 3.95 23.15
N GLY B 65 -11.33 2.90 23.57
CA GLY B 65 -11.99 1.65 23.90
C GLY B 65 -11.99 0.66 22.74
N ILE B 66 -10.91 -0.08 22.61
CA ILE B 66 -10.79 -1.06 21.54
C ILE B 66 -10.22 -2.37 22.10
N ARG B 67 -10.41 -3.46 21.38
CA ARG B 67 -9.90 -4.75 21.84
C ARG B 67 -8.43 -4.92 21.45
N THR B 68 -8.10 -4.57 20.22
CA THR B 68 -6.74 -4.69 19.73
C THR B 68 -5.92 -3.44 20.08
N THR B 69 -5.28 -3.49 21.24
CA THR B 69 -4.44 -2.38 21.71
C THR B 69 -3.15 -2.29 20.88
N GLY B 70 -3.15 -1.39 19.91
CA GLY B 70 -1.98 -1.21 19.07
C GLY B 70 -2.05 0.07 18.28
N VAL B 71 -1.11 0.24 17.35
CA VAL B 71 -1.05 1.43 16.51
C VAL B 71 -1.25 1.07 15.04
N VAL B 72 -1.77 2.01 14.28
CA VAL B 72 -2.02 1.82 12.86
C VAL B 72 -0.77 2.21 12.05
N ARG B 73 -0.24 1.26 11.29
CA ARG B 73 0.94 1.50 10.48
C ARG B 73 0.56 1.83 9.04
N CYS B 74 0.27 3.11 8.79
CA CYS B 74 -0.10 3.56 7.46
C CYS B 74 1.10 3.61 6.53
N ASP B 75 2.26 3.25 7.06
CA ASP B 75 3.50 3.25 6.30
C ASP B 75 3.83 1.87 5.74
N GLN B 76 3.00 0.88 6.06
CA GLN B 76 3.24 -0.48 5.57
C GLN B 76 2.00 -1.12 4.93
N PRO B 77 1.35 -0.46 3.95
CA PRO B 77 0.17 -1.02 3.29
C PRO B 77 0.57 -1.94 2.13
N ARG B 78 0.18 -3.20 2.21
CA ARG B 78 0.51 -4.16 1.16
C ARG B 78 -0.73 -4.86 0.63
N THR B 79 -0.77 -5.05 -0.69
CA THR B 79 -1.88 -5.74 -1.33
C THR B 79 -1.70 -7.24 -1.16
N ILE B 80 -2.70 -7.92 -0.64
CA ILE B 80 -2.60 -9.36 -0.43
C ILE B 80 -3.82 -10.12 -0.92
N ASP B 81 -3.61 -11.35 -1.35
CA ASP B 81 -4.71 -12.19 -1.81
C ASP B 81 -5.49 -12.71 -0.61
N MET B 82 -6.51 -11.97 -0.22
CA MET B 82 -7.34 -12.34 0.92
C MET B 82 -8.15 -13.60 0.66
N LYS B 83 -8.27 -13.98 -0.60
CA LYS B 83 -9.03 -15.15 -0.99
C LYS B 83 -8.27 -16.44 -0.68
N ALA B 84 -7.00 -16.46 -1.03
CA ALA B 84 -6.16 -17.62 -0.79
C ALA B 84 -5.60 -17.66 0.62
N ARG B 85 -5.36 -16.47 1.18
CA ARG B 85 -4.80 -16.38 2.53
C ARG B 85 -5.83 -16.75 3.60
N GLY B 86 -7.08 -16.39 3.35
CA GLY B 86 -8.13 -16.70 4.31
C GLY B 86 -8.35 -15.58 5.29
N GLY B 87 -9.09 -14.57 4.86
CA GLY B 87 -9.36 -13.44 5.72
C GLY B 87 -10.63 -13.61 6.52
N LYS B 88 -10.75 -12.82 7.58
CA LYS B 88 -11.92 -12.83 8.45
C LYS B 88 -12.03 -11.49 9.14
N ARG B 89 -13.23 -11.11 9.57
CA ARG B 89 -13.43 -9.82 10.23
C ARG B 89 -13.47 -9.99 11.75
N LEU B 90 -12.91 -9.04 12.47
CA LEU B 90 -12.88 -9.08 13.93
C LEU B 90 -13.82 -8.04 14.55
N GLU B 91 -13.25 -6.90 14.92
CA GLU B 91 -14.03 -5.83 15.54
C GLU B 91 -14.22 -4.67 14.58
N ARG B 92 -15.09 -3.73 14.95
CA ARG B 92 -15.37 -2.56 14.12
C ARG B 92 -14.80 -1.30 14.78
N VAL B 93 -13.71 -0.79 14.23
CA VAL B 93 -13.07 0.41 14.76
C VAL B 93 -13.94 1.65 14.50
N PRO B 94 -14.14 2.48 15.54
CA PRO B 94 -14.94 3.71 15.43
C PRO B 94 -14.50 4.60 14.28
N GLU B 95 -15.47 5.30 13.68
CA GLU B 95 -15.22 6.19 12.56
C GLU B 95 -14.26 7.30 12.95
N THR B 96 -14.27 7.65 14.23
CA THR B 96 -13.42 8.70 14.77
C THR B 96 -11.95 8.35 14.55
N ILE B 97 -11.59 7.11 14.88
CA ILE B 97 -10.21 6.65 14.71
C ILE B 97 -9.91 6.40 13.25
N MET B 98 -10.88 5.82 12.54
CA MET B 98 -10.74 5.52 11.12
C MET B 98 -10.44 6.79 10.31
N ASN B 99 -11.07 7.90 10.70
CA ASN B 99 -10.87 9.17 10.02
C ASN B 99 -9.40 9.61 10.11
N GLU B 100 -8.81 9.37 11.28
CA GLU B 100 -7.41 9.73 11.51
C GLU B 100 -6.48 8.90 10.65
N VAL B 101 -6.91 7.69 10.32
CA VAL B 101 -6.12 6.79 9.49
C VAL B 101 -6.08 7.32 8.06
N LEU B 102 -7.26 7.61 7.53
CA LEU B 102 -7.38 8.12 6.17
C LEU B 102 -6.79 9.53 6.06
N GLY B 103 -6.96 10.32 7.12
CA GLY B 103 -6.45 11.67 7.15
C GLY B 103 -4.94 11.70 6.96
N ARG B 104 -4.23 10.90 7.76
CA ARG B 104 -2.77 10.84 7.69
C ARG B 104 -2.32 10.32 6.33
N LEU B 105 -3.09 9.38 5.77
CA LEU B 105 -2.78 8.81 4.46
C LEU B 105 -2.92 9.88 3.39
N SER B 106 -3.83 10.82 3.61
CA SER B 106 -4.07 11.90 2.66
C SER B 106 -3.03 13.01 2.84
N THR B 107 -2.37 13.02 3.98
CA THR B 107 -1.35 14.02 4.28
C THR B 107 -0.07 13.75 3.49
N ILE B 108 0.28 12.48 3.36
CA ILE B 108 1.49 12.08 2.64
C ILE B 108 1.30 12.16 1.13
N LEU B 109 0.13 12.60 0.69
CA LEU B 109 -0.17 12.73 -0.72
C LEU B 109 0.37 14.05 -1.28
N THR B 110 0.74 14.96 -0.39
CA THR B 110 1.27 16.24 -0.83
C THR B 110 2.77 16.13 -1.08
N MET A 1 17.56 6.67 -3.98
CA MET A 1 16.20 6.51 -4.54
C MET A 1 15.34 7.73 -4.22
N GLU A 2 14.67 8.26 -5.22
CA GLU A 2 13.81 9.42 -5.05
C GLU A 2 12.43 9.16 -5.63
N ARG A 3 11.44 9.91 -5.17
CA ARG A 3 10.07 9.78 -5.66
C ARG A 3 10.02 10.07 -7.16
N GLY A 4 9.54 9.11 -7.93
CA GLY A 4 9.45 9.28 -9.36
C GLY A 4 10.42 8.39 -10.10
N GLU A 5 11.31 7.75 -9.36
CA GLU A 5 12.31 6.86 -9.96
C GLU A 5 11.75 5.46 -10.14
N ILE A 6 12.19 4.80 -11.21
CA ILE A 6 11.75 3.44 -11.49
C ILE A 6 12.92 2.49 -11.29
N TRP A 7 12.84 1.66 -10.26
CA TRP A 7 13.90 0.72 -9.95
C TRP A 7 13.52 -0.70 -10.35
N LEU A 8 14.44 -1.41 -10.98
CA LEU A 8 14.20 -2.77 -11.43
C LEU A 8 14.72 -3.78 -10.40
N VAL A 9 13.83 -4.63 -9.94
CA VAL A 9 14.18 -5.65 -8.96
C VAL A 9 13.13 -6.75 -8.95
N SER A 10 13.52 -7.95 -8.49
CA SER A 10 12.60 -9.07 -8.42
C SER A 10 11.87 -9.06 -7.09
N LEU A 11 10.55 -9.18 -7.13
CA LEU A 11 9.75 -9.18 -5.92
C LEU A 11 9.78 -10.55 -5.25
N ASP A 12 10.33 -11.53 -5.97
CA ASP A 12 10.45 -12.89 -5.47
C ASP A 12 11.54 -12.99 -4.40
N PRO A 13 11.56 -14.08 -3.61
CA PRO A 13 10.61 -15.20 -3.73
C PRO A 13 9.20 -14.81 -3.28
N THR A 14 8.20 -15.32 -3.99
CA THR A 14 6.82 -15.02 -3.66
C THR A 14 6.04 -16.29 -3.35
N ALA A 15 5.01 -16.15 -2.53
CA ALA A 15 4.17 -17.28 -2.15
C ALA A 15 2.75 -16.79 -1.91
N GLY A 16 1.79 -17.40 -2.59
CA GLY A 16 0.41 -17.01 -2.44
C GLY A 16 -0.11 -16.37 -3.69
N HIS A 17 -0.64 -15.16 -3.57
CA HIS A 17 -1.17 -14.44 -4.72
C HIS A 17 -0.81 -12.96 -4.65
N GLU A 18 0.43 -12.67 -4.94
CA GLU A 18 0.93 -11.30 -4.94
C GLU A 18 1.82 -11.07 -6.15
N GLN A 19 2.12 -9.81 -6.42
CA GLN A 19 2.96 -9.46 -7.56
C GLN A 19 4.37 -10.04 -7.40
N GLN A 20 4.83 -10.74 -8.43
CA GLN A 20 6.14 -11.37 -8.41
C GLN A 20 6.89 -11.03 -9.69
N GLY A 21 8.12 -11.52 -9.80
CA GLY A 21 8.91 -11.27 -10.99
C GLY A 21 9.77 -10.03 -10.90
N THR A 22 10.76 -9.97 -11.78
CA THR A 22 11.66 -8.83 -11.85
C THR A 22 11.03 -7.76 -12.73
N ARG A 23 10.47 -6.73 -12.10
CA ARG A 23 9.84 -5.65 -12.83
C ARG A 23 10.22 -4.30 -12.24
N PRO A 24 10.14 -3.24 -13.04
CA PRO A 24 10.46 -1.89 -12.59
C PRO A 24 9.37 -1.37 -11.66
N VAL A 25 9.77 -0.97 -10.47
CA VAL A 25 8.84 -0.44 -9.49
C VAL A 25 9.05 1.06 -9.31
N LEU A 26 7.95 1.80 -9.31
CA LEU A 26 8.02 3.25 -9.17
C LEU A 26 8.05 3.66 -7.69
N ILE A 27 9.09 4.40 -7.31
CA ILE A 27 9.24 4.86 -5.94
C ILE A 27 8.27 6.02 -5.68
N VAL A 28 7.32 5.79 -4.77
CA VAL A 28 6.32 6.82 -4.45
C VAL A 28 6.70 7.61 -3.20
N THR A 29 7.26 6.94 -2.20
CA THR A 29 7.62 7.61 -0.96
C THR A 29 8.92 8.40 -1.10
N PRO A 30 9.03 9.53 -0.37
CA PRO A 30 10.21 10.39 -0.40
C PRO A 30 11.45 9.70 0.17
N ALA A 31 12.62 10.16 -0.25
CA ALA A 31 13.89 9.59 0.20
C ALA A 31 14.02 9.54 1.72
N ALA A 32 13.46 10.54 2.40
CA ALA A 32 13.51 10.60 3.86
C ALA A 32 12.83 9.39 4.49
N PHE A 33 11.65 9.05 3.99
CA PHE A 33 10.89 7.91 4.50
C PHE A 33 11.60 6.61 4.18
N ASN A 34 12.13 6.53 2.97
CA ASN A 34 12.84 5.34 2.50
C ASN A 34 14.13 5.12 3.28
N ARG A 35 14.61 6.18 3.94
CA ARG A 35 15.84 6.09 4.72
C ARG A 35 15.57 5.67 6.15
N VAL A 36 14.53 6.22 6.76
CA VAL A 36 14.21 5.89 8.14
C VAL A 36 13.45 4.57 8.29
N THR A 37 12.46 4.35 7.44
CA THR A 37 11.67 3.13 7.50
C THR A 37 12.26 2.03 6.63
N ARG A 38 13.03 2.45 5.61
CA ARG A 38 13.67 1.51 4.68
C ARG A 38 12.63 0.73 3.87
N LEU A 39 11.39 1.21 3.86
CA LEU A 39 10.33 0.55 3.14
C LEU A 39 9.61 1.52 2.21
N PRO A 40 10.12 1.66 0.98
CA PRO A 40 9.51 2.55 -0.01
C PRO A 40 8.24 1.97 -0.61
N VAL A 41 7.19 2.78 -0.65
CA VAL A 41 5.94 2.36 -1.26
C VAL A 41 6.10 2.43 -2.76
N VAL A 42 5.97 1.29 -3.44
CA VAL A 42 6.16 1.26 -4.87
C VAL A 42 4.99 0.63 -5.61
N VAL A 43 4.93 0.91 -6.89
CA VAL A 43 3.92 0.36 -7.77
C VAL A 43 4.62 -0.32 -8.95
N PRO A 44 4.22 -1.57 -9.26
CA PRO A 44 4.85 -2.34 -10.33
C PRO A 44 4.44 -1.88 -11.73
N VAL A 45 5.40 -1.90 -12.64
CA VAL A 45 5.15 -1.53 -14.03
C VAL A 45 5.16 -2.78 -14.90
N THR A 46 4.00 -3.15 -15.41
CA THR A 46 3.88 -4.34 -16.24
C THR A 46 2.72 -4.18 -17.23
N SER A 47 2.92 -4.66 -18.45
CA SER A 47 1.90 -4.57 -19.47
C SER A 47 1.49 -5.96 -19.97
N GLY A 48 0.26 -6.06 -20.45
CA GLY A 48 -0.24 -7.31 -20.97
C GLY A 48 -1.49 -7.07 -21.79
N GLY A 49 -2.54 -6.63 -21.13
CA GLY A 49 -3.79 -6.34 -21.82
C GLY A 49 -3.81 -4.90 -22.28
N ASN A 50 -4.43 -4.65 -23.42
CA ASN A 50 -4.51 -3.30 -23.97
C ASN A 50 -5.60 -2.49 -23.29
N PHE A 51 -5.39 -2.20 -22.01
CA PHE A 51 -6.34 -1.42 -21.23
C PHE A 51 -5.66 -0.20 -20.64
N ALA A 52 -5.55 0.86 -21.43
CA ALA A 52 -4.91 2.09 -20.99
C ALA A 52 -5.97 3.07 -20.51
N ARG A 53 -5.83 3.50 -19.26
CA ARG A 53 -6.78 4.44 -18.67
C ARG A 53 -6.12 5.26 -17.57
N THR A 54 -5.80 6.51 -17.89
CA THR A 54 -5.16 7.42 -16.94
C THR A 54 -6.11 7.76 -15.80
N ALA A 55 -7.41 7.71 -16.09
CA ALA A 55 -8.43 8.00 -15.09
C ALA A 55 -8.79 6.73 -14.31
N GLY A 56 -7.98 5.71 -14.49
CA GLY A 56 -8.22 4.44 -13.82
C GLY A 56 -7.01 3.99 -13.03
N PHE A 57 -6.83 2.70 -12.91
CA PHE A 57 -5.70 2.15 -12.17
C PHE A 57 -4.67 1.53 -13.10
N ALA A 58 -4.79 1.85 -14.38
CA ALA A 58 -3.88 1.33 -15.39
C ALA A 58 -3.38 2.46 -16.28
N VAL A 59 -2.44 3.23 -15.76
CA VAL A 59 -1.88 4.35 -16.51
C VAL A 59 -0.75 3.90 -17.42
N SER A 60 -0.79 4.36 -18.66
CA SER A 60 0.22 4.01 -19.65
C SER A 60 1.40 4.98 -19.58
N LEU A 61 2.59 4.48 -19.89
CA LEU A 61 3.79 5.29 -19.86
C LEU A 61 4.04 5.89 -21.24
N ASP A 62 3.39 5.33 -22.24
CA ASP A 62 3.52 5.80 -23.62
C ASP A 62 2.84 7.15 -23.78
N GLY A 63 3.59 8.13 -24.26
CA GLY A 63 3.04 9.46 -24.46
C GLY A 63 4.01 10.53 -23.98
N VAL A 64 4.84 10.17 -23.01
CA VAL A 64 5.81 11.11 -22.45
C VAL A 64 7.18 10.91 -23.11
N GLY A 65 7.34 9.81 -23.84
CA GLY A 65 8.59 9.54 -24.51
C GLY A 65 9.70 9.10 -23.56
N ILE A 66 9.60 7.88 -23.05
CA ILE A 66 10.60 7.35 -22.14
C ILE A 66 11.19 6.04 -22.67
N ARG A 67 11.92 5.35 -21.82
CA ARG A 67 12.56 4.09 -22.19
C ARG A 67 11.76 2.92 -21.62
N THR A 68 11.36 3.07 -20.36
CA THR A 68 10.60 2.04 -19.67
C THR A 68 9.23 1.84 -20.31
N THR A 69 9.05 0.71 -20.97
CA THR A 69 7.79 0.40 -21.62
C THR A 69 6.97 -0.58 -20.79
N GLY A 70 5.72 -0.21 -20.53
CA GLY A 70 4.83 -1.04 -19.76
C GLY A 70 3.66 -0.23 -19.25
N VAL A 71 2.90 -0.79 -18.31
CA VAL A 71 1.76 -0.09 -17.74
C VAL A 71 1.92 -0.04 -16.22
N VAL A 72 1.72 1.13 -15.63
CA VAL A 72 1.86 1.28 -14.19
C VAL A 72 0.63 0.76 -13.47
N ARG A 73 0.82 -0.27 -12.64
CA ARG A 73 -0.28 -0.86 -11.90
C ARG A 73 -0.55 -0.06 -10.64
N CYS A 74 -1.60 0.75 -10.66
CA CYS A 74 -1.94 1.58 -9.51
C CYS A 74 -2.88 0.85 -8.57
N ASP A 75 -3.18 -0.39 -8.91
CA ASP A 75 -4.08 -1.22 -8.12
C ASP A 75 -3.31 -2.00 -7.06
N GLN A 76 -2.00 -2.10 -7.21
CA GLN A 76 -1.19 -2.85 -6.26
C GLN A 76 -0.04 -2.04 -5.66
N PRO A 77 -0.34 -1.08 -4.77
CA PRO A 77 0.66 -0.27 -4.09
C PRO A 77 1.08 -0.93 -2.79
N ARG A 78 2.34 -1.34 -2.69
CA ARG A 78 2.82 -2.00 -1.49
C ARG A 78 4.22 -1.52 -1.10
N THR A 79 4.60 -1.83 0.12
CA THR A 79 5.91 -1.48 0.64
C THR A 79 6.84 -2.68 0.47
N ILE A 80 8.04 -2.44 -0.04
CA ILE A 80 9.00 -3.53 -0.23
C ILE A 80 10.38 -3.15 0.31
N ASP A 81 11.11 -4.14 0.78
CA ASP A 81 12.44 -3.90 1.30
C ASP A 81 13.44 -3.84 0.16
N MET A 82 13.84 -2.64 -0.21
CA MET A 82 14.80 -2.47 -1.29
C MET A 82 16.24 -2.48 -0.77
N LYS A 83 16.40 -2.44 0.54
CA LYS A 83 17.72 -2.42 1.14
C LYS A 83 18.32 -3.82 1.19
N ALA A 84 17.51 -4.81 1.51
CA ALA A 84 17.97 -6.19 1.58
C ALA A 84 18.06 -6.81 0.19
N ARG A 85 17.25 -6.30 -0.74
CA ARG A 85 17.23 -6.82 -2.10
C ARG A 85 18.32 -6.20 -2.97
N GLY A 86 18.28 -4.89 -3.13
CA GLY A 86 19.26 -4.20 -3.95
C GLY A 86 18.91 -4.29 -5.43
N GLY A 87 18.52 -3.17 -6.01
CA GLY A 87 18.14 -3.15 -7.41
C GLY A 87 18.86 -2.07 -8.20
N LYS A 88 18.41 -1.83 -9.43
CA LYS A 88 19.01 -0.82 -10.29
C LYS A 88 17.92 0.06 -10.89
N ARG A 89 18.16 1.36 -10.96
CA ARG A 89 17.18 2.29 -11.51
C ARG A 89 17.31 2.40 -13.02
N LEU A 90 16.17 2.45 -13.69
CA LEU A 90 16.15 2.58 -15.15
C LEU A 90 16.16 4.06 -15.51
N GLU A 91 15.20 4.79 -14.97
CA GLU A 91 15.05 6.21 -15.21
C GLU A 91 13.99 6.77 -14.26
N ARG A 92 13.43 7.93 -14.58
CA ARG A 92 12.40 8.52 -13.75
C ARG A 92 11.24 9.03 -14.62
N VAL A 93 10.05 9.02 -14.07
CA VAL A 93 8.87 9.47 -14.80
C VAL A 93 8.52 10.91 -14.44
N PRO A 94 7.75 11.60 -15.29
CA PRO A 94 7.31 12.98 -15.06
C PRO A 94 6.40 13.07 -13.84
N GLU A 95 6.35 14.25 -13.23
CA GLU A 95 5.53 14.48 -12.06
C GLU A 95 4.06 14.31 -12.38
N THR A 96 3.71 14.54 -13.64
CA THR A 96 2.34 14.41 -14.11
C THR A 96 1.84 12.97 -13.89
N ILE A 97 2.73 12.02 -14.10
CA ILE A 97 2.37 10.61 -13.92
C ILE A 97 2.17 10.31 -12.44
N MET A 98 3.07 10.83 -11.60
CA MET A 98 2.99 10.62 -10.16
C MET A 98 1.72 11.25 -9.61
N ASN A 99 1.45 12.49 -10.02
CA ASN A 99 0.26 13.22 -9.59
C ASN A 99 -1.01 12.48 -10.00
N GLU A 100 -0.97 11.88 -11.18
CA GLU A 100 -2.11 11.14 -11.70
C GLU A 100 -2.43 9.95 -10.80
N VAL A 101 -1.39 9.19 -10.46
CA VAL A 101 -1.56 8.03 -9.59
C VAL A 101 -2.09 8.45 -8.22
N LEU A 102 -1.49 9.51 -7.66
CA LEU A 102 -1.91 10.02 -6.37
C LEU A 102 -3.38 10.45 -6.40
N GLY A 103 -3.78 11.05 -7.51
CA GLY A 103 -5.16 11.48 -7.67
C GLY A 103 -6.11 10.31 -7.64
N ARG A 104 -5.75 9.23 -8.32
CA ARG A 104 -6.58 8.03 -8.36
C ARG A 104 -6.67 7.41 -6.97
N LEU A 105 -5.56 7.44 -6.23
CA LEU A 105 -5.50 6.88 -4.89
C LEU A 105 -6.37 7.66 -3.91
N SER A 106 -6.61 8.93 -4.22
CA SER A 106 -7.43 9.79 -3.36
C SER A 106 -8.90 9.39 -3.44
N THR A 107 -9.23 8.55 -4.40
CA THR A 107 -10.60 8.11 -4.60
C THR A 107 -10.90 6.79 -3.88
N ILE A 108 -9.86 6.09 -3.44
CA ILE A 108 -10.06 4.80 -2.78
C ILE A 108 -9.98 4.89 -1.27
N LEU A 109 -9.71 6.08 -0.76
CA LEU A 109 -9.61 6.29 0.68
C LEU A 109 -11.00 6.44 1.30
N THR A 110 -11.73 5.33 1.39
CA THR A 110 -13.08 5.36 1.95
C THR A 110 -13.40 4.08 2.71
N MET B 1 -13.52 2.97 1.95
CA MET B 1 -13.85 1.67 2.53
C MET B 1 -15.25 1.69 3.15
N GLU B 2 -15.65 0.58 3.75
CA GLU B 2 -16.95 0.50 4.40
C GLU B 2 -16.86 1.21 5.74
N ARG B 3 -15.64 1.26 6.28
CA ARG B 3 -15.36 1.88 7.57
C ARG B 3 -15.88 1.04 8.72
N GLY B 4 -15.12 1.01 9.81
CA GLY B 4 -15.53 0.27 10.98
C GLY B 4 -15.10 -1.19 10.94
N GLU B 5 -15.39 -1.87 9.83
CA GLU B 5 -15.06 -3.28 9.66
C GLU B 5 -13.57 -3.56 9.82
N ILE B 6 -13.21 -4.19 10.93
CA ILE B 6 -11.82 -4.56 11.21
C ILE B 6 -11.60 -6.03 10.86
N TRP B 7 -10.59 -6.30 10.04
CA TRP B 7 -10.30 -7.66 9.61
C TRP B 7 -9.04 -8.20 10.28
N LEU B 8 -8.82 -9.49 10.13
CA LEU B 8 -7.67 -10.17 10.70
C LEU B 8 -7.14 -11.22 9.73
N VAL B 9 -5.83 -11.21 9.51
CA VAL B 9 -5.20 -12.16 8.61
C VAL B 9 -3.69 -12.08 8.77
N SER B 10 -2.97 -13.07 8.25
CA SER B 10 -1.52 -13.08 8.33
C SER B 10 -0.94 -12.35 7.13
N LEU B 11 0.10 -11.57 7.37
CA LEU B 11 0.75 -10.82 6.31
C LEU B 11 1.83 -11.67 5.66
N ASP B 12 2.23 -12.74 6.35
CA ASP B 12 3.26 -13.64 5.85
C ASP B 12 2.74 -14.52 4.72
N PRO B 13 3.63 -15.13 3.92
CA PRO B 13 5.07 -15.00 4.09
C PRO B 13 5.65 -13.71 3.51
N THR B 14 6.53 -13.08 4.29
CA THR B 14 7.19 -11.84 3.88
C THR B 14 8.66 -11.90 4.27
N ALA B 15 9.45 -10.93 3.81
CA ALA B 15 10.87 -10.91 4.11
C ALA B 15 11.34 -9.47 4.29
N GLY B 16 12.53 -9.32 4.86
CA GLY B 16 13.09 -7.99 5.07
C GLY B 16 12.42 -7.26 6.23
N HIS B 17 12.31 -5.96 6.09
CA HIS B 17 11.68 -5.13 7.12
C HIS B 17 10.19 -4.99 6.84
N GLU B 18 9.74 -5.60 5.75
CA GLU B 18 8.33 -5.54 5.34
C GLU B 18 7.40 -6.11 6.43
N GLN B 19 6.16 -5.64 6.40
CA GLN B 19 5.15 -6.07 7.37
C GLN B 19 4.90 -7.57 7.27
N GLN B 20 5.00 -8.24 8.41
CA GLN B 20 4.79 -9.68 8.46
C GLN B 20 4.05 -10.06 9.75
N GLY B 21 3.87 -11.37 9.96
CA GLY B 21 3.18 -11.83 11.16
C GLY B 21 1.67 -11.82 11.00
N THR B 22 0.98 -12.33 12.00
CA THR B 22 -0.47 -12.36 11.98
C THR B 22 -1.02 -11.31 12.94
N ARG B 23 -1.50 -10.21 12.38
CA ARG B 23 -2.05 -9.13 13.18
C ARG B 23 -3.26 -8.53 12.50
N PRO B 24 -4.15 -7.86 13.26
CA PRO B 24 -5.35 -7.23 12.70
C PRO B 24 -5.00 -6.26 11.58
N VAL B 25 -5.83 -6.25 10.55
CA VAL B 25 -5.61 -5.38 9.40
C VAL B 25 -6.88 -4.62 9.02
N LEU B 26 -6.73 -3.32 8.84
CA LEU B 26 -7.84 -2.47 8.45
C LEU B 26 -7.77 -2.17 6.97
N ILE B 27 -8.82 -2.48 6.24
CA ILE B 27 -8.86 -2.24 4.81
C ILE B 27 -9.16 -0.77 4.52
N VAL B 28 -8.45 -0.21 3.55
CA VAL B 28 -8.63 1.18 3.17
C VAL B 28 -9.52 1.30 1.94
N THR B 29 -9.40 0.35 1.03
CA THR B 29 -10.18 0.35 -0.20
C THR B 29 -11.62 -0.09 0.05
N PRO B 30 -12.59 0.56 -0.63
CA PRO B 30 -14.01 0.23 -0.49
C PRO B 30 -14.39 -1.02 -1.28
N ALA B 31 -15.51 -1.64 -0.91
CA ALA B 31 -16.01 -2.84 -1.58
C ALA B 31 -16.17 -2.62 -3.08
N ALA B 32 -16.47 -1.39 -3.47
CA ALA B 32 -16.65 -1.05 -4.88
C ALA B 32 -15.41 -1.43 -5.69
N PHE B 33 -14.24 -1.18 -5.13
CA PHE B 33 -12.98 -1.49 -5.78
C PHE B 33 -12.54 -2.91 -5.44
N ASN B 34 -12.77 -3.31 -4.20
CA ASN B 34 -12.39 -4.64 -3.72
C ASN B 34 -13.10 -5.76 -4.48
N ARG B 35 -14.18 -5.42 -5.18
CA ARG B 35 -14.93 -6.41 -5.94
C ARG B 35 -14.38 -6.56 -7.35
N VAL B 36 -13.76 -5.51 -7.87
CA VAL B 36 -13.22 -5.53 -9.23
C VAL B 36 -11.85 -6.22 -9.27
N THR B 37 -10.88 -5.65 -8.58
CA THR B 37 -9.54 -6.20 -8.56
C THR B 37 -9.43 -7.38 -7.58
N ARG B 38 -10.28 -7.34 -6.55
CA ARG B 38 -10.31 -8.39 -5.52
C ARG B 38 -9.06 -8.35 -4.63
N LEU B 39 -8.26 -7.31 -4.81
CA LEU B 39 -7.03 -7.15 -4.04
C LEU B 39 -7.09 -5.83 -3.27
N PRO B 40 -7.46 -5.88 -1.98
CA PRO B 40 -7.56 -4.71 -1.14
C PRO B 40 -6.27 -4.37 -0.40
N VAL B 41 -6.11 -3.11 -0.05
CA VAL B 41 -4.94 -2.66 0.70
C VAL B 41 -5.26 -2.65 2.18
N VAL B 42 -4.46 -3.34 2.96
CA VAL B 42 -4.70 -3.43 4.40
C VAL B 42 -3.65 -2.70 5.22
N VAL B 43 -4.10 -2.16 6.34
CA VAL B 43 -3.25 -1.44 7.27
C VAL B 43 -3.11 -2.27 8.54
N PRO B 44 -1.88 -2.68 8.87
CA PRO B 44 -1.61 -3.51 10.06
C PRO B 44 -1.70 -2.72 11.37
N VAL B 45 -2.22 -3.36 12.39
CA VAL B 45 -2.35 -2.73 13.71
C VAL B 45 -1.16 -3.12 14.58
N THR B 46 -0.37 -2.13 14.96
CA THR B 46 0.80 -2.36 15.79
C THR B 46 0.47 -2.07 17.26
N SER B 47 1.07 -2.84 18.16
CA SER B 47 0.85 -2.65 19.57
C SER B 47 1.94 -1.78 20.18
N GLY B 48 1.61 -0.51 20.42
CA GLY B 48 2.57 0.41 21.00
C GLY B 48 2.68 0.27 22.51
N GLY B 49 3.23 -0.87 22.93
CA GLY B 49 3.39 -1.14 24.34
C GLY B 49 2.13 -1.71 24.94
N ASN B 50 1.49 -0.93 25.81
CA ASN B 50 0.26 -1.36 26.46
C ASN B 50 -0.84 -0.32 26.28
N PHE B 51 -0.52 0.93 26.60
CA PHE B 51 -1.47 2.01 26.45
C PHE B 51 -1.22 2.76 25.14
N ALA B 52 -2.04 2.45 24.14
CA ALA B 52 -1.91 3.05 22.84
C ALA B 52 -2.37 4.50 22.85
N ARG B 53 -1.57 5.38 22.24
CA ARG B 53 -1.89 6.79 22.17
C ARG B 53 -1.88 7.26 20.72
N THR B 54 -2.50 8.39 20.45
CA THR B 54 -2.57 8.94 19.11
C THR B 54 -1.23 9.53 18.68
N ALA B 55 -0.68 8.99 17.60
CA ALA B 55 0.59 9.46 17.07
C ALA B 55 0.39 10.22 15.76
N GLY B 56 1.45 10.36 14.98
CA GLY B 56 1.37 11.07 13.72
C GLY B 56 0.50 10.35 12.69
N PHE B 57 0.89 9.14 12.34
CA PHE B 57 0.12 8.35 11.37
C PHE B 57 -0.44 7.11 12.04
N ALA B 58 -0.16 6.97 13.33
CA ALA B 58 -0.64 5.84 14.10
C ALA B 58 -1.87 6.22 14.92
N VAL B 59 -3.03 5.75 14.48
CA VAL B 59 -4.28 6.03 15.16
C VAL B 59 -4.53 4.99 16.24
N SER B 60 -4.82 5.46 17.45
CA SER B 60 -5.06 4.57 18.57
C SER B 60 -6.51 4.11 18.61
N LEU B 61 -6.70 2.83 18.90
CA LEU B 61 -8.04 2.26 19.00
C LEU B 61 -8.34 2.01 20.48
N ASP B 62 -7.43 2.47 21.34
CA ASP B 62 -7.58 2.30 22.77
C ASP B 62 -8.08 3.60 23.42
N GLY B 63 -8.89 3.44 24.45
CA GLY B 63 -9.44 4.59 25.16
C GLY B 63 -10.94 4.69 25.01
N VAL B 64 -11.46 4.09 23.95
CA VAL B 64 -12.90 4.11 23.69
C VAL B 64 -13.57 2.80 24.13
N GLY B 65 -12.78 1.74 24.25
CA GLY B 65 -13.31 0.46 24.67
C GLY B 65 -13.42 -0.53 23.53
N ILE B 66 -12.32 -0.71 22.80
CA ILE B 66 -12.29 -1.63 21.68
C ILE B 66 -11.43 -2.83 22.03
N ARG B 67 -11.79 -4.00 21.50
CA ARG B 67 -11.05 -5.22 21.77
C ARG B 67 -9.65 -5.13 21.19
N THR B 68 -9.56 -4.73 19.94
CA THR B 68 -8.28 -4.56 19.26
C THR B 68 -7.52 -3.38 19.88
N THR B 69 -6.56 -3.69 20.73
CA THR B 69 -5.77 -2.67 21.39
C THR B 69 -4.46 -2.40 20.66
N GLY B 70 -4.34 -1.20 20.10
CA GLY B 70 -3.13 -0.86 19.39
C GLY B 70 -3.31 0.37 18.51
N VAL B 71 -2.30 0.64 17.69
CA VAL B 71 -2.31 1.77 16.77
C VAL B 71 -2.13 1.30 15.34
N VAL B 72 -2.94 1.81 14.43
CA VAL B 72 -2.85 1.42 13.02
C VAL B 72 -1.77 2.20 12.29
N ARG B 73 -1.01 1.51 11.45
CA ARG B 73 0.06 2.14 10.69
C ARG B 73 -0.46 2.55 9.30
N CYS B 74 -1.06 3.72 9.23
CA CYS B 74 -1.62 4.23 7.97
C CYS B 74 -0.52 4.55 6.96
N ASP B 75 0.73 4.52 7.42
CA ASP B 75 1.87 4.82 6.57
C ASP B 75 2.44 3.56 5.92
N GLN B 76 1.87 2.41 6.24
CA GLN B 76 2.36 1.14 5.69
C GLN B 76 1.23 0.32 5.06
N PRO B 77 0.88 0.63 3.81
CA PRO B 77 -0.18 -0.08 3.07
C PRO B 77 0.37 -1.26 2.26
N ARG B 78 -0.40 -2.33 2.17
CA ARG B 78 0.01 -3.51 1.42
C ARG B 78 -1.19 -4.21 0.82
N THR B 79 -1.10 -4.53 -0.47
CA THR B 79 -2.17 -5.23 -1.19
C THR B 79 -1.98 -6.74 -1.02
N ILE B 80 -3.03 -7.42 -0.56
CA ILE B 80 -2.96 -8.87 -0.36
C ILE B 80 -4.25 -9.55 -0.78
N ASP B 81 -4.15 -10.80 -1.20
CA ASP B 81 -5.32 -11.56 -1.61
C ASP B 81 -6.03 -12.11 -0.38
N MET B 82 -7.11 -11.44 0.01
CA MET B 82 -7.88 -11.83 1.20
C MET B 82 -8.59 -13.18 1.01
N LYS B 83 -8.71 -13.63 -0.22
CA LYS B 83 -9.39 -14.89 -0.51
C LYS B 83 -8.46 -16.08 -0.25
N ALA B 84 -7.29 -16.04 -0.88
CA ALA B 84 -6.32 -17.11 -0.72
C ALA B 84 -5.74 -17.14 0.69
N ARG B 85 -5.72 -15.98 1.35
CA ARG B 85 -5.20 -15.88 2.70
C ARG B 85 -6.26 -16.21 3.73
N GLY B 86 -7.51 -16.30 3.28
CA GLY B 86 -8.61 -16.62 4.18
C GLY B 86 -8.79 -15.59 5.28
N GLY B 87 -8.99 -14.34 4.88
CA GLY B 87 -9.17 -13.27 5.86
C GLY B 87 -10.44 -13.42 6.67
N LYS B 88 -10.40 -12.96 7.91
CA LYS B 88 -11.56 -13.03 8.79
C LYS B 88 -11.88 -11.67 9.37
N ARG B 89 -13.07 -11.52 9.93
CA ARG B 89 -13.51 -10.26 10.51
C ARG B 89 -13.47 -10.35 12.03
N LEU B 90 -12.98 -9.29 12.67
CA LEU B 90 -12.89 -9.25 14.12
C LEU B 90 -14.05 -8.47 14.74
N GLU B 91 -14.07 -7.17 14.53
CA GLU B 91 -15.10 -6.31 15.08
C GLU B 91 -15.29 -5.06 14.22
N ARG B 92 -16.08 -4.12 14.72
CA ARG B 92 -16.32 -2.87 14.01
C ARG B 92 -16.05 -1.67 14.91
N VAL B 93 -15.11 -0.84 14.50
CA VAL B 93 -14.76 0.37 15.23
C VAL B 93 -15.71 1.50 14.84
N PRO B 94 -16.22 2.27 15.84
CA PRO B 94 -17.14 3.39 15.59
C PRO B 94 -16.63 4.38 14.54
N GLU B 95 -17.55 4.95 13.78
CA GLU B 95 -17.23 5.91 12.73
C GLU B 95 -16.45 7.10 13.29
N THR B 96 -16.69 7.43 14.55
CA THR B 96 -16.01 8.53 15.23
C THR B 96 -14.49 8.36 15.20
N ILE B 97 -14.04 7.12 15.38
CA ILE B 97 -12.61 6.82 15.38
C ILE B 97 -12.11 6.74 13.94
N MET B 98 -13.01 6.34 13.03
CA MET B 98 -12.69 6.22 11.62
C MET B 98 -12.32 7.58 11.04
N ASN B 99 -12.94 8.63 11.58
CA ASN B 99 -12.68 10.00 11.14
C ASN B 99 -11.21 10.35 11.35
N GLU B 100 -10.69 9.93 12.50
CA GLU B 100 -9.29 10.18 12.83
C GLU B 100 -8.37 9.47 11.84
N VAL B 101 -8.70 8.22 11.54
CA VAL B 101 -7.94 7.41 10.59
C VAL B 101 -7.96 8.03 9.20
N LEU B 102 -9.17 8.35 8.72
CA LEU B 102 -9.34 8.95 7.40
C LEU B 102 -8.51 10.22 7.24
N GLY B 103 -8.44 11.01 8.31
CA GLY B 103 -7.66 12.23 8.27
C GLY B 103 -6.19 11.94 8.04
N ARG B 104 -5.68 10.95 8.75
CA ARG B 104 -4.27 10.56 8.64
C ARG B 104 -4.00 9.93 7.27
N LEU B 105 -5.00 9.23 6.75
CA LEU B 105 -4.89 8.59 5.44
C LEU B 105 -4.73 9.62 4.34
N SER B 106 -5.20 10.83 4.59
CA SER B 106 -5.10 11.91 3.63
C SER B 106 -3.75 12.62 3.74
N THR B 107 -3.13 12.53 4.92
CA THR B 107 -1.85 13.17 5.15
C THR B 107 -0.70 12.44 4.45
N ILE B 108 -0.84 11.14 4.25
CA ILE B 108 0.20 10.36 3.60
C ILE B 108 0.36 10.71 2.12
N LEU B 109 -0.66 11.32 1.54
CA LEU B 109 -0.63 11.70 0.13
C LEU B 109 0.07 13.04 -0.07
N THR B 110 1.33 13.11 0.34
CA THR B 110 2.10 14.32 0.20
C THR B 110 3.54 13.97 -0.17
#